data_2DNR
#
_entry.id   2DNR
#
_entity_poly.entity_id   1
_entity_poly.type   'polypeptide(L)'
_entity_poly.pdbx_seq_one_letter_code
;GSSGSSGGTVLVSIKSSLPENNFFDDALIDELLQQFASFGEVILIRFVEDKMWVTFLEGSSALNVLSLNGKELLNRTITI
ALKSPSGPSSG
;
_entity_poly.pdbx_strand_id   A
#
# COMPACT_ATOMS: atom_id res chain seq x y z
N GLY A 1 -14.71 1.44 4.16
CA GLY A 1 -15.43 1.01 5.33
C GLY A 1 -15.47 -0.50 5.46
N SER A 2 -14.43 -1.07 6.08
CA SER A 2 -14.34 -2.51 6.25
C SER A 2 -13.62 -2.86 7.55
N SER A 3 -14.31 -3.56 8.45
CA SER A 3 -13.73 -3.95 9.73
C SER A 3 -13.55 -5.46 9.80
N GLY A 4 -12.40 -5.88 10.33
CA GLY A 4 -12.11 -7.30 10.45
C GLY A 4 -11.25 -7.81 9.32
N SER A 5 -10.02 -8.22 9.64
CA SER A 5 -9.10 -8.73 8.64
C SER A 5 -7.83 -9.24 9.30
N SER A 6 -7.61 -10.55 9.22
CA SER A 6 -6.43 -11.18 9.81
C SER A 6 -5.23 -11.05 8.87
N GLY A 7 -4.51 -9.94 8.99
CA GLY A 7 -3.35 -9.72 8.15
C GLY A 7 -2.90 -8.27 8.15
N GLY A 8 -2.76 -7.70 6.96
CA GLY A 8 -2.33 -6.31 6.85
C GLY A 8 -1.78 -5.98 5.48
N THR A 9 -2.45 -6.46 4.43
CA THR A 9 -2.02 -6.22 3.07
C THR A 9 -2.77 -5.04 2.45
N VAL A 10 -2.03 -4.02 2.06
CA VAL A 10 -2.63 -2.83 1.45
C VAL A 10 -2.17 -2.66 0.01
N LEU A 11 -3.08 -2.22 -0.84
CA LEU A 11 -2.76 -2.01 -2.26
C LEU A 11 -2.27 -0.58 -2.51
N VAL A 12 -1.25 -0.46 -3.35
CA VAL A 12 -0.70 0.85 -3.67
C VAL A 12 -0.36 0.95 -5.16
N SER A 13 -0.91 1.98 -5.81
CA SER A 13 -0.68 2.20 -7.23
C SER A 13 -0.16 3.61 -7.49
N ILE A 14 0.55 3.77 -8.60
CA ILE A 14 1.10 5.08 -8.96
C ILE A 14 0.57 5.54 -10.31
N LYS A 15 0.10 6.79 -10.37
CA LYS A 15 -0.43 7.35 -11.61
C LYS A 15 0.69 7.79 -12.53
N SER A 16 0.75 7.20 -13.72
CA SER A 16 1.78 7.53 -14.69
C SER A 16 1.17 7.74 -16.08
N SER A 17 2.01 8.07 -17.05
CA SER A 17 1.56 8.31 -18.41
C SER A 17 1.85 7.09 -19.29
N LEU A 18 3.08 6.59 -19.22
CA LEU A 18 3.49 5.44 -20.01
C LEU A 18 3.14 4.14 -19.29
N PRO A 19 2.91 3.08 -20.07
CA PRO A 19 2.56 1.76 -19.53
C PRO A 19 3.78 1.02 -18.97
N GLU A 20 4.97 1.50 -19.34
CA GLU A 20 6.21 0.88 -18.89
C GLU A 20 6.79 1.64 -17.69
N ASN A 21 5.98 2.54 -17.13
CA ASN A 21 6.41 3.34 -15.99
C ASN A 21 5.67 2.91 -14.73
N ASN A 22 4.50 2.29 -14.91
CA ASN A 22 3.70 1.83 -13.79
C ASN A 22 4.55 1.06 -12.79
N PHE A 23 5.68 0.53 -13.25
CA PHE A 23 6.58 -0.24 -12.40
C PHE A 23 7.22 0.67 -11.36
N PHE A 24 7.31 0.17 -10.12
CA PHE A 24 7.91 0.93 -9.03
C PHE A 24 9.43 0.76 -9.03
N ASP A 25 10.14 1.87 -8.92
CA ASP A 25 11.60 1.85 -8.90
C ASP A 25 12.12 1.90 -7.47
N ASP A 26 13.44 1.94 -7.32
CA ASP A 26 14.08 1.98 -6.01
C ASP A 26 13.67 3.25 -5.26
N ALA A 27 13.52 4.34 -6.00
CA ALA A 27 13.13 5.62 -5.40
C ALA A 27 11.70 5.56 -4.88
N LEU A 28 10.76 5.25 -5.76
CA LEU A 28 9.35 5.16 -5.38
C LEU A 28 9.17 4.30 -4.13
N ILE A 29 9.81 3.14 -4.13
CA ILE A 29 9.72 2.22 -3.00
C ILE A 29 10.46 2.78 -1.78
N ASP A 30 11.77 2.90 -1.90
CA ASP A 30 12.60 3.42 -0.81
C ASP A 30 11.89 4.57 -0.10
N GLU A 31 11.48 5.57 -0.88
CA GLU A 31 10.79 6.73 -0.32
C GLU A 31 9.52 6.31 0.42
N LEU A 32 8.69 5.52 -0.24
CA LEU A 32 7.45 5.05 0.37
C LEU A 32 7.70 4.48 1.76
N LEU A 33 8.61 3.52 1.84
CA LEU A 33 8.95 2.90 3.12
C LEU A 33 8.87 3.91 4.25
N GLN A 34 9.67 4.97 4.14
CA GLN A 34 9.69 6.02 5.17
C GLN A 34 8.30 6.56 5.42
N GLN A 35 7.61 6.95 4.34
CA GLN A 35 6.26 7.49 4.44
C GLN A 35 5.36 6.57 5.27
N PHE A 36 5.50 5.27 5.05
CA PHE A 36 4.70 4.28 5.77
C PHE A 36 5.14 4.20 7.23
N ALA A 37 6.43 4.41 7.47
CA ALA A 37 6.98 4.36 8.82
C ALA A 37 6.28 5.35 9.74
N SER A 38 5.98 6.54 9.20
CA SER A 38 5.31 7.58 9.97
C SER A 38 4.14 7.00 10.78
N PHE A 39 3.59 5.89 10.29
CA PHE A 39 2.47 5.24 10.96
C PHE A 39 2.83 3.80 11.34
N GLY A 40 3.07 2.97 10.34
CA GLY A 40 3.42 1.58 10.59
C GLY A 40 4.77 1.21 10.01
N GLU A 41 5.49 0.33 10.71
CA GLU A 41 6.81 -0.09 10.25
C GLU A 41 6.69 -1.27 9.28
N VAL A 42 6.73 -0.96 7.99
CA VAL A 42 6.63 -1.98 6.95
C VAL A 42 7.53 -3.18 7.27
N ILE A 43 7.08 -4.37 6.91
CA ILE A 43 7.85 -5.59 7.15
C ILE A 43 8.03 -6.39 5.86
N LEU A 44 6.96 -6.49 5.09
CA LEU A 44 7.00 -7.23 3.82
C LEU A 44 6.34 -6.43 2.70
N ILE A 45 6.88 -6.57 1.50
CA ILE A 45 6.33 -5.87 0.34
C ILE A 45 6.18 -6.81 -0.85
N ARG A 46 4.96 -6.87 -1.39
CA ARG A 46 4.68 -7.73 -2.54
C ARG A 46 4.30 -6.90 -3.76
N PHE A 47 5.03 -7.11 -4.85
CA PHE A 47 4.76 -6.37 -6.09
C PHE A 47 3.77 -7.13 -6.97
N VAL A 48 2.66 -6.47 -7.30
CA VAL A 48 1.64 -7.08 -8.14
C VAL A 48 1.89 -6.79 -9.61
N GLU A 49 1.35 -7.65 -10.48
CA GLU A 49 1.51 -7.48 -11.92
C GLU A 49 1.56 -6.00 -12.30
N ASP A 50 0.55 -5.26 -11.84
CA ASP A 50 0.47 -3.83 -12.13
C ASP A 50 0.36 -3.02 -10.85
N LYS A 51 -0.17 -3.65 -9.80
CA LYS A 51 -0.34 -2.99 -8.51
C LYS A 51 0.83 -3.32 -7.58
N MET A 52 0.86 -2.65 -6.43
CA MET A 52 1.92 -2.87 -5.45
C MET A 52 1.34 -3.03 -4.05
N TRP A 53 1.42 -4.25 -3.52
CA TRP A 53 0.91 -4.53 -2.18
C TRP A 53 1.98 -4.33 -1.12
N VAL A 54 1.57 -3.92 0.07
CA VAL A 54 2.49 -3.69 1.17
C VAL A 54 1.95 -4.24 2.48
N THR A 55 2.73 -5.09 3.13
CA THR A 55 2.32 -5.70 4.40
C THR A 55 2.83 -4.88 5.58
N PHE A 56 2.10 -4.92 6.68
CA PHE A 56 2.47 -4.20 7.88
C PHE A 56 2.47 -5.11 9.10
N LEU A 57 3.19 -4.70 10.14
CA LEU A 57 3.28 -5.50 11.37
C LEU A 57 1.91 -6.07 11.74
N GLU A 58 0.91 -5.21 11.82
CA GLU A 58 -0.43 -5.64 12.16
C GLU A 58 -1.47 -4.99 11.23
N GLY A 59 -2.69 -5.50 11.28
CA GLY A 59 -3.75 -4.96 10.44
C GLY A 59 -4.09 -3.52 10.78
N SER A 60 -4.27 -3.24 12.07
CA SER A 60 -4.60 -1.90 12.52
C SER A 60 -3.65 -0.88 11.92
N SER A 61 -2.36 -1.19 11.92
CA SER A 61 -1.35 -0.30 11.37
C SER A 61 -1.66 0.05 9.92
N ALA A 62 -2.18 -0.92 9.17
CA ALA A 62 -2.53 -0.72 7.77
C ALA A 62 -3.72 0.22 7.64
N LEU A 63 -4.42 0.45 8.74
CA LEU A 63 -5.59 1.32 8.75
C LEU A 63 -5.20 2.77 8.96
N ASN A 64 -4.04 2.97 9.60
CA ASN A 64 -3.54 4.32 9.87
C ASN A 64 -2.81 4.88 8.65
N VAL A 65 -2.07 4.01 7.97
CA VAL A 65 -1.32 4.43 6.79
C VAL A 65 -2.25 4.94 5.70
N LEU A 66 -3.52 4.60 5.81
CA LEU A 66 -4.52 5.04 4.83
C LEU A 66 -4.47 6.55 4.65
N SER A 67 -3.87 7.24 5.61
CA SER A 67 -3.77 8.70 5.56
C SER A 67 -2.97 9.14 4.33
N LEU A 68 -2.30 8.18 3.70
CA LEU A 68 -1.50 8.47 2.51
C LEU A 68 -2.28 8.17 1.24
N ASN A 69 -3.58 7.96 1.38
CA ASN A 69 -4.44 7.66 0.24
C ASN A 69 -4.52 8.86 -0.70
N GLY A 70 -3.86 8.74 -1.86
CA GLY A 70 -3.88 9.81 -2.83
C GLY A 70 -2.62 10.65 -2.78
N LYS A 71 -1.98 10.69 -1.62
CA LYS A 71 -0.75 11.46 -1.44
C LYS A 71 0.15 11.33 -2.67
N GLU A 72 0.59 12.47 -3.19
CA GLU A 72 1.47 12.47 -4.37
C GLU A 72 2.93 12.51 -3.95
N LEU A 73 3.72 11.60 -4.53
CA LEU A 73 5.15 11.53 -4.22
C LEU A 73 5.97 11.35 -5.48
N LEU A 74 7.17 11.93 -5.50
CA LEU A 74 8.05 11.84 -6.65
C LEU A 74 7.29 12.08 -7.94
N ASN A 75 6.56 13.19 -8.00
CA ASN A 75 5.78 13.54 -9.18
C ASN A 75 4.94 12.35 -9.65
N ARG A 76 4.50 11.53 -8.70
CA ARG A 76 3.69 10.37 -9.01
C ARG A 76 2.56 10.20 -7.99
N THR A 77 1.33 10.41 -8.44
CA THR A 77 0.17 10.28 -7.56
C THR A 77 -0.02 8.84 -7.10
N ILE A 78 0.09 8.62 -5.80
CA ILE A 78 -0.07 7.29 -5.23
C ILE A 78 -1.48 7.09 -4.68
N THR A 79 -2.05 5.92 -4.95
CA THR A 79 -3.40 5.62 -4.48
C THR A 79 -3.40 4.35 -3.63
N ILE A 80 -3.63 4.52 -2.33
CA ILE A 80 -3.67 3.40 -1.40
C ILE A 80 -5.10 2.89 -1.20
N ALA A 81 -5.24 1.57 -1.07
CA ALA A 81 -6.55 0.97 -0.87
C ALA A 81 -6.42 -0.40 -0.21
N LEU A 82 -7.24 -0.64 0.81
CA LEU A 82 -7.22 -1.91 1.53
C LEU A 82 -7.69 -3.06 0.63
N LYS A 83 -7.30 -4.27 0.98
CA LYS A 83 -7.69 -5.45 0.21
C LYS A 83 -9.03 -6.01 0.70
N SER A 84 -10.12 -5.53 0.10
CA SER A 84 -11.45 -5.97 0.48
C SER A 84 -11.60 -7.48 0.27
N PRO A 85 -12.35 -8.13 1.18
CA PRO A 85 -12.59 -9.57 1.12
C PRO A 85 -13.65 -9.94 0.09
N SER A 86 -13.23 -10.66 -0.94
CA SER A 86 -14.14 -11.09 -1.99
C SER A 86 -15.29 -11.92 -1.43
N GLY A 87 -14.96 -12.83 -0.52
CA GLY A 87 -15.97 -13.67 0.09
C GLY A 87 -16.36 -13.20 1.48
N PRO A 88 -17.64 -13.40 1.84
CA PRO A 88 -18.16 -13.00 3.15
C PRO A 88 -17.24 -13.40 4.29
N SER A 89 -17.34 -12.68 5.41
CA SER A 89 -16.50 -12.97 6.57
C SER A 89 -17.03 -14.17 7.33
N SER A 90 -18.35 -14.22 7.53
CA SER A 90 -18.98 -15.32 8.25
C SER A 90 -18.78 -16.63 7.50
N GLY A 91 -19.05 -17.74 8.19
CA GLY A 91 -18.91 -19.05 7.58
C GLY A 91 -19.79 -20.09 8.22
N GLY A 1 -22.46 -5.65 10.33
CA GLY A 1 -21.13 -5.97 10.77
C GLY A 1 -20.29 -6.61 9.68
N SER A 2 -18.99 -6.26 9.64
CA SER A 2 -18.09 -6.80 8.64
C SER A 2 -16.86 -7.43 9.30
N SER A 3 -17.00 -8.68 9.72
CA SER A 3 -15.90 -9.39 10.36
C SER A 3 -14.83 -9.78 9.35
N GLY A 4 -13.71 -9.06 9.38
CA GLY A 4 -12.62 -9.34 8.46
C GLY A 4 -11.29 -8.87 8.98
N SER A 5 -10.54 -8.16 8.14
CA SER A 5 -9.23 -7.66 8.52
C SER A 5 -8.34 -8.79 9.03
N SER A 6 -8.45 -9.96 8.40
CA SER A 6 -7.66 -11.12 8.79
C SER A 6 -6.18 -10.75 8.93
N GLY A 7 -5.62 -10.18 7.87
CA GLY A 7 -4.22 -9.79 7.91
C GLY A 7 -4.04 -8.28 7.91
N GLY A 8 -3.11 -7.80 7.08
CA GLY A 8 -2.86 -6.38 6.99
C GLY A 8 -2.18 -5.98 5.69
N THR A 9 -2.65 -6.55 4.59
CA THR A 9 -2.08 -6.27 3.28
C THR A 9 -2.79 -5.09 2.63
N VAL A 10 -2.03 -4.05 2.30
CA VAL A 10 -2.59 -2.86 1.66
C VAL A 10 -2.09 -2.71 0.23
N LEU A 11 -2.97 -2.28 -0.66
CA LEU A 11 -2.63 -2.10 -2.06
C LEU A 11 -2.15 -0.67 -2.32
N VAL A 12 -1.24 -0.53 -3.28
CA VAL A 12 -0.69 0.78 -3.63
C VAL A 12 -0.40 0.87 -5.12
N SER A 13 -0.93 1.90 -5.76
CA SER A 13 -0.73 2.11 -7.20
C SER A 13 -0.22 3.51 -7.48
N ILE A 14 0.50 3.66 -8.59
CA ILE A 14 1.05 4.96 -8.97
C ILE A 14 0.56 5.37 -10.36
N LYS A 15 0.06 6.60 -10.47
CA LYS A 15 -0.44 7.11 -11.74
C LYS A 15 0.68 7.80 -12.53
N SER A 16 0.97 7.28 -13.72
CA SER A 16 2.02 7.86 -14.56
C SER A 16 1.53 7.99 -16.00
N SER A 17 1.89 9.11 -16.64
CA SER A 17 1.49 9.37 -18.02
C SER A 17 1.53 8.08 -18.84
N LEU A 18 2.68 7.41 -18.83
CA LEU A 18 2.85 6.18 -19.58
C LEU A 18 2.58 4.97 -18.70
N PRO A 19 2.05 3.89 -19.30
CA PRO A 19 1.74 2.65 -18.58
C PRO A 19 2.99 1.82 -18.31
N GLU A 20 3.95 1.89 -19.21
CA GLU A 20 5.19 1.14 -19.07
C GLU A 20 6.01 1.66 -17.89
N ASN A 21 5.59 2.79 -17.33
CA ASN A 21 6.28 3.39 -16.21
C ASN A 21 5.54 3.10 -14.90
N ASN A 22 4.59 2.18 -14.96
CA ASN A 22 3.81 1.80 -13.78
C ASN A 22 4.65 0.98 -12.82
N PHE A 23 5.89 0.69 -13.21
CA PHE A 23 6.80 -0.09 -12.38
C PHE A 23 7.43 0.77 -11.30
N PHE A 24 7.35 0.30 -10.06
CA PHE A 24 7.92 1.04 -8.93
C PHE A 24 9.44 0.96 -8.94
N ASP A 25 10.09 2.12 -9.00
CA ASP A 25 11.55 2.17 -9.02
C ASP A 25 12.11 2.20 -7.60
N ASP A 26 13.41 1.98 -7.48
CA ASP A 26 14.07 1.97 -6.18
C ASP A 26 13.70 3.21 -5.37
N ALA A 27 13.72 4.37 -6.03
CA ALA A 27 13.38 5.62 -5.37
C ALA A 27 11.93 5.62 -4.89
N LEU A 28 11.01 5.29 -5.80
CA LEU A 28 9.59 5.26 -5.47
C LEU A 28 9.34 4.35 -4.26
N ILE A 29 9.89 3.16 -4.30
CA ILE A 29 9.74 2.21 -3.21
C ILE A 29 10.41 2.70 -1.94
N ASP A 30 11.73 2.88 -2.00
CA ASP A 30 12.49 3.36 -0.87
C ASP A 30 11.76 4.50 -0.16
N GLU A 31 11.53 5.58 -0.88
CA GLU A 31 10.84 6.74 -0.32
C GLU A 31 9.56 6.31 0.40
N LEU A 32 8.72 5.56 -0.29
CA LEU A 32 7.46 5.09 0.28
C LEU A 32 7.68 4.49 1.66
N LEU A 33 8.58 3.52 1.74
CA LEU A 33 8.90 2.87 3.01
C LEU A 33 8.82 3.86 4.17
N GLN A 34 9.63 4.91 4.10
CA GLN A 34 9.66 5.93 5.14
C GLN A 34 8.25 6.50 5.37
N GLN A 35 7.55 6.78 4.28
CA GLN A 35 6.20 7.34 4.37
C GLN A 35 5.28 6.41 5.17
N PHE A 36 5.42 5.10 4.93
CA PHE A 36 4.61 4.12 5.62
C PHE A 36 5.00 4.02 7.10
N ALA A 37 6.28 4.20 7.37
CA ALA A 37 6.79 4.14 8.74
C ALA A 37 6.13 5.21 9.62
N SER A 38 5.85 6.36 9.02
CA SER A 38 5.22 7.45 9.76
C SER A 38 4.04 6.95 10.57
N PHE A 39 3.46 5.83 10.16
CA PHE A 39 2.32 5.25 10.86
C PHE A 39 2.60 3.79 11.22
N GLY A 40 2.94 2.99 10.22
CA GLY A 40 3.23 1.59 10.46
C GLY A 40 4.55 1.16 9.86
N GLU A 41 5.33 0.40 10.63
CA GLU A 41 6.63 -0.07 10.17
C GLU A 41 6.47 -1.29 9.25
N VAL A 42 6.52 -1.03 7.94
CA VAL A 42 6.38 -2.10 6.96
C VAL A 42 7.34 -3.24 7.25
N ILE A 43 6.96 -4.44 6.85
CA ILE A 43 7.79 -5.63 7.07
C ILE A 43 8.03 -6.37 5.76
N LEU A 44 6.97 -6.56 4.98
CA LEU A 44 7.08 -7.25 3.69
C LEU A 44 6.35 -6.48 2.60
N ILE A 45 6.87 -6.57 1.38
CA ILE A 45 6.27 -5.89 0.24
C ILE A 45 6.12 -6.83 -0.95
N ARG A 46 4.95 -6.83 -1.57
CA ARG A 46 4.69 -7.67 -2.73
C ARG A 46 4.30 -6.83 -3.94
N PHE A 47 5.04 -7.00 -5.03
CA PHE A 47 4.78 -6.25 -6.26
C PHE A 47 3.81 -7.02 -7.16
N VAL A 48 2.67 -6.40 -7.45
CA VAL A 48 1.66 -7.01 -8.31
C VAL A 48 1.89 -6.66 -9.78
N GLU A 49 1.37 -7.49 -10.66
CA GLU A 49 1.52 -7.26 -12.10
C GLU A 49 1.51 -5.77 -12.42
N ASP A 50 0.50 -5.07 -11.92
CA ASP A 50 0.38 -3.64 -12.14
C ASP A 50 0.27 -2.88 -10.83
N LYS A 51 -0.22 -3.56 -9.79
CA LYS A 51 -0.38 -2.97 -8.48
C LYS A 51 0.78 -3.33 -7.57
N MET A 52 0.82 -2.73 -6.39
CA MET A 52 1.88 -2.98 -5.42
C MET A 52 1.30 -3.17 -4.02
N TRP A 53 1.38 -4.39 -3.51
CA TRP A 53 0.86 -4.70 -2.18
C TRP A 53 1.93 -4.48 -1.13
N VAL A 54 1.52 -4.10 0.07
CA VAL A 54 2.44 -3.86 1.18
C VAL A 54 1.90 -4.41 2.49
N THR A 55 2.70 -5.20 3.18
CA THR A 55 2.31 -5.78 4.46
C THR A 55 2.74 -4.92 5.62
N PHE A 56 1.98 -4.97 6.72
CA PHE A 56 2.28 -4.20 7.91
C PHE A 56 2.27 -5.08 9.16
N LEU A 57 3.22 -4.83 10.05
CA LEU A 57 3.32 -5.61 11.29
C LEU A 57 1.93 -5.98 11.81
N GLU A 58 1.14 -4.96 12.14
CA GLU A 58 -0.21 -5.18 12.66
C GLU A 58 -1.25 -4.60 11.70
N GLY A 59 -2.45 -5.16 11.75
CA GLY A 59 -3.53 -4.69 10.88
C GLY A 59 -3.83 -3.21 11.09
N SER A 60 -4.02 -2.82 12.34
CA SER A 60 -4.32 -1.44 12.68
C SER A 60 -3.36 -0.48 11.97
N SER A 61 -2.08 -0.83 11.97
CA SER A 61 -1.06 -0.01 11.33
C SER A 61 -1.41 0.23 9.86
N ALA A 62 -2.11 -0.72 9.25
CA ALA A 62 -2.50 -0.60 7.86
C ALA A 62 -3.74 0.27 7.71
N LEU A 63 -4.53 0.38 8.79
CA LEU A 63 -5.73 1.18 8.76
C LEU A 63 -5.41 2.66 8.93
N ASN A 64 -4.28 2.95 9.56
CA ASN A 64 -3.86 4.32 9.78
C ASN A 64 -3.11 4.87 8.56
N VAL A 65 -2.11 4.12 8.10
CA VAL A 65 -1.33 4.52 6.94
C VAL A 65 -2.23 4.96 5.80
N LEU A 66 -3.48 4.52 5.83
CA LEU A 66 -4.44 4.88 4.79
C LEU A 66 -4.45 6.38 4.54
N SER A 67 -4.08 7.15 5.56
CA SER A 67 -4.04 8.60 5.45
C SER A 67 -3.19 9.04 4.27
N LEU A 68 -2.39 8.11 3.75
CA LEU A 68 -1.52 8.39 2.62
C LEU A 68 -2.23 8.10 1.30
N ASN A 69 -3.56 7.99 1.36
CA ASN A 69 -4.35 7.71 0.17
C ASN A 69 -4.35 8.90 -0.78
N GLY A 70 -3.87 8.68 -1.99
CA GLY A 70 -3.81 9.75 -2.98
C GLY A 70 -2.56 10.59 -2.85
N LYS A 71 -1.98 10.63 -1.66
CA LYS A 71 -0.77 11.40 -1.41
C LYS A 71 0.15 11.35 -2.63
N GLU A 72 0.56 12.53 -3.11
CA GLU A 72 1.45 12.62 -4.26
C GLU A 72 2.90 12.73 -3.82
N LEU A 73 3.74 11.84 -4.33
CA LEU A 73 5.16 11.83 -3.98
C LEU A 73 6.01 11.57 -5.23
N LEU A 74 7.25 12.06 -5.20
CA LEU A 74 8.17 11.87 -6.31
C LEU A 74 7.45 12.07 -7.64
N ASN A 75 6.70 13.17 -7.75
CA ASN A 75 5.97 13.47 -8.97
C ASN A 75 5.23 12.24 -9.49
N ARG A 76 4.60 11.51 -8.57
CA ARG A 76 3.86 10.31 -8.94
C ARG A 76 2.69 10.09 -7.98
N THR A 77 1.48 10.37 -8.45
CA THR A 77 0.28 10.20 -7.64
C THR A 77 0.13 8.76 -7.19
N ILE A 78 0.07 8.56 -5.87
CA ILE A 78 -0.09 7.22 -5.30
C ILE A 78 -1.49 7.01 -4.76
N THR A 79 -2.02 5.81 -4.93
CA THR A 79 -3.36 5.48 -4.45
C THR A 79 -3.33 4.23 -3.58
N ILE A 80 -3.69 4.40 -2.31
CA ILE A 80 -3.71 3.29 -1.37
C ILE A 80 -5.12 2.72 -1.21
N ALA A 81 -5.23 1.40 -1.14
CA ALA A 81 -6.52 0.74 -0.99
C ALA A 81 -6.38 -0.56 -0.20
N LEU A 82 -7.19 -0.71 0.83
CA LEU A 82 -7.16 -1.91 1.66
C LEU A 82 -7.63 -3.13 0.87
N LYS A 83 -7.22 -4.31 1.33
CA LYS A 83 -7.59 -5.55 0.67
C LYS A 83 -8.79 -6.20 1.36
N SER A 84 -9.97 -6.06 0.77
CA SER A 84 -11.18 -6.62 1.33
C SER A 84 -11.90 -7.49 0.30
N PRO A 85 -11.62 -8.79 0.31
CA PRO A 85 -12.23 -9.75 -0.61
C PRO A 85 -13.73 -9.54 -0.76
N SER A 86 -14.42 -9.45 0.37
CA SER A 86 -15.87 -9.24 0.38
C SER A 86 -16.22 -7.83 -0.07
N GLY A 87 -17.05 -7.72 -1.10
CA GLY A 87 -17.45 -6.42 -1.60
C GLY A 87 -18.96 -6.25 -1.65
N PRO A 88 -19.51 -5.65 -0.59
CA PRO A 88 -20.96 -5.41 -0.48
C PRO A 88 -21.42 -4.25 -1.35
N SER A 89 -22.55 -4.44 -2.02
CA SER A 89 -23.09 -3.41 -2.90
C SER A 89 -24.17 -2.59 -2.17
N SER A 90 -23.78 -1.42 -1.69
CA SER A 90 -24.71 -0.55 -0.97
C SER A 90 -25.76 0.02 -1.91
N GLY A 91 -26.82 -0.75 -2.16
CA GLY A 91 -27.87 -0.30 -3.06
C GLY A 91 -28.81 -1.42 -3.45
N GLY A 1 -11.43 -2.71 13.45
CA GLY A 1 -12.87 -2.85 13.38
C GLY A 1 -13.33 -4.26 13.68
N SER A 2 -14.41 -4.69 13.03
CA SER A 2 -14.95 -6.03 13.24
C SER A 2 -14.52 -6.96 12.10
N SER A 3 -14.83 -6.56 10.87
CA SER A 3 -14.48 -7.36 9.71
C SER A 3 -13.07 -7.05 9.23
N GLY A 4 -12.23 -8.08 9.15
CA GLY A 4 -10.87 -7.89 8.70
C GLY A 4 -9.98 -9.06 9.07
N SER A 5 -9.93 -10.06 8.20
CA SER A 5 -9.11 -11.25 8.44
C SER A 5 -7.71 -10.85 8.90
N SER A 6 -6.94 -11.84 9.36
CA SER A 6 -5.58 -11.59 9.83
C SER A 6 -4.66 -11.24 8.67
N GLY A 7 -4.04 -10.07 8.74
CA GLY A 7 -3.14 -9.64 7.69
C GLY A 7 -3.31 -8.17 7.34
N GLY A 8 -2.21 -7.43 7.28
CA GLY A 8 -2.27 -6.03 6.96
C GLY A 8 -1.80 -5.74 5.54
N THR A 9 -2.45 -6.37 4.56
CA THR A 9 -2.09 -6.17 3.16
C THR A 9 -2.81 -4.97 2.58
N VAL A 10 -2.05 -4.00 2.10
CA VAL A 10 -2.62 -2.79 1.51
C VAL A 10 -2.16 -2.63 0.06
N LEU A 11 -3.09 -2.21 -0.80
CA LEU A 11 -2.80 -2.01 -2.21
C LEU A 11 -2.30 -0.59 -2.47
N VAL A 12 -1.29 -0.47 -3.33
CA VAL A 12 -0.72 0.84 -3.65
C VAL A 12 -0.39 0.93 -5.14
N SER A 13 -0.97 1.92 -5.81
CA SER A 13 -0.74 2.11 -7.24
C SER A 13 -0.27 3.53 -7.52
N ILE A 14 0.44 3.70 -8.64
CA ILE A 14 0.94 5.01 -9.02
C ILE A 14 0.41 5.43 -10.39
N LYS A 15 -0.13 6.64 -10.46
CA LYS A 15 -0.67 7.15 -11.72
C LYS A 15 0.45 7.45 -12.71
N SER A 16 0.50 6.64 -13.78
CA SER A 16 1.52 6.82 -14.80
C SER A 16 0.90 6.79 -16.19
N SER A 17 1.54 7.49 -17.13
CA SER A 17 1.04 7.55 -18.50
C SER A 17 1.69 6.47 -19.36
N LEU A 18 2.99 6.29 -19.21
CA LEU A 18 3.73 5.28 -19.96
C LEU A 18 3.63 3.92 -19.29
N PRO A 19 3.71 2.85 -20.10
CA PRO A 19 3.63 1.48 -19.61
C PRO A 19 4.94 1.03 -18.95
N GLU A 20 6.01 1.77 -19.21
CA GLU A 20 7.31 1.45 -18.65
C GLU A 20 7.59 2.29 -17.40
N ASN A 21 6.52 2.74 -16.74
CA ASN A 21 6.65 3.56 -15.55
C ASN A 21 5.78 3.01 -14.42
N ASN A 22 4.64 2.42 -14.80
CA ASN A 22 3.72 1.86 -13.82
C ASN A 22 4.48 1.09 -12.74
N PHE A 23 5.66 0.61 -13.08
CA PHE A 23 6.49 -0.14 -12.15
C PHE A 23 7.15 0.79 -11.13
N PHE A 24 7.30 0.31 -9.91
CA PHE A 24 7.91 1.09 -8.84
C PHE A 24 9.43 0.89 -8.81
N ASP A 25 10.18 1.98 -8.96
CA ASP A 25 11.63 1.92 -8.95
C ASP A 25 12.16 1.98 -7.53
N ASP A 26 13.49 1.88 -7.40
CA ASP A 26 14.13 1.94 -6.09
C ASP A 26 13.74 3.20 -5.33
N ALA A 27 13.73 4.33 -6.06
CA ALA A 27 13.38 5.61 -5.46
C ALA A 27 11.93 5.62 -4.99
N LEU A 28 11.03 5.15 -5.84
CA LEU A 28 9.61 5.10 -5.51
C LEU A 28 9.37 4.21 -4.30
N ILE A 29 9.94 3.01 -4.33
CA ILE A 29 9.79 2.07 -3.22
C ILE A 29 10.45 2.59 -1.95
N ASP A 30 11.76 2.82 -2.04
CA ASP A 30 12.51 3.32 -0.90
C ASP A 30 11.78 4.47 -0.22
N GLU A 31 11.50 5.52 -0.98
CA GLU A 31 10.79 6.69 -0.45
C GLU A 31 9.53 6.26 0.29
N LEU A 32 8.69 5.48 -0.39
CA LEU A 32 7.44 5.01 0.21
C LEU A 32 7.66 4.48 1.62
N LEU A 33 8.60 3.55 1.75
CA LEU A 33 8.92 2.97 3.05
C LEU A 33 8.82 4.01 4.15
N GLN A 34 9.69 5.01 4.09
CA GLN A 34 9.70 6.08 5.08
C GLN A 34 8.31 6.66 5.28
N GLN A 35 7.67 7.03 4.18
CA GLN A 35 6.33 7.61 4.24
C GLN A 35 5.40 6.73 5.07
N PHE A 36 5.52 5.41 4.89
CA PHE A 36 4.70 4.46 5.62
C PHE A 36 5.07 4.44 7.09
N ALA A 37 6.36 4.32 7.37
CA ALA A 37 6.85 4.29 8.74
C ALA A 37 6.23 5.41 9.58
N SER A 38 5.87 6.50 8.91
CA SER A 38 5.27 7.64 9.61
C SER A 38 4.15 7.19 10.53
N PHE A 39 3.50 6.09 10.17
CA PHE A 39 2.40 5.55 10.97
C PHE A 39 2.68 4.10 11.38
N GLY A 40 2.76 3.22 10.38
CA GLY A 40 3.03 1.82 10.66
C GLY A 40 4.35 1.35 10.07
N GLU A 41 4.92 0.31 10.65
CA GLU A 41 6.19 -0.23 10.18
C GLU A 41 5.96 -1.34 9.16
N VAL A 42 6.77 -1.34 8.10
CA VAL A 42 6.66 -2.34 7.05
C VAL A 42 7.59 -3.52 7.31
N ILE A 43 7.16 -4.71 6.92
CA ILE A 43 7.95 -5.92 7.12
C ILE A 43 8.18 -6.63 5.80
N LEU A 44 7.14 -6.72 4.98
CA LEU A 44 7.24 -7.39 3.68
C LEU A 44 6.48 -6.61 2.61
N ILE A 45 7.04 -6.56 1.41
CA ILE A 45 6.42 -5.85 0.30
C ILE A 45 6.29 -6.75 -0.92
N ARG A 46 5.06 -6.86 -1.44
CA ARG A 46 4.81 -7.68 -2.61
C ARG A 46 4.40 -6.82 -3.80
N PHE A 47 5.14 -6.93 -4.90
CA PHE A 47 4.85 -6.17 -6.10
C PHE A 47 3.91 -6.94 -7.02
N VAL A 48 2.76 -6.34 -7.33
CA VAL A 48 1.78 -6.96 -8.20
C VAL A 48 2.03 -6.61 -9.66
N GLU A 49 1.54 -7.45 -10.56
CA GLU A 49 1.71 -7.21 -12.00
C GLU A 49 1.69 -5.73 -12.32
N ASP A 50 0.68 -5.04 -11.82
CA ASP A 50 0.54 -3.59 -12.05
C ASP A 50 0.40 -2.85 -10.73
N LYS A 51 -0.13 -3.53 -9.72
CA LYS A 51 -0.32 -2.93 -8.41
C LYS A 51 0.83 -3.27 -7.48
N MET A 52 0.85 -2.65 -6.30
CA MET A 52 1.90 -2.90 -5.32
C MET A 52 1.31 -3.08 -3.92
N TRP A 53 1.41 -4.30 -3.40
CA TRP A 53 0.88 -4.61 -2.07
C TRP A 53 1.97 -4.44 -1.01
N VAL A 54 1.55 -4.00 0.18
CA VAL A 54 2.49 -3.80 1.28
C VAL A 54 1.95 -4.42 2.56
N THR A 55 2.73 -5.34 3.13
CA THR A 55 2.34 -6.02 4.36
C THR A 55 2.75 -5.20 5.59
N PHE A 56 2.02 -5.38 6.67
CA PHE A 56 2.29 -4.66 7.91
C PHE A 56 2.26 -5.61 9.11
N LEU A 57 3.18 -5.39 10.05
CA LEU A 57 3.25 -6.22 11.25
C LEU A 57 1.86 -6.51 11.80
N GLU A 58 1.05 -5.47 11.93
CA GLU A 58 -0.31 -5.62 12.43
C GLU A 58 -1.34 -5.14 11.42
N GLY A 59 -2.61 -5.30 11.74
CA GLY A 59 -3.67 -4.89 10.84
C GLY A 59 -4.10 -3.46 11.07
N SER A 60 -4.16 -3.05 12.34
CA SER A 60 -4.56 -1.70 12.69
C SER A 60 -3.63 -0.67 12.06
N SER A 61 -2.33 -0.97 12.08
CA SER A 61 -1.33 -0.07 11.52
C SER A 61 -1.63 0.23 10.06
N ALA A 62 -2.17 -0.77 9.36
CA ALA A 62 -2.51 -0.61 7.94
C ALA A 62 -3.71 0.32 7.77
N LEU A 63 -4.41 0.57 8.85
CA LEU A 63 -5.59 1.45 8.82
C LEU A 63 -5.17 2.91 8.95
N ASN A 64 -4.09 3.15 9.67
CA ASN A 64 -3.60 4.51 9.88
C ASN A 64 -2.89 5.02 8.62
N VAL A 65 -1.98 4.20 8.09
CA VAL A 65 -1.24 4.57 6.89
C VAL A 65 -2.18 4.97 5.76
N LEU A 66 -3.44 4.59 5.89
CA LEU A 66 -4.45 4.91 4.88
C LEU A 66 -4.46 6.40 4.57
N SER A 67 -4.01 7.20 5.54
CA SER A 67 -3.97 8.66 5.37
C SER A 67 -3.16 9.03 4.13
N LEU A 68 -2.27 8.13 3.71
CA LEU A 68 -1.44 8.37 2.54
C LEU A 68 -2.19 8.03 1.26
N ASN A 69 -3.51 7.94 1.35
CA ASN A 69 -4.34 7.62 0.19
C ASN A 69 -4.42 8.80 -0.77
N GLY A 70 -3.79 8.65 -1.94
CA GLY A 70 -3.80 9.70 -2.92
C GLY A 70 -2.55 10.56 -2.86
N LYS A 71 -1.94 10.63 -1.67
CA LYS A 71 -0.74 11.44 -1.48
C LYS A 71 0.17 11.34 -2.69
N GLU A 72 0.57 12.50 -3.21
CA GLU A 72 1.45 12.55 -4.38
C GLU A 72 2.91 12.69 -3.95
N LEU A 73 3.76 11.82 -4.48
CA LEU A 73 5.18 11.84 -4.15
C LEU A 73 6.03 11.63 -5.40
N LEU A 74 7.29 12.04 -5.33
CA LEU A 74 8.21 11.90 -6.45
C LEU A 74 7.49 12.17 -7.77
N ASN A 75 6.68 13.21 -7.79
CA ASN A 75 5.93 13.57 -9.00
C ASN A 75 5.11 12.40 -9.50
N ARG A 76 4.45 11.69 -8.58
CA ARG A 76 3.63 10.54 -8.94
C ARG A 76 2.48 10.38 -7.96
N THR A 77 1.25 10.38 -8.49
CA THR A 77 0.06 10.24 -7.67
C THR A 77 -0.12 8.79 -7.21
N ILE A 78 0.02 8.58 -5.90
CA ILE A 78 -0.13 7.24 -5.34
C ILE A 78 -1.52 7.04 -4.75
N THR A 79 -2.09 5.87 -4.99
CA THR A 79 -3.43 5.56 -4.49
C THR A 79 -3.40 4.31 -3.61
N ILE A 80 -3.66 4.50 -2.31
CA ILE A 80 -3.67 3.39 -1.37
C ILE A 80 -5.09 2.90 -1.11
N ALA A 81 -5.27 1.58 -1.11
CA ALA A 81 -6.58 0.98 -0.88
C ALA A 81 -6.45 -0.38 -0.20
N LEU A 82 -7.29 -0.63 0.80
CA LEU A 82 -7.27 -1.89 1.52
C LEU A 82 -7.66 -3.05 0.61
N LYS A 83 -7.24 -4.25 0.97
CA LYS A 83 -7.55 -5.44 0.19
C LYS A 83 -8.77 -6.16 0.76
N SER A 84 -9.58 -6.72 -0.12
CA SER A 84 -10.78 -7.45 0.30
C SER A 84 -10.42 -8.75 1.00
N PRO A 85 -11.22 -9.11 2.02
CA PRO A 85 -11.00 -10.33 2.80
C PRO A 85 -11.48 -11.58 2.06
N SER A 86 -11.16 -12.75 2.61
CA SER A 86 -11.56 -14.02 2.01
C SER A 86 -12.40 -14.84 2.97
N GLY A 87 -11.83 -15.14 4.14
CA GLY A 87 -12.54 -15.92 5.14
C GLY A 87 -11.74 -17.10 5.62
N PRO A 88 -12.20 -17.73 6.72
CA PRO A 88 -11.54 -18.89 7.32
C PRO A 88 -11.11 -19.92 6.27
N SER A 89 -10.19 -20.79 6.65
CA SER A 89 -9.69 -21.82 5.75
C SER A 89 -9.63 -23.18 6.45
N SER A 90 -10.00 -24.22 5.72
CA SER A 90 -10.00 -25.58 6.28
C SER A 90 -9.23 -26.53 5.36
N GLY A 91 -8.27 -27.25 5.95
CA GLY A 91 -7.48 -28.19 5.17
C GLY A 91 -6.24 -28.65 5.91
N GLY A 1 -15.55 2.62 12.68
CA GLY A 1 -16.14 1.35 13.10
C GLY A 1 -15.34 0.16 12.61
N SER A 2 -14.23 -0.12 13.28
CA SER A 2 -13.37 -1.23 12.92
C SER A 2 -13.56 -2.41 13.88
N SER A 3 -14.52 -3.27 13.57
CA SER A 3 -14.81 -4.43 14.41
C SER A 3 -14.29 -5.71 13.76
N GLY A 4 -14.00 -6.71 14.58
CA GLY A 4 -13.50 -7.98 14.07
C GLY A 4 -12.08 -7.86 13.55
N SER A 5 -11.40 -9.00 13.47
CA SER A 5 -10.01 -9.03 12.99
C SER A 5 -9.97 -8.84 11.47
N SER A 6 -8.89 -8.23 11.00
CA SER A 6 -8.73 -7.99 9.57
C SER A 6 -7.30 -8.29 9.13
N GLY A 7 -7.12 -8.56 7.84
CA GLY A 7 -5.80 -8.86 7.31
C GLY A 7 -4.84 -7.71 7.50
N GLY A 8 -3.69 -7.80 6.83
CA GLY A 8 -2.69 -6.75 6.94
C GLY A 8 -2.00 -6.47 5.62
N THR A 9 -2.79 -6.41 4.55
CA THR A 9 -2.25 -6.14 3.22
C THR A 9 -2.97 -4.98 2.55
N VAL A 10 -2.22 -3.96 2.17
CA VAL A 10 -2.80 -2.78 1.52
C VAL A 10 -2.31 -2.66 0.09
N LEU A 11 -3.16 -2.14 -0.79
CA LEU A 11 -2.81 -1.96 -2.19
C LEU A 11 -2.32 -0.55 -2.46
N VAL A 12 -1.36 -0.41 -3.36
CA VAL A 12 -0.81 0.89 -3.71
C VAL A 12 -0.46 0.96 -5.19
N SER A 13 -0.89 2.04 -5.85
CA SER A 13 -0.62 2.22 -7.26
C SER A 13 -0.13 3.64 -7.54
N ILE A 14 0.51 3.82 -8.69
CA ILE A 14 1.03 5.14 -9.07
C ILE A 14 0.43 5.58 -10.41
N LYS A 15 0.53 6.88 -10.68
CA LYS A 15 0.01 7.44 -11.93
C LYS A 15 1.12 7.63 -12.95
N SER A 16 1.17 6.76 -13.95
CA SER A 16 2.19 6.84 -14.99
C SER A 16 1.58 6.59 -16.37
N SER A 17 1.98 7.41 -17.34
CA SER A 17 1.48 7.28 -18.70
C SER A 17 2.20 6.16 -19.45
N LEU A 18 3.50 6.31 -19.59
CA LEU A 18 4.32 5.32 -20.28
C LEU A 18 4.20 3.96 -19.62
N PRO A 19 4.29 2.89 -20.42
CA PRO A 19 4.19 1.51 -19.93
C PRO A 19 5.47 1.05 -19.24
N GLU A 20 6.55 1.82 -19.41
CA GLU A 20 7.84 1.49 -18.81
C GLU A 20 8.07 2.32 -17.55
N ASN A 21 6.98 2.84 -16.98
CA ASN A 21 7.07 3.64 -15.77
C ASN A 21 6.19 3.07 -14.66
N ASN A 22 5.03 2.55 -15.05
CA ASN A 22 4.10 1.96 -14.09
C ASN A 22 4.84 1.19 -13.01
N PHE A 23 6.03 0.69 -13.36
CA PHE A 23 6.84 -0.06 -12.41
C PHE A 23 7.31 0.83 -11.26
N PHE A 24 7.58 0.20 -10.11
CA PHE A 24 8.03 0.94 -8.94
C PHE A 24 9.55 0.91 -8.84
N ASP A 25 10.18 2.05 -9.11
CA ASP A 25 11.63 2.15 -9.05
C ASP A 25 12.11 2.13 -7.60
N ASP A 26 13.41 1.89 -7.41
CA ASP A 26 13.99 1.85 -6.08
C ASP A 26 13.64 3.11 -5.29
N ALA A 27 13.58 4.24 -5.99
CA ALA A 27 13.25 5.52 -5.36
C ALA A 27 11.78 5.55 -4.94
N LEU A 28 10.89 5.22 -5.88
CA LEU A 28 9.46 5.23 -5.60
C LEU A 28 9.14 4.34 -4.40
N ILE A 29 9.88 3.26 -4.26
CA ILE A 29 9.66 2.33 -3.14
C ILE A 29 10.31 2.86 -1.86
N ASP A 30 11.64 2.96 -1.87
CA ASP A 30 12.37 3.45 -0.72
C ASP A 30 11.64 4.62 -0.06
N GLU A 31 11.37 5.66 -0.85
CA GLU A 31 10.67 6.83 -0.34
C GLU A 31 9.39 6.43 0.38
N LEU A 32 8.59 5.59 -0.26
CA LEU A 32 7.33 5.14 0.32
C LEU A 32 7.55 4.52 1.69
N LEU A 33 8.55 3.65 1.79
CA LEU A 33 8.86 2.98 3.05
C LEU A 33 8.83 3.98 4.20
N GLN A 34 9.61 5.05 4.08
CA GLN A 34 9.67 6.08 5.11
C GLN A 34 8.29 6.68 5.36
N GLN A 35 7.53 6.87 4.29
CA GLN A 35 6.20 7.44 4.39
C GLN A 35 5.27 6.52 5.18
N PHE A 36 5.46 5.21 5.02
CA PHE A 36 4.64 4.23 5.72
C PHE A 36 5.06 4.12 7.19
N ALA A 37 6.36 4.30 7.44
CA ALA A 37 6.89 4.21 8.79
C ALA A 37 6.21 5.22 9.71
N SER A 38 5.81 6.36 9.15
CA SER A 38 5.16 7.41 9.92
C SER A 38 3.90 6.88 10.61
N PHE A 39 3.47 5.69 10.19
CA PHE A 39 2.29 5.06 10.76
C PHE A 39 2.59 3.66 11.26
N GLY A 40 3.08 2.81 10.35
CA GLY A 40 3.42 1.44 10.72
C GLY A 40 4.74 0.99 10.12
N GLU A 41 5.51 0.25 10.90
CA GLU A 41 6.81 -0.24 10.45
C GLU A 41 6.63 -1.40 9.47
N VAL A 42 6.72 -1.10 8.18
CA VAL A 42 6.58 -2.13 7.15
C VAL A 42 7.47 -3.33 7.44
N ILE A 43 6.98 -4.51 7.08
CA ILE A 43 7.74 -5.74 7.29
C ILE A 43 7.98 -6.47 5.98
N LEU A 44 6.94 -6.58 5.16
CA LEU A 44 7.05 -7.25 3.87
C LEU A 44 6.31 -6.46 2.79
N ILE A 45 6.78 -6.60 1.55
CA ILE A 45 6.16 -5.90 0.43
C ILE A 45 6.01 -6.83 -0.77
N ARG A 46 4.80 -6.87 -1.34
CA ARG A 46 4.53 -7.72 -2.49
C ARG A 46 4.15 -6.88 -3.71
N PHE A 47 4.89 -7.06 -4.80
CA PHE A 47 4.64 -6.31 -6.02
C PHE A 47 3.69 -7.07 -6.93
N VAL A 48 2.58 -6.44 -7.30
CA VAL A 48 1.59 -7.05 -8.17
C VAL A 48 1.87 -6.75 -9.63
N GLU A 49 1.36 -7.60 -10.52
CA GLU A 49 1.57 -7.43 -11.95
C GLU A 49 1.61 -5.96 -12.32
N ASP A 50 0.60 -5.21 -11.88
CA ASP A 50 0.52 -3.78 -12.17
C ASP A 50 0.38 -2.97 -10.88
N LYS A 51 -0.16 -3.62 -9.84
CA LYS A 51 -0.35 -2.96 -8.56
C LYS A 51 0.79 -3.29 -7.60
N MET A 52 0.81 -2.64 -6.45
CA MET A 52 1.84 -2.86 -5.44
C MET A 52 1.24 -3.01 -4.05
N TRP A 53 1.36 -4.21 -3.49
CA TRP A 53 0.82 -4.49 -2.17
C TRP A 53 1.89 -4.29 -1.10
N VAL A 54 1.45 -3.94 0.11
CA VAL A 54 2.38 -3.72 1.22
C VAL A 54 1.87 -4.39 2.49
N THR A 55 2.79 -5.00 3.24
CA THR A 55 2.44 -5.68 4.48
C THR A 55 2.98 -4.94 5.69
N PHE A 56 2.25 -4.99 6.79
CA PHE A 56 2.66 -4.32 8.02
C PHE A 56 2.58 -5.27 9.21
N LEU A 57 3.46 -5.05 10.19
CA LEU A 57 3.49 -5.89 11.39
C LEU A 57 2.08 -6.24 11.85
N GLU A 58 1.33 -5.21 12.24
CA GLU A 58 -0.05 -5.42 12.70
C GLU A 58 -1.05 -4.92 11.66
N GLY A 59 -2.33 -5.27 11.87
CA GLY A 59 -3.36 -4.85 10.94
C GLY A 59 -3.74 -3.39 11.11
N SER A 60 -4.01 -3.00 12.35
CA SER A 60 -4.39 -1.62 12.65
C SER A 60 -3.42 -0.64 12.00
N SER A 61 -2.19 -1.08 11.80
CA SER A 61 -1.16 -0.23 11.19
C SER A 61 -1.55 0.14 9.77
N ALA A 62 -1.95 -0.86 8.99
CA ALA A 62 -2.34 -0.63 7.60
C ALA A 62 -3.52 0.33 7.51
N LEU A 63 -4.33 0.36 8.56
CA LEU A 63 -5.49 1.25 8.60
C LEU A 63 -5.07 2.70 8.83
N ASN A 64 -3.91 2.88 9.44
CA ASN A 64 -3.38 4.22 9.70
C ASN A 64 -2.69 4.79 8.47
N VAL A 65 -1.88 3.97 7.81
CA VAL A 65 -1.16 4.39 6.62
C VAL A 65 -2.13 4.86 5.54
N LEU A 66 -3.39 4.47 5.67
CA LEU A 66 -4.42 4.84 4.70
C LEU A 66 -4.42 6.35 4.48
N SER A 67 -4.07 7.10 5.52
CA SER A 67 -4.04 8.56 5.44
C SER A 67 -3.22 9.01 4.24
N LEU A 68 -2.42 8.11 3.69
CA LEU A 68 -1.58 8.42 2.54
C LEU A 68 -2.33 8.17 1.24
N ASN A 69 -3.65 8.00 1.35
CA ASN A 69 -4.48 7.76 0.18
C ASN A 69 -4.51 8.98 -0.74
N GLY A 70 -4.02 8.80 -1.96
CA GLY A 70 -3.99 9.90 -2.91
C GLY A 70 -2.70 10.69 -2.84
N LYS A 71 -2.07 10.70 -1.67
CA LYS A 71 -0.83 11.43 -1.48
C LYS A 71 0.10 11.28 -2.68
N GLU A 72 0.58 12.39 -3.20
CA GLU A 72 1.47 12.38 -4.36
C GLU A 72 2.92 12.49 -3.93
N LEU A 73 3.77 11.60 -4.45
CA LEU A 73 5.18 11.59 -4.11
C LEU A 73 6.04 11.43 -5.37
N LEU A 74 7.28 11.88 -5.29
CA LEU A 74 8.21 11.78 -6.42
C LEU A 74 7.48 12.05 -7.73
N ASN A 75 6.68 13.10 -7.76
CA ASN A 75 5.92 13.47 -8.96
C ASN A 75 5.15 12.27 -9.49
N ARG A 76 4.48 11.55 -8.59
CA ARG A 76 3.70 10.39 -8.98
C ARG A 76 2.53 10.17 -8.01
N THR A 77 1.32 10.49 -8.47
CA THR A 77 0.14 10.34 -7.64
C THR A 77 -0.03 8.89 -7.19
N ILE A 78 0.01 8.68 -5.88
CA ILE A 78 -0.14 7.35 -5.32
C ILE A 78 -1.55 7.13 -4.77
N THR A 79 -2.09 5.94 -5.01
CA THR A 79 -3.42 5.61 -4.53
C THR A 79 -3.41 4.36 -3.67
N ILE A 80 -3.77 4.52 -2.40
CA ILE A 80 -3.80 3.40 -1.47
C ILE A 80 -5.22 2.89 -1.26
N ALA A 81 -5.38 1.58 -1.19
CA ALA A 81 -6.68 0.96 -0.98
C ALA A 81 -6.56 -0.38 -0.28
N LEU A 82 -7.35 -0.57 0.76
CA LEU A 82 -7.34 -1.81 1.52
C LEU A 82 -7.79 -2.99 0.66
N LYS A 83 -7.40 -4.20 1.07
CA LYS A 83 -7.75 -5.40 0.34
C LYS A 83 -9.14 -5.89 0.74
N SER A 84 -9.25 -6.39 1.97
CA SER A 84 -10.52 -6.90 2.47
C SER A 84 -10.51 -6.95 4.00
N PRO A 85 -11.68 -6.67 4.61
CA PRO A 85 -11.83 -6.68 6.07
C PRO A 85 -11.94 -8.09 6.63
N SER A 86 -11.60 -9.08 5.80
CA SER A 86 -11.66 -10.48 6.22
C SER A 86 -10.64 -11.32 5.45
N GLY A 87 -9.80 -12.03 6.19
CA GLY A 87 -8.79 -12.86 5.56
C GLY A 87 -7.51 -12.94 6.38
N PRO A 88 -7.56 -13.68 7.49
CA PRO A 88 -6.41 -13.86 8.37
C PRO A 88 -5.13 -14.17 7.61
N SER A 89 -5.24 -15.02 6.60
CA SER A 89 -4.08 -15.40 5.79
C SER A 89 -2.95 -15.92 6.66
N SER A 90 -3.32 -16.57 7.77
CA SER A 90 -2.33 -17.11 8.70
C SER A 90 -1.85 -18.48 8.24
N GLY A 91 -0.81 -18.99 8.90
CA GLY A 91 -0.27 -20.29 8.54
C GLY A 91 0.83 -20.20 7.51
N GLY A 1 -15.18 -0.74 21.00
CA GLY A 1 -13.95 -1.10 20.31
C GLY A 1 -14.20 -2.02 19.12
N SER A 2 -13.22 -2.10 18.23
CA SER A 2 -13.34 -2.95 17.05
C SER A 2 -13.02 -4.41 17.38
N SER A 3 -13.82 -5.31 16.85
CA SER A 3 -13.63 -6.74 17.09
C SER A 3 -12.30 -7.22 16.51
N GLY A 4 -11.66 -6.35 15.73
CA GLY A 4 -10.39 -6.70 15.13
C GLY A 4 -10.49 -6.91 13.63
N SER A 5 -10.04 -5.91 12.87
CA SER A 5 -10.09 -5.99 11.42
C SER A 5 -8.99 -6.90 10.88
N SER A 6 -9.37 -7.82 9.99
CA SER A 6 -8.43 -8.76 9.41
C SER A 6 -7.97 -8.29 8.03
N GLY A 7 -6.73 -7.85 7.93
CA GLY A 7 -6.20 -7.38 6.68
C GLY A 7 -4.69 -7.31 6.67
N GLY A 8 -4.15 -6.14 7.04
CA GLY A 8 -2.71 -5.96 7.07
C GLY A 8 -2.12 -5.67 5.69
N THR A 9 -2.67 -6.32 4.67
CA THR A 9 -2.20 -6.13 3.31
C THR A 9 -2.88 -4.92 2.67
N VAL A 10 -2.06 -3.94 2.26
CA VAL A 10 -2.58 -2.73 1.63
C VAL A 10 -2.08 -2.61 0.20
N LEU A 11 -2.96 -2.17 -0.70
CA LEU A 11 -2.61 -2.01 -2.10
C LEU A 11 -2.07 -0.61 -2.36
N VAL A 12 -1.20 -0.50 -3.36
CA VAL A 12 -0.60 0.79 -3.72
C VAL A 12 -0.38 0.89 -5.22
N SER A 13 -0.81 2.01 -5.80
CA SER A 13 -0.66 2.23 -7.23
C SER A 13 -0.12 3.63 -7.52
N ILE A 14 0.54 3.78 -8.67
CA ILE A 14 1.10 5.07 -9.05
C ILE A 14 0.50 5.57 -10.36
N LYS A 15 0.69 6.85 -10.64
CA LYS A 15 0.17 7.44 -11.88
C LYS A 15 1.26 7.56 -12.93
N SER A 16 1.23 6.67 -13.91
CA SER A 16 2.22 6.68 -14.98
C SER A 16 1.57 6.37 -16.33
N SER A 17 1.93 7.16 -17.34
CA SER A 17 1.38 6.98 -18.68
C SER A 17 1.98 5.75 -19.35
N LEU A 18 3.28 5.82 -19.63
CA LEU A 18 3.97 4.71 -20.28
C LEU A 18 3.74 3.40 -19.54
N PRO A 19 3.64 2.30 -20.29
CA PRO A 19 3.41 0.97 -19.73
C PRO A 19 4.67 0.38 -19.09
N GLU A 20 5.80 1.03 -19.34
CA GLU A 20 7.07 0.57 -18.80
C GLU A 20 7.44 1.36 -17.55
N ASN A 21 6.58 2.29 -17.16
CA ASN A 21 6.82 3.12 -15.99
C ASN A 21 5.95 2.67 -14.82
N ASN A 22 4.76 2.17 -15.13
CA ASN A 22 3.83 1.70 -14.10
C ASN A 22 4.58 0.97 -12.99
N PHE A 23 5.73 0.40 -13.33
CA PHE A 23 6.54 -0.32 -12.36
C PHE A 23 7.20 0.64 -11.37
N PHE A 24 7.18 0.27 -10.10
CA PHE A 24 7.77 1.09 -9.05
C PHE A 24 9.29 0.99 -9.08
N ASP A 25 9.95 2.15 -8.99
CA ASP A 25 11.41 2.19 -9.01
C ASP A 25 11.96 2.26 -7.58
N ASP A 26 13.28 2.09 -7.46
CA ASP A 26 13.93 2.14 -6.16
C ASP A 26 13.48 3.36 -5.37
N ALA A 27 13.32 4.48 -6.07
CA ALA A 27 12.91 5.73 -5.44
C ALA A 27 11.47 5.63 -4.93
N LEU A 28 10.56 5.26 -5.83
CA LEU A 28 9.15 5.13 -5.47
C LEU A 28 8.97 4.22 -4.25
N ILE A 29 9.73 3.12 -4.23
CA ILE A 29 9.65 2.17 -3.13
C ILE A 29 10.34 2.73 -1.89
N ASP A 30 11.65 2.92 -1.98
CA ASP A 30 12.43 3.45 -0.87
C ASP A 30 11.67 4.55 -0.14
N GLU A 31 11.38 5.63 -0.87
CA GLU A 31 10.65 6.76 -0.30
C GLU A 31 9.42 6.29 0.45
N LEU A 32 8.56 5.54 -0.24
CA LEU A 32 7.33 5.02 0.36
C LEU A 32 7.61 4.41 1.72
N LEU A 33 8.55 3.47 1.76
CA LEU A 33 8.91 2.80 3.01
C LEU A 33 8.86 3.78 4.18
N GLN A 34 9.66 4.84 4.10
CA GLN A 34 9.70 5.84 5.15
C GLN A 34 8.32 6.40 5.43
N GLN A 35 7.61 6.79 4.37
CA GLN A 35 6.27 7.34 4.50
C GLN A 35 5.38 6.42 5.31
N PHE A 36 5.50 5.11 5.06
CA PHE A 36 4.70 4.12 5.76
C PHE A 36 5.04 4.10 7.25
N ALA A 37 6.33 4.12 7.55
CA ALA A 37 6.80 4.11 8.93
C ALA A 37 6.15 5.23 9.74
N SER A 38 5.86 6.34 9.06
CA SER A 38 5.25 7.49 9.72
C SER A 38 4.11 7.05 10.63
N PHE A 39 3.44 5.96 10.25
CA PHE A 39 2.31 5.45 11.02
C PHE A 39 2.59 4.01 11.47
N GLY A 40 2.84 3.13 10.50
CA GLY A 40 3.10 1.74 10.82
C GLY A 40 4.39 1.24 10.19
N GLU A 41 5.02 0.26 10.83
CA GLU A 41 6.26 -0.30 10.33
C GLU A 41 6.00 -1.43 9.33
N VAL A 42 6.73 -1.42 8.23
CA VAL A 42 6.57 -2.43 7.19
C VAL A 42 7.45 -3.64 7.48
N ILE A 43 6.96 -4.83 7.12
CA ILE A 43 7.70 -6.06 7.34
C ILE A 43 7.96 -6.79 6.01
N LEU A 44 6.95 -6.82 5.16
CA LEU A 44 7.06 -7.48 3.86
C LEU A 44 6.35 -6.68 2.78
N ILE A 45 6.86 -6.75 1.55
CA ILE A 45 6.26 -6.04 0.43
C ILE A 45 6.12 -6.95 -0.79
N ARG A 46 4.95 -6.93 -1.39
CA ARG A 46 4.67 -7.76 -2.57
C ARG A 46 4.35 -6.88 -3.78
N PHE A 47 5.01 -7.16 -4.90
CA PHE A 47 4.80 -6.40 -6.12
C PHE A 47 3.83 -7.13 -7.05
N VAL A 48 2.72 -6.47 -7.38
CA VAL A 48 1.71 -7.06 -8.25
C VAL A 48 1.98 -6.69 -9.72
N GLU A 49 1.45 -7.50 -10.62
CA GLU A 49 1.62 -7.26 -12.05
C GLU A 49 1.67 -5.76 -12.35
N ASP A 50 0.64 -5.05 -11.89
CA ASP A 50 0.57 -3.60 -12.12
C ASP A 50 0.41 -2.86 -10.79
N LYS A 51 -0.08 -3.57 -9.78
CA LYS A 51 -0.29 -2.98 -8.46
C LYS A 51 0.85 -3.35 -7.52
N MET A 52 0.85 -2.75 -6.34
CA MET A 52 1.89 -3.01 -5.34
C MET A 52 1.28 -3.19 -3.95
N TRP A 53 1.40 -4.40 -3.41
CA TRP A 53 0.86 -4.70 -2.09
C TRP A 53 1.93 -4.55 -1.02
N VAL A 54 1.52 -4.06 0.15
CA VAL A 54 2.44 -3.87 1.26
C VAL A 54 1.90 -4.48 2.54
N THR A 55 2.76 -5.14 3.30
CA THR A 55 2.37 -5.77 4.55
C THR A 55 2.90 -5.00 5.75
N PHE A 56 2.12 -4.94 6.82
CA PHE A 56 2.51 -4.23 8.03
C PHE A 56 2.44 -5.16 9.25
N LEU A 57 3.38 -4.97 10.18
CA LEU A 57 3.42 -5.77 11.38
C LEU A 57 2.01 -6.15 11.85
N GLU A 58 1.27 -5.15 12.30
CA GLU A 58 -0.10 -5.36 12.77
C GLU A 58 -1.12 -4.89 11.73
N GLY A 59 -2.39 -5.19 11.97
CA GLY A 59 -3.44 -4.79 11.06
C GLY A 59 -3.77 -3.31 11.17
N SER A 60 -3.99 -2.86 12.40
CA SER A 60 -4.33 -1.46 12.64
C SER A 60 -3.33 -0.52 11.94
N SER A 61 -2.12 -1.03 11.72
CA SER A 61 -1.08 -0.25 11.07
C SER A 61 -1.46 0.05 9.63
N ALA A 62 -1.99 -0.95 8.94
CA ALA A 62 -2.39 -0.79 7.55
C ALA A 62 -3.61 0.13 7.42
N LEU A 63 -4.28 0.37 8.55
CA LEU A 63 -5.45 1.23 8.57
C LEU A 63 -5.05 2.69 8.79
N ASN A 64 -3.89 2.89 9.40
CA ASN A 64 -3.38 4.23 9.68
C ASN A 64 -2.71 4.82 8.46
N VAL A 65 -1.78 4.06 7.87
CA VAL A 65 -1.06 4.51 6.69
C VAL A 65 -2.03 4.97 5.60
N LEU A 66 -3.27 4.53 5.69
CA LEU A 66 -4.29 4.90 4.72
C LEU A 66 -4.32 6.41 4.51
N SER A 67 -3.80 7.15 5.48
CA SER A 67 -3.78 8.60 5.41
C SER A 67 -2.95 9.07 4.21
N LEU A 68 -2.25 8.13 3.59
CA LEU A 68 -1.42 8.45 2.42
C LEU A 68 -2.18 8.19 1.12
N ASN A 69 -3.48 7.96 1.24
CA ASN A 69 -4.32 7.70 0.07
C ASN A 69 -4.42 8.94 -0.82
N GLY A 70 -3.92 8.83 -2.05
CA GLY A 70 -3.96 9.93 -2.97
C GLY A 70 -2.73 10.81 -2.89
N LYS A 71 -2.05 10.76 -1.75
CA LYS A 71 -0.84 11.54 -1.54
C LYS A 71 0.09 11.44 -2.75
N GLU A 72 0.49 12.60 -3.28
CA GLU A 72 1.38 12.63 -4.43
C GLU A 72 2.84 12.72 -3.99
N LEU A 73 3.65 11.77 -4.43
CA LEU A 73 5.07 11.74 -4.09
C LEU A 73 5.93 11.59 -5.33
N LEU A 74 7.17 12.06 -5.25
CA LEU A 74 8.10 11.96 -6.37
C LEU A 74 7.39 12.22 -7.69
N ASN A 75 6.58 13.28 -7.72
CA ASN A 75 5.84 13.65 -8.93
C ASN A 75 5.09 12.45 -9.48
N ARG A 76 4.40 11.74 -8.60
CA ARG A 76 3.64 10.56 -9.01
C ARG A 76 2.46 10.33 -8.05
N THR A 77 1.25 10.63 -8.53
CA THR A 77 0.05 10.46 -7.72
C THR A 77 -0.13 9.00 -7.32
N ILE A 78 0.03 8.73 -6.02
CA ILE A 78 -0.12 7.38 -5.50
C ILE A 78 -1.52 7.15 -4.96
N THR A 79 -2.01 5.93 -5.09
CA THR A 79 -3.35 5.58 -4.61
C THR A 79 -3.31 4.31 -3.75
N ILE A 80 -3.69 4.45 -2.49
CA ILE A 80 -3.70 3.32 -1.57
C ILE A 80 -5.13 2.83 -1.32
N ALA A 81 -5.29 1.51 -1.23
CA ALA A 81 -6.59 0.92 -0.98
C ALA A 81 -6.46 -0.41 -0.25
N LEU A 82 -7.30 -0.61 0.76
CA LEU A 82 -7.28 -1.85 1.54
C LEU A 82 -7.74 -3.04 0.70
N LYS A 83 -7.35 -4.24 1.13
CA LYS A 83 -7.72 -5.46 0.41
C LYS A 83 -8.95 -6.10 1.05
N SER A 84 -9.70 -6.85 0.24
CA SER A 84 -10.91 -7.51 0.72
C SER A 84 -10.90 -8.98 0.33
N PRO A 85 -10.38 -9.84 1.23
CA PRO A 85 -10.32 -11.28 1.01
C PRO A 85 -11.67 -11.96 1.15
N SER A 86 -12.38 -12.10 0.04
CA SER A 86 -13.70 -12.73 0.05
C SER A 86 -13.62 -14.13 0.64
N GLY A 87 -14.75 -14.61 1.15
CA GLY A 87 -14.79 -15.94 1.74
C GLY A 87 -15.19 -15.91 3.20
N PRO A 88 -14.19 -15.91 4.10
CA PRO A 88 -14.41 -15.88 5.54
C PRO A 88 -14.76 -14.49 6.05
N SER A 89 -15.82 -14.41 6.86
CA SER A 89 -16.26 -13.13 7.40
C SER A 89 -15.27 -12.62 8.46
N SER A 90 -14.91 -13.49 9.40
CA SER A 90 -13.99 -13.13 10.46
C SER A 90 -12.55 -13.33 10.01
N GLY A 91 -12.20 -14.57 9.67
CA GLY A 91 -10.85 -14.88 9.22
C GLY A 91 -10.37 -13.93 8.14
N GLY A 1 -14.78 -2.48 9.48
CA GLY A 1 -13.94 -3.60 9.11
C GLY A 1 -13.66 -4.54 10.26
N SER A 2 -12.46 -5.07 10.32
CA SER A 2 -12.06 -6.00 11.37
C SER A 2 -10.72 -5.61 11.97
N SER A 3 -10.76 -5.03 13.17
CA SER A 3 -9.54 -4.61 13.85
C SER A 3 -8.84 -5.79 14.51
N GLY A 4 -7.77 -6.27 13.88
CA GLY A 4 -7.04 -7.40 14.41
C GLY A 4 -5.57 -7.37 14.02
N SER A 5 -4.90 -8.52 14.15
CA SER A 5 -3.49 -8.62 13.79
C SER A 5 -3.32 -9.28 12.44
N SER A 6 -4.05 -10.38 12.21
CA SER A 6 -3.97 -11.11 10.95
C SER A 6 -4.68 -10.35 9.84
N GLY A 7 -4.09 -10.37 8.65
CA GLY A 7 -4.69 -9.69 7.52
C GLY A 7 -4.38 -8.20 7.52
N GLY A 8 -3.23 -7.83 6.98
CA GLY A 8 -2.84 -6.42 6.94
C GLY A 8 -2.23 -6.03 5.61
N THR A 9 -2.76 -6.58 4.53
CA THR A 9 -2.24 -6.29 3.19
C THR A 9 -2.91 -5.05 2.60
N VAL A 10 -2.11 -4.11 2.13
CA VAL A 10 -2.62 -2.88 1.53
C VAL A 10 -2.15 -2.73 0.09
N LEU A 11 -3.05 -2.28 -0.77
CA LEU A 11 -2.74 -2.08 -2.18
C LEU A 11 -2.21 -0.67 -2.43
N VAL A 12 -1.28 -0.55 -3.38
CA VAL A 12 -0.70 0.73 -3.72
C VAL A 12 -0.41 0.84 -5.21
N SER A 13 -0.94 1.87 -5.84
CA SER A 13 -0.74 2.09 -7.27
C SER A 13 -0.24 3.50 -7.55
N ILE A 14 0.47 3.65 -8.67
CA ILE A 14 1.01 4.96 -9.04
C ILE A 14 0.51 5.38 -10.42
N LYS A 15 0.29 6.68 -10.59
CA LYS A 15 -0.19 7.21 -11.86
C LYS A 15 0.96 7.78 -12.68
N SER A 16 1.30 7.10 -13.78
CA SER A 16 2.38 7.54 -14.65
C SER A 16 1.89 7.75 -16.07
N SER A 17 2.31 8.84 -16.69
CA SER A 17 1.91 9.16 -18.06
C SER A 17 1.93 7.90 -18.93
N LEU A 18 3.03 7.16 -18.86
CA LEU A 18 3.18 5.94 -19.64
C LEU A 18 2.85 4.71 -18.80
N PRO A 19 2.35 3.66 -19.47
CA PRO A 19 1.98 2.41 -18.80
C PRO A 19 3.20 1.55 -18.46
N GLU A 20 4.25 1.67 -19.28
CA GLU A 20 5.47 0.90 -19.07
C GLU A 20 6.22 1.42 -17.85
N ASN A 21 5.80 2.57 -17.34
CA ASN A 21 6.43 3.18 -16.17
C ASN A 21 5.60 2.94 -14.92
N ASN A 22 4.64 2.03 -15.02
CA ASN A 22 3.78 1.71 -13.89
C ASN A 22 4.50 0.83 -12.88
N PHE A 23 5.76 0.52 -13.17
CA PHE A 23 6.57 -0.31 -12.28
C PHE A 23 7.28 0.54 -11.23
N PHE A 24 7.02 0.22 -9.97
CA PHE A 24 7.63 0.96 -8.86
C PHE A 24 9.15 0.82 -8.88
N ASP A 25 9.85 1.94 -8.82
CA ASP A 25 11.30 1.94 -8.84
C ASP A 25 11.86 2.02 -7.41
N ASP A 26 13.18 2.01 -7.30
CA ASP A 26 13.83 2.09 -5.99
C ASP A 26 13.41 3.34 -5.25
N ALA A 27 13.39 4.47 -5.95
CA ALA A 27 13.00 5.74 -5.35
C ALA A 27 11.59 5.67 -4.77
N LEU A 28 10.62 5.33 -5.62
CA LEU A 28 9.23 5.22 -5.20
C LEU A 28 9.12 4.37 -3.93
N ILE A 29 9.64 3.15 -3.99
CA ILE A 29 9.59 2.23 -2.86
C ILE A 29 10.33 2.82 -1.66
N ASP A 30 11.63 3.02 -1.81
CA ASP A 30 12.45 3.57 -0.74
C ASP A 30 11.72 4.70 -0.03
N GLU A 31 11.37 5.75 -0.78
CA GLU A 31 10.66 6.89 -0.22
C GLU A 31 9.41 6.45 0.52
N LEU A 32 8.61 5.62 -0.13
CA LEU A 32 7.37 5.12 0.47
C LEU A 32 7.63 4.55 1.86
N LEU A 33 8.51 3.55 1.93
CA LEU A 33 8.85 2.92 3.20
C LEU A 33 8.83 3.93 4.34
N GLN A 34 9.48 5.07 4.12
CA GLN A 34 9.54 6.12 5.12
C GLN A 34 8.15 6.68 5.40
N GLN A 35 7.39 6.95 4.34
CA GLN A 35 6.05 7.49 4.47
C GLN A 35 5.17 6.56 5.30
N PHE A 36 5.40 5.26 5.15
CA PHE A 36 4.63 4.26 5.89
C PHE A 36 5.06 4.20 7.35
N ALA A 37 6.36 4.33 7.57
CA ALA A 37 6.91 4.30 8.92
C ALA A 37 6.28 5.37 9.81
N SER A 38 5.92 6.49 9.20
CA SER A 38 5.31 7.60 9.93
C SER A 38 4.13 7.11 10.76
N PHE A 39 3.56 5.97 10.36
CA PHE A 39 2.42 5.39 11.07
C PHE A 39 2.71 3.96 11.46
N GLY A 40 3.00 3.12 10.47
CA GLY A 40 3.28 1.72 10.73
C GLY A 40 4.57 1.26 10.08
N GLU A 41 5.22 0.29 10.70
CA GLU A 41 6.48 -0.25 10.17
C GLU A 41 6.22 -1.39 9.20
N VAL A 42 6.87 -1.34 8.04
CA VAL A 42 6.71 -2.38 7.03
C VAL A 42 7.64 -3.56 7.29
N ILE A 43 7.18 -4.74 6.93
CA ILE A 43 7.97 -5.96 7.14
C ILE A 43 8.18 -6.70 5.82
N LEU A 44 7.14 -6.71 4.98
CA LEU A 44 7.22 -7.39 3.69
C LEU A 44 6.48 -6.59 2.61
N ILE A 45 6.97 -6.68 1.39
CA ILE A 45 6.36 -5.97 0.27
C ILE A 45 6.19 -6.87 -0.95
N ARG A 46 4.96 -6.98 -1.44
CA ARG A 46 4.67 -7.82 -2.59
C ARG A 46 4.30 -6.96 -3.80
N PHE A 47 4.99 -7.17 -4.91
CA PHE A 47 4.73 -6.42 -6.13
C PHE A 47 3.73 -7.16 -7.01
N VAL A 48 2.63 -6.49 -7.35
CA VAL A 48 1.60 -7.08 -8.20
C VAL A 48 1.84 -6.76 -9.66
N GLU A 49 1.29 -7.60 -10.54
CA GLU A 49 1.45 -7.41 -11.98
C GLU A 49 1.50 -5.93 -12.34
N ASP A 50 0.51 -5.18 -11.87
CA ASP A 50 0.44 -3.74 -12.13
C ASP A 50 0.33 -2.96 -10.83
N LYS A 51 -0.21 -3.60 -9.79
CA LYS A 51 -0.36 -2.96 -8.50
C LYS A 51 0.81 -3.30 -7.58
N MET A 52 0.84 -2.66 -6.41
CA MET A 52 1.91 -2.89 -5.44
C MET A 52 1.34 -3.10 -4.04
N TRP A 53 1.40 -4.34 -3.57
CA TRP A 53 0.89 -4.67 -2.24
C TRP A 53 1.97 -4.52 -1.18
N VAL A 54 1.57 -4.08 0.01
CA VAL A 54 2.51 -3.91 1.10
C VAL A 54 1.99 -4.54 2.39
N THR A 55 2.86 -5.29 3.07
CA THR A 55 2.49 -5.95 4.31
C THR A 55 2.91 -5.12 5.52
N PHE A 56 2.23 -5.35 6.64
CA PHE A 56 2.53 -4.63 7.87
C PHE A 56 2.50 -5.57 9.08
N LEU A 57 3.38 -5.32 10.03
CA LEU A 57 3.47 -6.15 11.24
C LEU A 57 2.09 -6.38 11.82
N GLU A 58 1.29 -5.32 11.90
CA GLU A 58 -0.06 -5.41 12.44
C GLU A 58 -1.10 -4.91 11.43
N GLY A 59 -2.36 -5.14 11.73
CA GLY A 59 -3.43 -4.72 10.85
C GLY A 59 -3.85 -3.28 11.08
N SER A 60 -3.94 -2.90 12.35
CA SER A 60 -4.35 -1.54 12.71
C SER A 60 -3.45 -0.51 12.02
N SER A 61 -2.18 -0.85 11.87
CA SER A 61 -1.22 0.05 11.24
C SER A 61 -1.60 0.31 9.78
N ALA A 62 -2.04 -0.73 9.09
CA ALA A 62 -2.45 -0.62 7.70
C ALA A 62 -3.67 0.29 7.55
N LEU A 63 -4.38 0.49 8.65
CA LEU A 63 -5.57 1.34 8.65
C LEU A 63 -5.20 2.80 8.80
N ASN A 64 -4.06 3.06 9.45
CA ASN A 64 -3.59 4.42 9.67
C ASN A 64 -2.86 4.94 8.43
N VAL A 65 -1.90 4.16 7.94
CA VAL A 65 -1.13 4.55 6.76
C VAL A 65 -2.05 5.01 5.64
N LEU A 66 -3.31 4.60 5.70
CA LEU A 66 -4.29 4.99 4.68
C LEU A 66 -4.26 6.49 4.43
N SER A 67 -3.87 7.24 5.45
CA SER A 67 -3.79 8.69 5.34
C SER A 67 -2.98 9.11 4.10
N LEU A 68 -2.22 8.17 3.57
CA LEU A 68 -1.40 8.42 2.38
C LEU A 68 -2.17 8.10 1.12
N ASN A 69 -3.49 8.00 1.23
CA ASN A 69 -4.34 7.70 0.09
C ASN A 69 -4.40 8.88 -0.87
N GLY A 70 -3.81 8.72 -2.05
CA GLY A 70 -3.81 9.78 -3.03
C GLY A 70 -2.56 10.66 -2.95
N LYS A 71 -1.96 10.70 -1.77
CA LYS A 71 -0.76 11.51 -1.55
C LYS A 71 0.16 11.44 -2.75
N GLU A 72 0.55 12.60 -3.26
CA GLU A 72 1.44 12.67 -4.42
C GLU A 72 2.90 12.80 -3.99
N LEU A 73 3.74 11.89 -4.45
CA LEU A 73 5.16 11.91 -4.11
C LEU A 73 6.02 11.68 -5.34
N LEU A 74 7.28 12.09 -5.27
CA LEU A 74 8.21 11.92 -6.38
C LEU A 74 7.51 12.16 -7.72
N ASN A 75 6.70 13.21 -7.78
CA ASN A 75 5.97 13.54 -8.99
C ASN A 75 5.21 12.33 -9.53
N ARG A 76 4.55 11.62 -8.62
CA ARG A 76 3.78 10.43 -9.00
C ARG A 76 2.61 10.22 -8.03
N THR A 77 1.40 10.46 -8.52
CA THR A 77 0.20 10.30 -7.71
C THR A 77 0.04 8.85 -7.26
N ILE A 78 0.06 8.63 -5.95
CA ILE A 78 -0.09 7.29 -5.39
C ILE A 78 -1.49 7.09 -4.82
N THR A 79 -2.06 5.92 -5.09
CA THR A 79 -3.40 5.60 -4.59
C THR A 79 -3.38 4.35 -3.73
N ILE A 80 -3.65 4.52 -2.44
CA ILE A 80 -3.66 3.40 -1.50
C ILE A 80 -5.08 2.90 -1.27
N ALA A 81 -5.23 1.57 -1.19
CA ALA A 81 -6.53 0.96 -0.98
C ALA A 81 -6.40 -0.34 -0.19
N LEU A 82 -7.31 -0.55 0.76
CA LEU A 82 -7.29 -1.76 1.57
C LEU A 82 -7.82 -2.95 0.79
N LYS A 83 -7.42 -4.15 1.21
CA LYS A 83 -7.86 -5.38 0.55
C LYS A 83 -9.14 -5.91 1.18
N SER A 84 -9.89 -6.68 0.40
CA SER A 84 -11.14 -7.26 0.89
C SER A 84 -11.07 -8.78 0.91
N PRO A 85 -10.68 -9.33 2.07
CA PRO A 85 -10.56 -10.79 2.25
C PRO A 85 -11.76 -11.54 1.67
N SER A 86 -11.51 -12.76 1.21
CA SER A 86 -12.55 -13.58 0.63
C SER A 86 -12.63 -14.94 1.33
N GLY A 87 -13.82 -15.55 1.29
CA GLY A 87 -14.00 -16.85 1.93
C GLY A 87 -14.95 -16.77 3.11
N PRO A 88 -16.23 -17.09 2.86
CA PRO A 88 -17.27 -17.06 3.90
C PRO A 88 -17.16 -18.25 4.85
N SER A 89 -16.45 -18.06 5.95
CA SER A 89 -16.27 -19.12 6.94
C SER A 89 -15.65 -18.57 8.22
N SER A 90 -16.00 -19.20 9.35
CA SER A 90 -15.49 -18.76 10.64
C SER A 90 -14.75 -19.89 11.34
N GLY A 91 -15.40 -21.06 11.39
CA GLY A 91 -14.79 -22.22 12.03
C GLY A 91 -14.14 -23.16 11.04
N GLY A 1 -12.00 2.26 9.95
CA GLY A 1 -13.43 1.97 9.90
C GLY A 1 -14.01 1.68 11.28
N SER A 2 -15.28 1.31 11.31
CA SER A 2 -15.95 1.01 12.57
C SER A 2 -16.06 -0.50 12.78
N SER A 3 -15.64 -1.26 11.78
CA SER A 3 -15.70 -2.72 11.85
C SER A 3 -14.36 -3.29 12.32
N GLY A 4 -14.33 -4.60 12.55
CA GLY A 4 -13.11 -5.25 13.01
C GLY A 4 -11.97 -5.10 12.01
N SER A 5 -10.87 -5.80 12.28
CA SER A 5 -9.71 -5.74 11.40
C SER A 5 -9.14 -7.13 11.17
N SER A 6 -8.46 -7.31 10.03
CA SER A 6 -7.87 -8.59 9.68
C SER A 6 -6.60 -8.39 8.85
N GLY A 7 -5.68 -9.36 8.95
CA GLY A 7 -4.43 -9.27 8.22
C GLY A 7 -3.85 -7.87 8.22
N GLY A 8 -3.00 -7.58 7.24
CA GLY A 8 -2.39 -6.27 7.16
C GLY A 8 -1.82 -5.98 5.79
N THR A 9 -2.52 -6.43 4.75
CA THR A 9 -2.09 -6.23 3.38
C THR A 9 -2.80 -5.03 2.74
N VAL A 10 -2.03 -4.05 2.30
CA VAL A 10 -2.58 -2.86 1.67
C VAL A 10 -2.10 -2.71 0.24
N LEU A 11 -2.99 -2.26 -0.64
CA LEU A 11 -2.66 -2.08 -2.04
C LEU A 11 -2.14 -0.66 -2.29
N VAL A 12 -1.15 -0.54 -3.17
CA VAL A 12 -0.57 0.75 -3.50
C VAL A 12 -0.23 0.83 -4.98
N SER A 13 -0.68 1.91 -5.63
CA SER A 13 -0.43 2.11 -7.05
C SER A 13 0.09 3.52 -7.32
N ILE A 14 0.73 3.70 -8.47
CA ILE A 14 1.27 5.00 -8.84
C ILE A 14 0.72 5.46 -10.18
N LYS A 15 -0.04 6.55 -10.16
CA LYS A 15 -0.64 7.10 -11.37
C LYS A 15 0.22 8.23 -11.93
N SER A 16 0.65 8.08 -13.18
CA SER A 16 1.47 9.08 -13.83
C SER A 16 0.87 9.50 -15.17
N SER A 17 1.33 10.64 -15.70
CA SER A 17 0.83 11.15 -16.97
C SER A 17 0.53 10.01 -17.93
N LEU A 18 1.57 9.28 -18.31
CA LEU A 18 1.42 8.15 -19.23
C LEU A 18 1.34 6.83 -18.47
N PRO A 19 0.76 5.81 -19.12
CA PRO A 19 0.61 4.47 -18.52
C PRO A 19 1.92 3.68 -18.56
N GLU A 20 2.78 4.02 -19.51
CA GLU A 20 4.07 3.34 -19.66
C GLU A 20 5.05 3.79 -18.58
N ASN A 21 4.56 4.62 -17.65
CA ASN A 21 5.40 5.12 -16.57
C ASN A 21 4.89 4.64 -15.22
N ASN A 22 4.00 3.65 -15.25
CA ASN A 22 3.44 3.09 -14.02
C ASN A 22 4.37 2.06 -13.40
N PHE A 23 5.67 2.30 -13.49
CA PHE A 23 6.66 1.39 -12.95
C PHE A 23 7.16 1.88 -11.59
N PHE A 24 7.43 0.92 -10.69
CA PHE A 24 7.92 1.25 -9.35
C PHE A 24 9.44 1.29 -9.32
N ASP A 25 10.00 2.49 -9.46
CA ASP A 25 11.45 2.67 -9.45
C ASP A 25 12.00 2.52 -8.03
N ASP A 26 13.29 2.29 -7.93
CA ASP A 26 13.94 2.13 -6.63
C ASP A 26 13.56 3.26 -5.69
N ALA A 27 13.71 4.50 -6.17
CA ALA A 27 13.37 5.67 -5.37
C ALA A 27 11.93 5.59 -4.86
N LEU A 28 11.00 5.33 -5.76
CA LEU A 28 9.59 5.23 -5.40
C LEU A 28 9.39 4.26 -4.23
N ILE A 29 9.93 3.07 -4.37
CA ILE A 29 9.82 2.05 -3.33
C ILE A 29 10.47 2.52 -2.03
N ASP A 30 11.75 2.85 -2.10
CA ASP A 30 12.50 3.32 -0.94
C ASP A 30 11.73 4.44 -0.22
N GLU A 31 11.55 5.55 -0.91
CA GLU A 31 10.84 6.69 -0.34
C GLU A 31 9.56 6.25 0.36
N LEU A 32 8.76 5.44 -0.33
CA LEU A 32 7.51 4.95 0.23
C LEU A 32 7.73 4.38 1.62
N LEU A 33 8.65 3.43 1.73
CA LEU A 33 8.96 2.80 3.01
C LEU A 33 8.88 3.81 4.15
N GLN A 34 9.74 4.82 4.10
CA GLN A 34 9.76 5.86 5.13
C GLN A 34 8.38 6.48 5.30
N GLN A 35 7.73 6.78 4.18
CA GLN A 35 6.40 7.38 4.22
C GLN A 35 5.43 6.51 5.01
N PHE A 36 5.57 5.19 4.87
CA PHE A 36 4.71 4.25 5.56
C PHE A 36 5.05 4.19 7.04
N ALA A 37 6.35 4.23 7.35
CA ALA A 37 6.80 4.19 8.73
C ALA A 37 6.13 5.26 9.57
N SER A 38 5.74 6.36 8.92
CA SER A 38 5.09 7.46 9.62
C SER A 38 4.00 6.95 10.56
N PHE A 39 3.39 5.83 10.17
CA PHE A 39 2.32 5.24 10.97
C PHE A 39 2.66 3.80 11.35
N GLY A 40 2.75 2.94 10.34
CA GLY A 40 3.07 1.54 10.58
C GLY A 40 4.43 1.16 10.06
N GLU A 41 5.11 0.27 10.76
CA GLU A 41 6.45 -0.19 10.35
C GLU A 41 6.35 -1.37 9.39
N VAL A 42 6.42 -1.08 8.10
CA VAL A 42 6.34 -2.11 7.08
C VAL A 42 7.36 -3.21 7.34
N ILE A 43 6.98 -4.45 7.03
CA ILE A 43 7.85 -5.60 7.24
C ILE A 43 8.08 -6.35 5.93
N LEU A 44 7.00 -6.61 5.20
CA LEU A 44 7.09 -7.31 3.93
C LEU A 44 6.30 -6.57 2.85
N ILE A 45 6.77 -6.71 1.60
CA ILE A 45 6.12 -6.06 0.47
C ILE A 45 5.97 -7.02 -0.70
N ARG A 46 4.80 -7.00 -1.33
CA ARG A 46 4.53 -7.87 -2.47
C ARG A 46 4.20 -7.05 -3.71
N PHE A 47 4.98 -7.23 -4.77
CA PHE A 47 4.76 -6.50 -6.01
C PHE A 47 3.78 -7.23 -6.91
N VAL A 48 2.64 -6.62 -7.18
CA VAL A 48 1.61 -7.22 -8.02
C VAL A 48 1.89 -6.93 -9.50
N GLU A 49 1.36 -7.79 -10.36
CA GLU A 49 1.54 -7.63 -11.80
C GLU A 49 1.59 -6.16 -12.19
N ASP A 50 0.59 -5.40 -11.74
CA ASP A 50 0.53 -3.97 -12.04
C ASP A 50 0.42 -3.16 -10.76
N LYS A 51 -0.12 -3.77 -9.71
CA LYS A 51 -0.26 -3.10 -8.42
C LYS A 51 0.89 -3.44 -7.49
N MET A 52 0.94 -2.78 -6.34
CA MET A 52 1.99 -3.01 -5.37
C MET A 52 1.42 -3.13 -3.96
N TRP A 53 1.38 -4.34 -3.43
CA TRP A 53 0.86 -4.57 -2.10
C TRP A 53 1.94 -4.36 -1.04
N VAL A 54 1.52 -4.01 0.17
CA VAL A 54 2.45 -3.78 1.27
C VAL A 54 1.92 -4.35 2.58
N THR A 55 2.73 -5.15 3.25
CA THR A 55 2.34 -5.76 4.51
C THR A 55 2.73 -4.89 5.69
N PHE A 56 1.98 -4.99 6.78
CA PHE A 56 2.25 -4.20 7.98
C PHE A 56 2.21 -5.08 9.23
N LEU A 57 3.11 -4.81 10.16
CA LEU A 57 3.18 -5.57 11.40
C LEU A 57 1.79 -6.01 11.86
N GLU A 58 0.95 -5.04 12.18
CA GLU A 58 -0.41 -5.32 12.64
C GLU A 58 -1.43 -4.72 11.68
N GLY A 59 -2.61 -5.35 11.59
CA GLY A 59 -3.64 -4.87 10.71
C GLY A 59 -3.97 -3.41 10.95
N SER A 60 -4.13 -3.03 12.22
CA SER A 60 -4.45 -1.67 12.59
C SER A 60 -3.50 -0.68 11.91
N SER A 61 -2.22 -1.04 11.87
CA SER A 61 -1.21 -0.19 11.25
C SER A 61 -1.54 0.07 9.78
N ALA A 62 -2.28 -0.85 9.18
CA ALA A 62 -2.66 -0.72 7.78
C ALA A 62 -3.88 0.19 7.63
N LEU A 63 -4.54 0.48 8.76
CA LEU A 63 -5.71 1.34 8.74
C LEU A 63 -5.33 2.80 8.89
N ASN A 64 -4.20 3.04 9.55
CA ASN A 64 -3.71 4.41 9.75
C ASN A 64 -2.95 4.90 8.52
N VAL A 65 -2.08 4.05 7.99
CA VAL A 65 -1.28 4.40 6.82
C VAL A 65 -2.18 4.87 5.68
N LEU A 66 -3.44 4.47 5.72
CA LEU A 66 -4.39 4.85 4.68
C LEU A 66 -4.38 6.36 4.46
N SER A 67 -3.98 7.10 5.49
CA SER A 67 -3.93 8.56 5.40
C SER A 67 -3.09 9.00 4.21
N LEU A 68 -2.29 8.08 3.68
CA LEU A 68 -1.43 8.36 2.53
C LEU A 68 -2.17 8.09 1.22
N ASN A 69 -3.48 7.97 1.30
CA ASN A 69 -4.29 7.71 0.12
C ASN A 69 -4.31 8.91 -0.82
N GLY A 70 -3.83 8.71 -2.05
CA GLY A 70 -3.79 9.79 -3.01
C GLY A 70 -2.50 10.58 -2.93
N LYS A 71 -1.94 10.68 -1.73
CA LYS A 71 -0.71 11.42 -1.54
C LYS A 71 0.22 11.29 -2.73
N GLU A 72 0.68 12.42 -3.25
CA GLU A 72 1.57 12.43 -4.40
C GLU A 72 3.02 12.54 -3.97
N LEU A 73 3.87 11.68 -4.52
CA LEU A 73 5.29 11.68 -4.18
C LEU A 73 6.14 11.49 -5.44
N LEU A 74 7.38 11.98 -5.38
CA LEU A 74 8.30 11.85 -6.50
C LEU A 74 7.57 12.08 -7.83
N ASN A 75 6.74 13.12 -7.87
CA ASN A 75 5.99 13.45 -9.07
C ASN A 75 5.15 12.26 -9.54
N ARG A 76 4.46 11.63 -8.59
CA ARG A 76 3.62 10.48 -8.90
C ARG A 76 2.50 10.33 -7.87
N THR A 77 1.26 10.36 -8.36
CA THR A 77 0.10 10.22 -7.49
C THR A 77 -0.07 8.80 -6.99
N ILE A 78 0.21 8.57 -5.71
CA ILE A 78 0.09 7.24 -5.12
C ILE A 78 -1.31 7.01 -4.58
N THR A 79 -1.90 5.87 -4.94
CA THR A 79 -3.24 5.52 -4.49
C THR A 79 -3.22 4.28 -3.61
N ILE A 80 -3.66 4.42 -2.37
CA ILE A 80 -3.70 3.31 -1.43
C ILE A 80 -5.12 2.78 -1.27
N ALA A 81 -5.25 1.45 -1.18
CA ALA A 81 -6.54 0.82 -1.02
C ALA A 81 -6.43 -0.48 -0.23
N LEU A 82 -7.34 -0.69 0.71
CA LEU A 82 -7.33 -1.90 1.52
C LEU A 82 -7.75 -3.12 0.70
N LYS A 83 -7.30 -4.29 1.13
CA LYS A 83 -7.61 -5.53 0.44
C LYS A 83 -8.93 -6.11 0.93
N SER A 84 -9.64 -6.79 0.04
CA SER A 84 -10.92 -7.39 0.39
C SER A 84 -10.90 -8.90 0.16
N PRO A 85 -10.29 -9.64 1.11
CA PRO A 85 -10.18 -11.10 1.02
C PRO A 85 -11.50 -11.75 0.61
N SER A 86 -11.39 -12.86 -0.13
CA SER A 86 -12.56 -13.58 -0.59
C SER A 86 -13.67 -13.57 0.46
N GLY A 87 -13.33 -14.00 1.67
CA GLY A 87 -14.31 -14.03 2.74
C GLY A 87 -13.95 -15.02 3.83
N PRO A 88 -13.28 -14.52 4.89
CA PRO A 88 -12.86 -15.35 6.03
C PRO A 88 -14.02 -15.71 6.94
N SER A 89 -14.13 -16.99 7.26
CA SER A 89 -15.20 -17.47 8.14
C SER A 89 -14.93 -18.89 8.60
N SER A 90 -15.24 -19.16 9.87
CA SER A 90 -15.02 -20.48 10.45
C SER A 90 -15.54 -21.57 9.53
N GLY A 91 -16.84 -21.51 9.24
CA GLY A 91 -17.45 -22.50 8.37
C GLY A 91 -18.58 -23.26 9.05
N GLY A 1 -12.54 -10.87 6.24
CA GLY A 1 -11.76 -9.92 7.00
C GLY A 1 -12.52 -8.63 7.28
N SER A 2 -13.57 -8.73 8.09
CA SER A 2 -14.39 -7.57 8.44
C SER A 2 -13.66 -6.68 9.45
N SER A 3 -12.77 -5.82 8.94
CA SER A 3 -12.02 -4.92 9.78
C SER A 3 -11.48 -5.65 11.01
N GLY A 4 -10.98 -6.86 10.80
CA GLY A 4 -10.45 -7.64 11.91
C GLY A 4 -8.94 -7.60 11.96
N SER A 5 -8.38 -7.85 13.14
CA SER A 5 -6.94 -7.83 13.32
C SER A 5 -6.22 -8.47 12.13
N SER A 6 -6.67 -9.66 11.75
CA SER A 6 -6.09 -10.37 10.62
C SER A 6 -6.28 -9.59 9.32
N GLY A 7 -5.29 -9.66 8.44
CA GLY A 7 -5.37 -8.96 7.17
C GLY A 7 -4.70 -7.60 7.22
N GLY A 8 -3.40 -7.57 6.95
CA GLY A 8 -2.66 -6.31 6.97
C GLY A 8 -2.03 -6.00 5.64
N THR A 9 -2.69 -6.37 4.55
CA THR A 9 -2.17 -6.13 3.21
C THR A 9 -2.87 -4.95 2.56
N VAL A 10 -2.09 -3.93 2.22
CA VAL A 10 -2.63 -2.72 1.59
C VAL A 10 -2.14 -2.59 0.16
N LEU A 11 -3.03 -2.16 -0.73
CA LEU A 11 -2.69 -1.98 -2.14
C LEU A 11 -2.21 -0.57 -2.41
N VAL A 12 -1.21 -0.43 -3.29
CA VAL A 12 -0.67 0.87 -3.64
C VAL A 12 -0.37 0.96 -5.12
N SER A 13 -0.93 1.96 -5.79
CA SER A 13 -0.71 2.16 -7.22
C SER A 13 -0.25 3.58 -7.51
N ILE A 14 0.46 3.75 -8.62
CA ILE A 14 0.95 5.05 -9.02
C ILE A 14 0.43 5.45 -10.39
N LYS A 15 0.38 6.75 -10.65
CA LYS A 15 -0.10 7.27 -11.93
C LYS A 15 1.06 7.64 -12.84
N SER A 16 1.25 6.84 -13.89
CA SER A 16 2.33 7.07 -14.84
C SER A 16 1.85 6.82 -16.27
N SER A 17 2.10 7.79 -17.15
CA SER A 17 1.70 7.68 -18.54
C SER A 17 2.20 6.38 -19.15
N LEU A 18 3.50 6.33 -19.43
CA LEU A 18 4.11 5.14 -20.01
C LEU A 18 4.04 3.95 -19.06
N PRO A 19 3.98 2.74 -19.61
CA PRO A 19 3.90 1.51 -18.82
C PRO A 19 5.25 1.13 -18.20
N GLU A 20 6.33 1.57 -18.85
CA GLU A 20 7.67 1.27 -18.36
C GLU A 20 7.97 2.04 -17.07
N ASN A 21 7.00 2.85 -16.64
CA ASN A 21 7.15 3.63 -15.43
C ASN A 21 6.11 3.25 -14.39
N ASN A 22 5.09 2.51 -14.83
CA ASN A 22 4.03 2.07 -13.94
C ASN A 22 4.57 1.13 -12.87
N PHE A 23 5.82 0.74 -13.01
CA PHE A 23 6.46 -0.16 -12.06
C PHE A 23 7.22 0.63 -10.99
N PHE A 24 6.94 0.30 -9.73
CA PHE A 24 7.59 0.98 -8.61
C PHE A 24 9.10 0.76 -8.64
N ASP A 25 9.86 1.84 -8.73
CA ASP A 25 11.31 1.76 -8.76
C ASP A 25 11.89 1.91 -7.36
N ASP A 26 13.22 1.89 -7.28
CA ASP A 26 13.91 2.01 -6.00
C ASP A 26 13.48 3.29 -5.28
N ALA A 27 13.39 4.38 -6.04
CA ALA A 27 13.00 5.67 -5.47
C ALA A 27 11.56 5.64 -4.97
N LEU A 28 10.63 5.31 -5.87
CA LEU A 28 9.21 5.23 -5.52
C LEU A 28 9.01 4.39 -4.26
N ILE A 29 9.66 3.24 -4.22
CA ILE A 29 9.55 2.34 -3.08
C ILE A 29 10.28 2.91 -1.87
N ASP A 30 11.60 3.03 -1.97
CA ASP A 30 12.41 3.57 -0.89
C ASP A 30 11.68 4.71 -0.17
N GLU A 31 11.36 5.75 -0.92
CA GLU A 31 10.66 6.91 -0.35
C GLU A 31 9.41 6.47 0.40
N LEU A 32 8.56 5.69 -0.27
CA LEU A 32 7.33 5.21 0.33
C LEU A 32 7.60 4.60 1.69
N LEU A 33 8.49 3.62 1.73
CA LEU A 33 8.84 2.94 2.98
C LEU A 33 8.81 3.92 4.16
N GLN A 34 9.61 4.98 4.05
CA GLN A 34 9.68 5.99 5.10
C GLN A 34 8.31 6.61 5.35
N GLN A 35 7.58 6.86 4.28
CA GLN A 35 6.24 7.45 4.37
C GLN A 35 5.30 6.55 5.17
N PHE A 36 5.44 5.24 4.96
CA PHE A 36 4.61 4.27 5.66
C PHE A 36 4.97 4.19 7.14
N ALA A 37 6.26 4.33 7.43
CA ALA A 37 6.75 4.27 8.80
C ALA A 37 6.09 5.35 9.65
N SER A 38 5.82 6.50 9.04
CA SER A 38 5.20 7.61 9.76
C SER A 38 4.00 7.14 10.57
N PHE A 39 3.39 6.05 10.12
CA PHE A 39 2.22 5.49 10.79
C PHE A 39 2.48 4.06 11.23
N GLY A 40 2.66 3.17 10.26
CA GLY A 40 2.91 1.77 10.56
C GLY A 40 4.22 1.28 9.97
N GLU A 41 4.83 0.30 10.62
CA GLU A 41 6.09 -0.26 10.15
C GLU A 41 5.85 -1.36 9.12
N VAL A 42 6.68 -1.40 8.09
CA VAL A 42 6.55 -2.40 7.04
C VAL A 42 7.47 -3.59 7.31
N ILE A 43 6.98 -4.78 6.99
CA ILE A 43 7.76 -6.00 7.20
C ILE A 43 7.95 -6.75 5.89
N LEU A 44 6.91 -6.80 5.07
CA LEU A 44 6.97 -7.47 3.78
C LEU A 44 6.24 -6.68 2.71
N ILE A 45 6.82 -6.64 1.52
CA ILE A 45 6.23 -5.92 0.40
C ILE A 45 6.11 -6.80 -0.83
N ARG A 46 4.92 -6.83 -1.42
CA ARG A 46 4.67 -7.64 -2.61
C ARG A 46 4.32 -6.76 -3.80
N PHE A 47 5.06 -6.92 -4.89
CA PHE A 47 4.84 -6.14 -6.10
C PHE A 47 3.93 -6.90 -7.07
N VAL A 48 2.75 -6.36 -7.32
CA VAL A 48 1.79 -6.99 -8.22
C VAL A 48 2.09 -6.61 -9.67
N GLU A 49 1.63 -7.44 -10.60
CA GLU A 49 1.85 -7.20 -12.03
C GLU A 49 1.83 -5.70 -12.33
N ASP A 50 0.80 -5.02 -11.86
CA ASP A 50 0.65 -3.58 -12.07
C ASP A 50 0.47 -2.84 -10.76
N LYS A 51 -0.05 -3.55 -9.76
CA LYS A 51 -0.28 -2.96 -8.44
C LYS A 51 0.86 -3.30 -7.49
N MET A 52 0.86 -2.66 -6.34
CA MET A 52 1.90 -2.90 -5.33
C MET A 52 1.28 -3.12 -3.95
N TRP A 53 1.38 -4.34 -3.45
CA TRP A 53 0.84 -4.67 -2.13
C TRP A 53 1.88 -4.49 -1.05
N VAL A 54 1.45 -4.04 0.13
CA VAL A 54 2.35 -3.82 1.25
C VAL A 54 1.79 -4.45 2.52
N THR A 55 2.67 -5.13 3.26
CA THR A 55 2.27 -5.77 4.51
C THR A 55 2.84 -5.04 5.72
N PHE A 56 2.11 -5.07 6.82
CA PHE A 56 2.55 -4.41 8.05
C PHE A 56 2.48 -5.38 9.24
N LEU A 57 3.34 -5.14 10.22
CA LEU A 57 3.39 -5.99 11.41
C LEU A 57 1.98 -6.33 11.89
N GLU A 58 1.22 -5.31 12.27
CA GLU A 58 -0.14 -5.51 12.74
C GLU A 58 -1.15 -5.07 11.69
N GLY A 59 -2.43 -5.35 11.95
CA GLY A 59 -3.48 -4.98 11.01
C GLY A 59 -3.83 -3.51 11.09
N SER A 60 -3.96 -3.00 12.31
CA SER A 60 -4.30 -1.60 12.51
C SER A 60 -3.29 -0.69 11.83
N SER A 61 -2.04 -1.15 11.74
CA SER A 61 -0.98 -0.38 11.12
C SER A 61 -1.33 -0.05 9.67
N ALA A 62 -2.03 -0.97 9.01
CA ALA A 62 -2.42 -0.78 7.62
C ALA A 62 -3.56 0.24 7.51
N LEU A 63 -4.27 0.44 8.61
CA LEU A 63 -5.39 1.39 8.64
C LEU A 63 -4.89 2.81 8.87
N ASN A 64 -3.74 2.93 9.51
CA ASN A 64 -3.16 4.25 9.79
C ASN A 64 -2.44 4.79 8.55
N VAL A 65 -1.72 3.91 7.85
CA VAL A 65 -0.99 4.31 6.66
C VAL A 65 -1.94 4.82 5.58
N LEU A 66 -3.21 4.43 5.68
CA LEU A 66 -4.22 4.85 4.70
C LEU A 66 -4.19 6.37 4.52
N SER A 67 -3.72 7.08 5.53
CA SER A 67 -3.64 8.53 5.48
C SER A 67 -2.83 8.99 4.27
N LEU A 68 -2.11 8.05 3.66
CA LEU A 68 -1.30 8.35 2.49
C LEU A 68 -2.07 8.10 1.20
N ASN A 69 -3.39 8.01 1.32
CA ASN A 69 -4.24 7.77 0.17
C ASN A 69 -4.29 9.00 -0.75
N GLY A 70 -3.86 8.83 -1.98
CA GLY A 70 -3.86 9.93 -2.93
C GLY A 70 -2.58 10.75 -2.86
N LYS A 71 -1.92 10.73 -1.71
CA LYS A 71 -0.69 11.48 -1.52
C LYS A 71 0.21 11.37 -2.75
N GLU A 72 0.64 12.52 -3.27
CA GLU A 72 1.50 12.55 -4.44
C GLU A 72 2.97 12.65 -4.03
N LEU A 73 3.77 11.71 -4.51
CA LEU A 73 5.20 11.69 -4.19
C LEU A 73 6.03 11.49 -5.45
N LEU A 74 7.25 12.01 -5.43
CA LEU A 74 8.15 11.88 -6.58
C LEU A 74 7.40 12.09 -7.89
N ASN A 75 6.62 13.17 -7.96
CA ASN A 75 5.85 13.48 -9.16
C ASN A 75 5.04 12.26 -9.61
N ARG A 76 4.53 11.51 -8.65
CA ARG A 76 3.74 10.32 -8.95
C ARG A 76 2.59 10.16 -7.94
N THR A 77 1.38 10.46 -8.39
CA THR A 77 0.20 10.35 -7.54
C THR A 77 -0.05 8.90 -7.13
N ILE A 78 0.12 8.61 -5.85
CA ILE A 78 -0.10 7.26 -5.33
C ILE A 78 -1.53 7.08 -4.82
N THR A 79 -2.04 5.86 -4.93
CA THR A 79 -3.39 5.56 -4.47
C THR A 79 -3.42 4.31 -3.62
N ILE A 80 -3.64 4.49 -2.32
CA ILE A 80 -3.69 3.36 -1.39
C ILE A 80 -5.12 2.87 -1.21
N ALA A 81 -5.28 1.54 -1.16
CA ALA A 81 -6.59 0.93 -0.99
C ALA A 81 -6.48 -0.40 -0.27
N LEU A 82 -7.37 -0.62 0.70
CA LEU A 82 -7.37 -1.86 1.47
C LEU A 82 -7.78 -3.04 0.60
N LYS A 83 -7.34 -4.23 0.99
CA LYS A 83 -7.66 -5.44 0.24
C LYS A 83 -8.99 -6.02 0.71
N SER A 84 -9.98 -6.00 -0.17
CA SER A 84 -11.31 -6.52 0.14
C SER A 84 -11.96 -7.16 -1.09
N PRO A 85 -12.71 -8.25 -0.86
CA PRO A 85 -13.39 -8.97 -1.94
C PRO A 85 -14.13 -8.04 -2.89
N SER A 86 -14.90 -7.11 -2.32
CA SER A 86 -15.66 -6.16 -3.11
C SER A 86 -15.49 -4.74 -2.59
N GLY A 87 -15.17 -3.82 -3.48
CA GLY A 87 -14.97 -2.42 -3.08
C GLY A 87 -16.24 -1.79 -2.56
N PRO A 88 -17.19 -1.53 -3.48
CA PRO A 88 -18.48 -0.92 -3.14
C PRO A 88 -19.11 -1.54 -1.90
N SER A 89 -18.97 -0.87 -0.76
CA SER A 89 -19.53 -1.36 0.49
C SER A 89 -21.03 -1.60 0.36
N SER A 90 -21.52 -2.63 1.05
CA SER A 90 -22.95 -2.97 1.01
C SER A 90 -23.39 -3.60 2.32
N GLY A 91 -24.70 -3.74 2.49
CA GLY A 91 -25.23 -4.34 3.71
C GLY A 91 -25.82 -5.71 3.47
N GLY A 1 -18.27 -3.62 17.07
CA GLY A 1 -17.77 -4.27 18.26
C GLY A 1 -16.38 -4.84 18.08
N SER A 2 -16.31 -6.10 17.68
CA SER A 2 -15.02 -6.76 17.46
C SER A 2 -15.14 -7.87 16.42
N SER A 3 -14.00 -8.31 15.89
CA SER A 3 -13.98 -9.36 14.88
C SER A 3 -12.64 -10.08 14.88
N GLY A 4 -12.61 -11.25 14.25
CA GLY A 4 -11.39 -12.03 14.19
C GLY A 4 -10.73 -12.00 12.82
N SER A 5 -10.53 -10.79 12.30
CA SER A 5 -9.92 -10.63 10.99
C SER A 5 -8.41 -10.81 11.07
N SER A 6 -7.76 -10.87 9.90
CA SER A 6 -6.32 -11.05 9.84
C SER A 6 -5.80 -10.76 8.43
N GLY A 7 -4.71 -10.00 8.36
CA GLY A 7 -4.13 -9.67 7.06
C GLY A 7 -3.97 -8.18 6.87
N GLY A 8 -2.77 -7.68 7.11
CA GLY A 8 -2.50 -6.25 6.95
C GLY A 8 -1.88 -5.92 5.61
N THR A 9 -2.53 -6.36 4.53
CA THR A 9 -2.04 -6.10 3.19
C THR A 9 -2.75 -4.90 2.56
N VAL A 10 -1.97 -3.89 2.20
CA VAL A 10 -2.52 -2.69 1.59
C VAL A 10 -2.06 -2.55 0.15
N LEU A 11 -2.97 -2.14 -0.73
CA LEU A 11 -2.67 -1.97 -2.14
C LEU A 11 -2.19 -0.55 -2.43
N VAL A 12 -1.24 -0.41 -3.34
CA VAL A 12 -0.70 0.90 -3.71
C VAL A 12 -0.42 0.98 -5.19
N SER A 13 -0.91 2.04 -5.83
CA SER A 13 -0.71 2.23 -7.26
C SER A 13 -0.17 3.63 -7.55
N ILE A 14 0.56 3.76 -8.65
CA ILE A 14 1.13 5.05 -9.05
C ILE A 14 0.64 5.46 -10.42
N LYS A 15 0.39 6.76 -10.58
CA LYS A 15 -0.08 7.31 -11.85
C LYS A 15 1.09 7.61 -12.78
N SER A 16 1.24 6.82 -13.84
CA SER A 16 2.32 7.02 -14.79
C SER A 16 1.76 7.15 -16.21
N SER A 17 2.59 7.71 -17.10
CA SER A 17 2.18 7.90 -18.49
C SER A 17 2.67 6.76 -19.37
N LEU A 18 3.90 6.29 -19.10
CA LEU A 18 4.49 5.20 -19.86
C LEU A 18 4.33 3.88 -19.13
N PRO A 19 4.25 2.77 -19.90
CA PRO A 19 4.10 1.43 -19.34
C PRO A 19 5.40 0.90 -18.74
N GLU A 20 6.50 1.57 -19.04
CA GLU A 20 7.81 1.17 -18.53
C GLU A 20 8.15 1.93 -17.26
N ASN A 21 7.16 2.62 -16.70
CA ASN A 21 7.35 3.39 -15.47
C ASN A 21 6.38 2.93 -14.39
N ASN A 22 5.24 2.39 -14.80
CA ASN A 22 4.24 1.93 -13.87
C ASN A 22 4.86 1.06 -12.78
N PHE A 23 5.96 0.40 -13.12
CA PHE A 23 6.67 -0.45 -12.17
C PHE A 23 7.42 0.38 -11.14
N PHE A 24 7.02 0.26 -9.88
CA PHE A 24 7.65 1.00 -8.79
C PHE A 24 9.17 0.82 -8.83
N ASP A 25 9.89 1.92 -8.98
CA ASP A 25 11.34 1.88 -9.03
C ASP A 25 11.94 1.89 -7.62
N ASP A 26 13.26 1.85 -7.54
CA ASP A 26 13.95 1.84 -6.26
C ASP A 26 13.60 3.10 -5.46
N ALA A 27 13.63 4.25 -6.13
CA ALA A 27 13.32 5.51 -5.49
C ALA A 27 11.91 5.51 -4.93
N LEU A 28 10.92 5.33 -5.80
CA LEU A 28 9.52 5.31 -5.40
C LEU A 28 9.33 4.45 -4.15
N ILE A 29 9.88 3.24 -4.19
CA ILE A 29 9.77 2.31 -3.07
C ILE A 29 10.48 2.87 -1.83
N ASP A 30 11.75 3.24 -2.00
CA ASP A 30 12.54 3.78 -0.91
C ASP A 30 11.74 4.84 -0.15
N GLU A 31 11.30 5.86 -0.86
CA GLU A 31 10.53 6.95 -0.25
C GLU A 31 9.29 6.40 0.46
N LEU A 32 8.51 5.59 -0.25
CA LEU A 32 7.30 5.00 0.32
C LEU A 32 7.57 4.44 1.71
N LEU A 33 8.52 3.51 1.79
CA LEU A 33 8.87 2.89 3.06
C LEU A 33 8.81 3.90 4.20
N GLN A 34 9.65 4.93 4.12
CA GLN A 34 9.69 5.96 5.14
C GLN A 34 8.31 6.56 5.36
N GLN A 35 7.62 6.85 4.26
CA GLN A 35 6.28 7.43 4.33
C GLN A 35 5.34 6.54 5.13
N PHE A 36 5.48 5.22 4.97
CA PHE A 36 4.64 4.27 5.67
C PHE A 36 5.03 4.19 7.15
N ALA A 37 6.33 4.30 7.42
CA ALA A 37 6.84 4.23 8.78
C ALA A 37 6.18 5.31 9.65
N SER A 38 5.86 6.45 9.04
CA SER A 38 5.24 7.55 9.76
C SER A 38 4.01 7.07 10.53
N PHE A 39 3.50 5.91 10.14
CA PHE A 39 2.32 5.34 10.79
C PHE A 39 2.60 3.93 11.28
N GLY A 40 2.97 3.05 10.35
CA GLY A 40 3.26 1.67 10.70
C GLY A 40 4.54 1.16 10.05
N GLU A 41 5.20 0.22 10.71
CA GLU A 41 6.44 -0.34 10.21
C GLU A 41 6.17 -1.45 9.19
N VAL A 42 6.89 -1.42 8.07
CA VAL A 42 6.72 -2.41 7.02
C VAL A 42 7.63 -3.62 7.26
N ILE A 43 7.12 -4.80 6.93
CA ILE A 43 7.89 -6.03 7.10
C ILE A 43 8.04 -6.77 5.78
N LEU A 44 6.95 -6.89 5.04
CA LEU A 44 6.96 -7.57 3.75
C LEU A 44 6.27 -6.73 2.68
N ILE A 45 6.78 -6.82 1.44
CA ILE A 45 6.21 -6.07 0.33
C ILE A 45 6.09 -6.94 -0.91
N ARG A 46 4.88 -7.05 -1.44
CA ARG A 46 4.64 -7.85 -2.63
C ARG A 46 4.28 -6.97 -3.81
N PHE A 47 5.04 -7.09 -4.90
CA PHE A 47 4.80 -6.30 -6.10
C PHE A 47 3.80 -7.00 -7.02
N VAL A 48 2.67 -6.34 -7.26
CA VAL A 48 1.63 -6.89 -8.12
C VAL A 48 1.90 -6.56 -9.58
N GLU A 49 1.33 -7.36 -10.47
CA GLU A 49 1.51 -7.15 -11.91
C GLU A 49 1.61 -5.66 -12.24
N ASP A 50 0.61 -4.90 -11.78
CA ASP A 50 0.59 -3.46 -12.02
C ASP A 50 0.48 -2.69 -10.71
N LYS A 51 0.00 -3.37 -9.67
CA LYS A 51 -0.15 -2.76 -8.35
C LYS A 51 0.99 -3.16 -7.43
N MET A 52 1.03 -2.55 -6.25
CA MET A 52 2.07 -2.84 -5.27
C MET A 52 1.47 -3.04 -3.88
N TRP A 53 1.57 -4.25 -3.37
CA TRP A 53 1.04 -4.58 -2.05
C TRP A 53 2.10 -4.38 -0.97
N VAL A 54 1.66 -3.95 0.21
CA VAL A 54 2.57 -3.71 1.33
C VAL A 54 2.00 -4.27 2.63
N THR A 55 2.75 -5.18 3.25
CA THR A 55 2.33 -5.79 4.50
C THR A 55 2.82 -5.00 5.70
N PHE A 56 2.08 -5.04 6.80
CA PHE A 56 2.44 -4.33 8.01
C PHE A 56 2.37 -5.25 9.22
N LEU A 57 3.29 -5.04 10.16
CA LEU A 57 3.33 -5.86 11.37
C LEU A 57 1.92 -6.25 11.82
N GLU A 58 1.10 -5.24 12.10
CA GLU A 58 -0.27 -5.49 12.54
C GLU A 58 -1.27 -4.90 11.55
N GLY A 59 -2.54 -5.24 11.72
CA GLY A 59 -3.58 -4.74 10.83
C GLY A 59 -3.85 -3.26 11.04
N SER A 60 -4.04 -2.87 12.29
CA SER A 60 -4.33 -1.48 12.62
C SER A 60 -3.30 -0.55 11.97
N SER A 61 -2.09 -1.06 11.77
CA SER A 61 -1.03 -0.28 11.16
C SER A 61 -1.36 0.04 9.70
N ALA A 62 -2.06 -0.88 9.04
CA ALA A 62 -2.44 -0.70 7.65
C ALA A 62 -3.68 0.17 7.52
N LEU A 63 -4.36 0.37 8.64
CA LEU A 63 -5.58 1.18 8.66
C LEU A 63 -5.25 2.65 8.87
N ASN A 64 -4.15 2.92 9.58
CA ASN A 64 -3.73 4.28 9.85
C ASN A 64 -2.95 4.85 8.66
N VAL A 65 -2.14 4.01 8.03
CA VAL A 65 -1.34 4.43 6.88
C VAL A 65 -2.23 4.89 5.74
N LEU A 66 -3.51 4.54 5.81
CA LEU A 66 -4.46 4.92 4.77
C LEU A 66 -4.44 6.43 4.53
N SER A 67 -4.04 7.18 5.55
CA SER A 67 -3.97 8.63 5.45
C SER A 67 -3.14 9.05 4.25
N LEU A 68 -2.37 8.12 3.72
CA LEU A 68 -1.52 8.39 2.57
C LEU A 68 -2.26 8.12 1.26
N ASN A 69 -3.58 7.99 1.36
CA ASN A 69 -4.41 7.73 0.18
C ASN A 69 -4.44 8.94 -0.74
N GLY A 70 -3.93 8.77 -1.95
CA GLY A 70 -3.92 9.88 -2.90
C GLY A 70 -2.65 10.70 -2.82
N LYS A 71 -2.03 10.69 -1.65
CA LYS A 71 -0.79 11.45 -1.44
C LYS A 71 0.11 11.36 -2.66
N GLU A 72 0.55 12.52 -3.16
CA GLU A 72 1.42 12.56 -4.33
C GLU A 72 2.88 12.63 -3.91
N LEU A 73 3.70 11.78 -4.50
CA LEU A 73 5.13 11.74 -4.19
C LEU A 73 5.96 11.51 -5.45
N LEU A 74 7.20 11.98 -5.44
CA LEU A 74 8.10 11.82 -6.57
C LEU A 74 7.36 12.06 -7.89
N ASN A 75 6.61 13.15 -7.94
CA ASN A 75 5.85 13.49 -9.15
C ASN A 75 5.06 12.29 -9.65
N ARG A 76 4.45 11.56 -8.72
CA ARG A 76 3.67 10.38 -9.08
C ARG A 76 2.52 10.17 -8.08
N THR A 77 1.30 10.42 -8.53
CA THR A 77 0.13 10.27 -7.67
C THR A 77 -0.01 8.83 -7.19
N ILE A 78 0.03 8.64 -5.87
CA ILE A 78 -0.09 7.31 -5.29
C ILE A 78 -1.48 7.09 -4.72
N THR A 79 -2.06 5.93 -5.01
CA THR A 79 -3.39 5.59 -4.52
C THR A 79 -3.36 4.34 -3.66
N ILE A 80 -3.76 4.48 -2.40
CA ILE A 80 -3.78 3.35 -1.48
C ILE A 80 -5.20 2.81 -1.30
N ALA A 81 -5.30 1.49 -1.20
CA ALA A 81 -6.59 0.83 -1.03
C ALA A 81 -6.45 -0.47 -0.25
N LEU A 82 -7.30 -0.65 0.75
CA LEU A 82 -7.27 -1.86 1.57
C LEU A 82 -7.76 -3.07 0.78
N LYS A 83 -7.36 -4.25 1.24
CA LYS A 83 -7.76 -5.49 0.57
C LYS A 83 -8.95 -6.13 1.28
N SER A 84 -9.83 -6.75 0.49
CA SER A 84 -11.01 -7.41 1.04
C SER A 84 -10.72 -8.00 2.42
N PRO A 85 -11.07 -7.25 3.48
CA PRO A 85 -10.85 -7.67 4.86
C PRO A 85 -11.87 -8.70 5.31
N SER A 86 -12.18 -9.65 4.45
CA SER A 86 -13.15 -10.70 4.75
C SER A 86 -12.81 -11.37 6.08
N GLY A 87 -11.53 -11.68 6.28
CA GLY A 87 -11.10 -12.31 7.52
C GLY A 87 -11.23 -13.82 7.45
N PRO A 88 -10.12 -14.49 7.09
CA PRO A 88 -10.09 -15.96 6.99
C PRO A 88 -9.99 -16.63 8.36
N SER A 89 -10.81 -17.65 8.57
CA SER A 89 -10.82 -18.38 9.83
C SER A 89 -9.60 -19.28 9.95
N SER A 90 -9.37 -19.80 11.16
CA SER A 90 -8.23 -20.67 11.40
C SER A 90 -8.34 -21.95 10.58
N GLY A 91 -7.23 -22.67 10.45
CA GLY A 91 -7.21 -23.91 9.70
C GLY A 91 -7.55 -23.68 8.23
N GLY A 1 -9.40 -1.04 22.41
CA GLY A 1 -10.18 -2.25 22.40
C GLY A 1 -11.50 -2.09 21.70
N SER A 2 -11.48 -2.15 20.37
CA SER A 2 -12.68 -2.00 19.57
C SER A 2 -12.71 -3.01 18.42
N SER A 3 -13.85 -3.09 17.73
CA SER A 3 -14.00 -4.01 16.62
C SER A 3 -13.07 -3.64 15.47
N GLY A 4 -12.08 -4.48 15.22
CA GLY A 4 -11.13 -4.21 14.15
C GLY A 4 -10.85 -5.44 13.32
N SER A 5 -9.96 -6.30 13.80
CA SER A 5 -9.60 -7.52 13.09
C SER A 5 -9.63 -7.29 11.58
N SER A 6 -9.17 -6.11 11.15
CA SER A 6 -9.15 -5.77 9.74
C SER A 6 -7.86 -5.04 9.38
N GLY A 7 -7.30 -5.37 8.22
CA GLY A 7 -6.06 -4.75 7.78
C GLY A 7 -4.98 -5.76 7.44
N GLY A 8 -3.77 -5.28 7.23
CA GLY A 8 -2.66 -6.16 6.89
C GLY A 8 -2.06 -5.84 5.54
N THR A 9 -2.65 -6.39 4.48
CA THR A 9 -2.17 -6.17 3.13
C THR A 9 -2.88 -5.00 2.47
N VAL A 10 -2.14 -3.95 2.15
CA VAL A 10 -2.70 -2.77 1.51
C VAL A 10 -2.20 -2.63 0.08
N LEU A 11 -3.08 -2.16 -0.81
CA LEU A 11 -2.74 -1.98 -2.21
C LEU A 11 -2.21 -0.57 -2.46
N VAL A 12 -1.28 -0.44 -3.40
CA VAL A 12 -0.70 0.86 -3.74
C VAL A 12 -0.34 0.93 -5.22
N SER A 13 -0.86 1.95 -5.89
CA SER A 13 -0.59 2.13 -7.32
C SER A 13 -0.05 3.52 -7.59
N ILE A 14 0.69 3.66 -8.69
CA ILE A 14 1.28 4.94 -9.06
C ILE A 14 0.80 5.38 -10.45
N LYS A 15 0.47 6.66 -10.57
CA LYS A 15 0.01 7.20 -11.85
C LYS A 15 1.18 7.68 -12.70
N SER A 16 1.40 7.02 -13.82
CA SER A 16 2.49 7.39 -14.73
C SER A 16 1.97 7.63 -16.14
N SER A 17 2.51 8.65 -16.79
CA SER A 17 2.10 8.99 -18.15
C SER A 17 1.94 7.74 -19.00
N LEU A 18 3.03 7.03 -19.21
CA LEU A 18 3.02 5.81 -20.01
C LEU A 18 2.90 4.57 -19.11
N PRO A 19 2.12 3.59 -19.57
CA PRO A 19 1.90 2.34 -18.83
C PRO A 19 3.21 1.71 -18.38
N GLU A 20 4.20 1.69 -19.28
CA GLU A 20 5.49 1.10 -18.96
C GLU A 20 6.11 1.78 -17.74
N ASN A 21 5.57 2.93 -17.36
CA ASN A 21 6.06 3.67 -16.21
C ASN A 21 5.21 3.39 -14.98
N ASN A 22 4.40 2.34 -15.05
CA ASN A 22 3.53 1.96 -13.93
C ASN A 22 4.29 1.13 -12.91
N PHE A 23 5.48 0.67 -13.29
CA PHE A 23 6.31 -0.14 -12.41
C PHE A 23 6.98 0.73 -11.35
N PHE A 24 6.83 0.34 -10.09
CA PHE A 24 7.42 1.08 -8.99
C PHE A 24 8.94 1.06 -9.06
N ASP A 25 9.55 2.23 -9.01
CA ASP A 25 11.01 2.34 -9.07
C ASP A 25 11.60 2.36 -7.67
N ASP A 26 12.89 2.03 -7.58
CA ASP A 26 13.59 2.00 -6.29
C ASP A 26 13.27 3.26 -5.48
N ALA A 27 13.39 4.42 -6.12
CA ALA A 27 13.11 5.68 -5.46
C ALA A 27 11.72 5.69 -4.84
N LEU A 28 10.72 5.34 -5.65
CA LEU A 28 9.33 5.31 -5.18
C LEU A 28 9.20 4.45 -3.93
N ILE A 29 9.68 3.21 -4.02
CA ILE A 29 9.63 2.29 -2.89
C ILE A 29 10.38 2.84 -1.69
N ASP A 30 11.69 3.02 -1.85
CA ASP A 30 12.52 3.55 -0.78
C ASP A 30 11.83 4.70 -0.06
N GLU A 31 11.35 5.67 -0.83
CA GLU A 31 10.67 6.83 -0.27
C GLU A 31 9.41 6.40 0.48
N LEU A 32 8.64 5.51 -0.13
CA LEU A 32 7.41 5.01 0.48
C LEU A 32 7.68 4.41 1.87
N LEU A 33 8.55 3.42 1.90
CA LEU A 33 8.91 2.76 3.16
C LEU A 33 8.91 3.76 4.31
N GLN A 34 9.58 4.89 4.11
CA GLN A 34 9.66 5.92 5.13
C GLN A 34 8.29 6.53 5.41
N GLN A 35 7.57 6.87 4.34
CA GLN A 35 6.23 7.45 4.47
C GLN A 35 5.32 6.55 5.30
N PHE A 36 5.48 5.24 5.11
CA PHE A 36 4.66 4.26 5.84
C PHE A 36 4.99 4.28 7.32
N ALA A 37 6.29 4.18 7.63
CA ALA A 37 6.74 4.17 9.02
C ALA A 37 6.06 5.29 9.81
N SER A 38 5.62 6.32 9.11
CA SER A 38 4.96 7.46 9.77
C SER A 38 3.88 6.98 10.72
N PHE A 39 3.25 5.86 10.38
CA PHE A 39 2.19 5.30 11.21
C PHE A 39 2.52 3.86 11.62
N GLY A 40 2.83 3.03 10.63
CA GLY A 40 3.17 1.64 10.90
C GLY A 40 4.42 1.19 10.19
N GLU A 41 5.17 0.28 10.81
CA GLU A 41 6.40 -0.22 10.24
C GLU A 41 6.11 -1.37 9.26
N VAL A 42 6.77 -1.33 8.11
CA VAL A 42 6.59 -2.37 7.10
C VAL A 42 7.45 -3.59 7.40
N ILE A 43 6.92 -4.77 7.07
CA ILE A 43 7.63 -6.02 7.32
C ILE A 43 7.83 -6.80 6.02
N LEU A 44 6.83 -6.74 5.15
CA LEU A 44 6.90 -7.44 3.87
C LEU A 44 6.22 -6.63 2.76
N ILE A 45 6.74 -6.74 1.55
CA ILE A 45 6.19 -6.01 0.42
C ILE A 45 6.10 -6.91 -0.81
N ARG A 46 4.92 -6.94 -1.43
CA ARG A 46 4.70 -7.77 -2.61
C ARG A 46 4.31 -6.89 -3.81
N PHE A 47 5.08 -7.01 -4.89
CA PHE A 47 4.81 -6.24 -6.09
C PHE A 47 3.90 -7.01 -7.04
N VAL A 48 2.76 -6.39 -7.37
CA VAL A 48 1.79 -7.02 -8.27
C VAL A 48 2.07 -6.65 -9.73
N GLU A 49 1.60 -7.48 -10.64
CA GLU A 49 1.80 -7.24 -12.07
C GLU A 49 1.80 -5.75 -12.38
N ASP A 50 0.75 -5.06 -11.91
CA ASP A 50 0.64 -3.62 -12.13
C ASP A 50 0.47 -2.88 -10.81
N LYS A 51 -0.08 -3.57 -9.82
CA LYS A 51 -0.29 -2.98 -8.50
C LYS A 51 0.85 -3.32 -7.56
N MET A 52 0.86 -2.69 -6.39
CA MET A 52 1.89 -2.92 -5.39
C MET A 52 1.29 -3.09 -4.00
N TRP A 53 1.39 -4.30 -3.47
CA TRP A 53 0.85 -4.60 -2.15
C TRP A 53 1.92 -4.44 -1.07
N VAL A 54 1.52 -3.91 0.08
CA VAL A 54 2.45 -3.70 1.19
C VAL A 54 1.89 -4.27 2.49
N THR A 55 2.68 -5.10 3.16
CA THR A 55 2.26 -5.71 4.41
C THR A 55 2.83 -4.97 5.61
N PHE A 56 2.13 -5.03 6.73
CA PHE A 56 2.57 -4.35 7.95
C PHE A 56 2.61 -5.32 9.13
N LEU A 57 3.56 -5.11 10.02
CA LEU A 57 3.70 -5.97 11.20
C LEU A 57 2.35 -6.29 11.80
N GLU A 58 1.46 -5.30 11.85
CA GLU A 58 0.13 -5.49 12.39
C GLU A 58 -0.94 -4.95 11.44
N GLY A 59 -2.20 -5.13 11.81
CA GLY A 59 -3.29 -4.66 10.97
C GLY A 59 -3.65 -3.21 11.25
N SER A 60 -3.92 -2.89 12.51
CA SER A 60 -4.27 -1.54 12.89
C SER A 60 -3.33 -0.52 12.27
N SER A 61 -2.13 -0.99 11.90
CA SER A 61 -1.13 -0.12 11.29
C SER A 61 -1.49 0.19 9.85
N ALA A 62 -2.04 -0.80 9.15
CA ALA A 62 -2.43 -0.64 7.76
C ALA A 62 -3.65 0.27 7.63
N LEU A 63 -4.34 0.48 8.74
CA LEU A 63 -5.52 1.34 8.75
C LEU A 63 -5.14 2.80 8.91
N ASN A 64 -4.01 3.05 9.57
CA ASN A 64 -3.53 4.41 9.78
C ASN A 64 -2.81 4.93 8.55
N VAL A 65 -1.93 4.11 8.00
CA VAL A 65 -1.16 4.49 6.80
C VAL A 65 -2.09 4.93 5.68
N LEU A 66 -3.37 4.58 5.81
CA LEU A 66 -4.36 4.95 4.79
C LEU A 66 -4.34 6.45 4.53
N SER A 67 -3.84 7.21 5.50
CA SER A 67 -3.76 8.66 5.37
C SER A 67 -2.91 9.05 4.17
N LEU A 68 -2.22 8.08 3.60
CA LEU A 68 -1.37 8.32 2.44
C LEU A 68 -2.12 8.03 1.15
N ASN A 69 -3.44 7.96 1.24
CA ASN A 69 -4.27 7.69 0.07
C ASN A 69 -4.29 8.89 -0.87
N GLY A 70 -3.82 8.68 -2.09
CA GLY A 70 -3.80 9.76 -3.08
C GLY A 70 -2.53 10.59 -2.98
N LYS A 71 -1.97 10.67 -1.78
CA LYS A 71 -0.75 11.44 -1.56
C LYS A 71 0.18 11.36 -2.76
N GLU A 72 0.59 12.52 -3.26
CA GLU A 72 1.49 12.57 -4.41
C GLU A 72 2.94 12.64 -3.96
N LEU A 73 3.77 11.74 -4.51
CA LEU A 73 5.19 11.70 -4.17
C LEU A 73 6.03 11.46 -5.40
N LEU A 74 7.25 12.01 -5.41
CA LEU A 74 8.15 11.86 -6.53
C LEU A 74 7.42 12.03 -7.86
N ASN A 75 6.70 13.14 -7.99
CA ASN A 75 5.95 13.42 -9.20
C ASN A 75 5.20 12.18 -9.68
N ARG A 76 4.55 11.50 -8.75
CA ARG A 76 3.79 10.29 -9.07
C ARG A 76 2.64 10.10 -8.09
N THR A 77 1.41 10.36 -8.56
CA THR A 77 0.23 10.23 -7.73
C THR A 77 0.06 8.78 -7.27
N ILE A 78 0.08 8.58 -5.95
CA ILE A 78 -0.08 7.25 -5.38
C ILE A 78 -1.49 7.05 -4.83
N THR A 79 -2.04 5.86 -5.05
CA THR A 79 -3.38 5.55 -4.57
C THR A 79 -3.38 4.30 -3.70
N ILE A 80 -3.65 4.47 -2.41
CA ILE A 80 -3.68 3.36 -1.48
C ILE A 80 -5.11 2.88 -1.23
N ALA A 81 -5.28 1.56 -1.17
CA ALA A 81 -6.60 0.98 -0.94
C ALA A 81 -6.47 -0.39 -0.29
N LEU A 82 -7.34 -0.66 0.69
CA LEU A 82 -7.32 -1.93 1.40
C LEU A 82 -7.78 -3.06 0.48
N LYS A 83 -7.38 -4.29 0.81
CA LYS A 83 -7.75 -5.46 0.01
C LYS A 83 -9.20 -5.84 0.25
N SER A 84 -9.54 -6.12 1.50
CA SER A 84 -10.90 -6.50 1.86
C SER A 84 -11.15 -6.28 3.35
N PRO A 85 -12.43 -6.07 3.71
CA PRO A 85 -12.83 -5.83 5.10
C PRO A 85 -12.87 -7.13 5.91
N SER A 86 -13.07 -8.24 5.24
CA SER A 86 -13.14 -9.55 5.89
C SER A 86 -11.82 -10.30 5.73
N GLY A 87 -11.39 -10.45 4.47
CA GLY A 87 -10.16 -11.16 4.20
C GLY A 87 -9.87 -11.26 2.72
N PRO A 88 -8.72 -11.87 2.37
CA PRO A 88 -8.30 -12.04 0.98
C PRO A 88 -9.06 -13.15 0.27
N SER A 89 -9.60 -14.08 1.06
CA SER A 89 -10.36 -15.21 0.50
C SER A 89 -11.31 -15.78 1.55
N SER A 90 -12.61 -15.54 1.35
CA SER A 90 -13.62 -16.03 2.27
C SER A 90 -14.92 -16.34 1.54
N GLY A 91 -15.78 -17.12 2.18
CA GLY A 91 -17.04 -17.48 1.56
C GLY A 91 -17.08 -18.92 1.09
N GLY A 1 -19.51 -17.09 7.54
CA GLY A 1 -18.13 -17.00 8.00
C GLY A 1 -17.84 -15.68 8.69
N SER A 2 -17.01 -15.73 9.73
CA SER A 2 -16.65 -14.54 10.48
C SER A 2 -15.45 -13.83 9.87
N SER A 3 -15.70 -13.00 8.87
CA SER A 3 -14.63 -12.28 8.18
C SER A 3 -14.66 -10.80 8.55
N GLY A 4 -13.48 -10.22 8.74
CA GLY A 4 -13.38 -8.81 9.09
C GLY A 4 -12.35 -8.57 10.18
N SER A 5 -11.70 -7.40 10.11
CA SER A 5 -10.68 -7.04 11.08
C SER A 5 -9.58 -8.08 11.13
N SER A 6 -9.19 -8.59 9.96
CA SER A 6 -8.16 -9.61 9.87
C SER A 6 -7.25 -9.35 8.67
N GLY A 7 -5.94 -9.48 8.89
CA GLY A 7 -4.99 -9.26 7.81
C GLY A 7 -4.34 -7.89 7.89
N GLY A 8 -3.30 -7.68 7.09
CA GLY A 8 -2.61 -6.41 7.09
C GLY A 8 -1.98 -6.09 5.75
N THR A 9 -2.72 -6.32 4.67
CA THR A 9 -2.22 -6.05 3.33
C THR A 9 -2.89 -4.83 2.71
N VAL A 10 -2.08 -3.89 2.25
CA VAL A 10 -2.60 -2.67 1.64
C VAL A 10 -2.12 -2.53 0.20
N LEU A 11 -3.04 -2.14 -0.68
CA LEU A 11 -2.71 -1.96 -2.10
C LEU A 11 -2.20 -0.55 -2.38
N VAL A 12 -1.24 -0.43 -3.27
CA VAL A 12 -0.68 0.86 -3.63
C VAL A 12 -0.40 0.94 -5.13
N SER A 13 -0.91 1.99 -5.76
CA SER A 13 -0.72 2.19 -7.19
C SER A 13 -0.24 3.61 -7.49
N ILE A 14 0.42 3.77 -8.64
CA ILE A 14 0.93 5.08 -9.04
C ILE A 14 0.34 5.51 -10.37
N LYS A 15 0.22 6.83 -10.55
CA LYS A 15 -0.32 7.38 -11.79
C LYS A 15 0.78 7.64 -12.80
N SER A 16 0.83 6.82 -13.85
CA SER A 16 1.83 6.96 -14.88
C SER A 16 1.19 7.01 -16.27
N SER A 17 1.94 7.49 -17.25
CA SER A 17 1.44 7.59 -18.61
C SER A 17 1.95 6.43 -19.46
N LEU A 18 3.24 6.14 -19.35
CA LEU A 18 3.84 5.04 -20.10
C LEU A 18 3.74 3.73 -19.34
N PRO A 19 3.79 2.61 -20.08
CA PRO A 19 3.71 1.27 -19.48
C PRO A 19 5.02 0.85 -18.82
N GLU A 20 6.11 1.51 -19.19
CA GLU A 20 7.42 1.21 -18.62
C GLU A 20 7.69 2.05 -17.38
N ASN A 21 6.62 2.62 -16.82
CA ASN A 21 6.73 3.45 -15.62
C ASN A 21 5.77 2.97 -14.54
N ASN A 22 4.61 2.49 -14.96
CA ASN A 22 3.60 2.01 -14.03
C ASN A 22 4.25 1.21 -12.89
N PHE A 23 5.41 0.63 -13.17
CA PHE A 23 6.12 -0.15 -12.17
C PHE A 23 6.82 0.76 -11.16
N PHE A 24 7.15 0.20 -10.00
CA PHE A 24 7.81 0.96 -8.95
C PHE A 24 9.32 0.75 -8.99
N ASP A 25 10.06 1.84 -8.88
CA ASP A 25 11.52 1.78 -8.90
C ASP A 25 12.09 1.82 -7.49
N ASP A 26 13.42 1.74 -7.40
CA ASP A 26 14.10 1.77 -6.10
C ASP A 26 13.76 3.06 -5.35
N ALA A 27 13.42 4.10 -6.09
CA ALA A 27 13.09 5.38 -5.50
C ALA A 27 11.67 5.37 -4.95
N LEU A 28 10.70 5.09 -5.82
CA LEU A 28 9.30 5.06 -5.43
C LEU A 28 9.10 4.14 -4.22
N ILE A 29 9.80 3.02 -4.22
CA ILE A 29 9.69 2.06 -3.12
C ILE A 29 10.39 2.58 -1.87
N ASP A 30 11.70 2.76 -1.96
CA ASP A 30 12.48 3.26 -0.83
C ASP A 30 11.75 4.42 -0.14
N GLU A 31 11.40 5.44 -0.93
CA GLU A 31 10.71 6.60 -0.38
C GLU A 31 9.44 6.19 0.35
N LEU A 32 8.61 5.39 -0.31
CA LEU A 32 7.36 4.92 0.28
C LEU A 32 7.59 4.37 1.68
N LEU A 33 8.52 3.42 1.79
CA LEU A 33 8.83 2.81 3.08
C LEU A 33 8.72 3.83 4.21
N GLN A 34 9.61 4.83 4.18
CA GLN A 34 9.60 5.87 5.20
C GLN A 34 8.20 6.46 5.37
N GLN A 35 7.60 6.88 4.27
CA GLN A 35 6.27 7.47 4.30
C GLN A 35 5.32 6.60 5.10
N PHE A 36 5.43 5.28 4.93
CA PHE A 36 4.57 4.34 5.63
C PHE A 36 4.92 4.29 7.11
N ALA A 37 6.22 4.27 7.41
CA ALA A 37 6.70 4.22 8.78
C ALA A 37 6.01 5.28 9.64
N SER A 38 5.81 6.46 9.07
CA SER A 38 5.17 7.56 9.78
C SER A 38 3.96 7.07 10.56
N PHE A 39 3.40 5.95 10.12
CA PHE A 39 2.23 5.37 10.79
C PHE A 39 2.50 3.93 11.20
N GLY A 40 2.74 3.07 10.21
CA GLY A 40 3.01 1.67 10.49
C GLY A 40 4.35 1.21 9.94
N GLU A 41 4.99 0.29 10.63
CA GLU A 41 6.28 -0.24 10.21
C GLU A 41 6.10 -1.36 9.19
N VAL A 42 6.78 -1.24 8.05
CA VAL A 42 6.69 -2.25 7.00
C VAL A 42 7.61 -3.43 7.28
N ILE A 43 7.16 -4.62 6.93
CA ILE A 43 7.95 -5.83 7.15
C ILE A 43 8.19 -6.58 5.84
N LEU A 44 7.13 -6.71 5.04
CA LEU A 44 7.23 -7.41 3.76
C LEU A 44 6.52 -6.61 2.66
N ILE A 45 7.09 -6.66 1.46
CA ILE A 45 6.51 -5.94 0.32
C ILE A 45 6.51 -6.83 -0.92
N ARG A 46 5.39 -6.83 -1.63
CA ARG A 46 5.25 -7.63 -2.85
C ARG A 46 4.70 -6.78 -3.99
N PHE A 47 5.43 -6.74 -5.10
CA PHE A 47 5.01 -5.98 -6.27
C PHE A 47 4.09 -6.79 -7.16
N VAL A 48 2.87 -6.31 -7.33
CA VAL A 48 1.89 -6.99 -8.17
C VAL A 48 2.08 -6.65 -9.65
N GLU A 49 1.59 -7.53 -10.52
CA GLU A 49 1.71 -7.31 -11.96
C GLU A 49 1.68 -5.82 -12.30
N ASP A 50 0.64 -5.15 -11.82
CA ASP A 50 0.49 -3.72 -12.07
C ASP A 50 0.33 -2.94 -10.76
N LYS A 51 -0.17 -3.63 -9.74
CA LYS A 51 -0.38 -3.01 -8.43
C LYS A 51 0.79 -3.32 -7.51
N MET A 52 0.79 -2.69 -6.33
CA MET A 52 1.84 -2.90 -5.35
C MET A 52 1.25 -3.08 -3.95
N TRP A 53 1.35 -4.30 -3.42
CA TRP A 53 0.82 -4.59 -2.09
C TRP A 53 1.93 -4.51 -1.04
N VAL A 54 1.59 -3.92 0.11
CA VAL A 54 2.56 -3.77 1.19
C VAL A 54 2.05 -4.44 2.47
N THR A 55 2.93 -5.19 3.13
CA THR A 55 2.57 -5.87 4.36
C THR A 55 3.04 -5.09 5.59
N PHE A 56 2.29 -5.21 6.68
CA PHE A 56 2.62 -4.50 7.91
C PHE A 56 2.60 -5.46 9.10
N LEU A 57 3.40 -5.15 10.12
CA LEU A 57 3.47 -5.98 11.32
C LEU A 57 2.08 -6.31 11.84
N GLU A 58 1.28 -5.27 12.06
CA GLU A 58 -0.08 -5.45 12.55
C GLU A 58 -1.10 -4.98 11.52
N GLY A 59 -2.38 -5.14 11.85
CA GLY A 59 -3.44 -4.73 10.94
C GLY A 59 -3.83 -3.28 11.12
N SER A 60 -4.02 -2.87 12.37
CA SER A 60 -4.40 -1.49 12.67
C SER A 60 -3.46 -0.50 11.97
N SER A 61 -2.18 -0.83 11.95
CA SER A 61 -1.18 0.02 11.32
C SER A 61 -1.49 0.22 9.84
N ALA A 62 -2.15 -0.76 9.25
CA ALA A 62 -2.52 -0.70 7.83
C ALA A 62 -3.75 0.16 7.62
N LEU A 63 -4.47 0.44 8.71
CA LEU A 63 -5.68 1.25 8.64
C LEU A 63 -5.35 2.73 8.77
N ASN A 64 -4.26 3.03 9.49
CA ASN A 64 -3.84 4.41 9.68
C ASN A 64 -3.09 4.93 8.47
N VAL A 65 -2.23 4.08 7.91
CA VAL A 65 -1.44 4.45 6.73
C VAL A 65 -2.35 4.90 5.59
N LEU A 66 -3.63 4.57 5.68
CA LEU A 66 -4.60 4.94 4.67
C LEU A 66 -4.54 6.44 4.38
N SER A 67 -4.17 7.22 5.40
CA SER A 67 -4.09 8.67 5.26
C SER A 67 -3.20 9.05 4.07
N LEU A 68 -2.29 8.15 3.71
CA LEU A 68 -1.39 8.39 2.59
C LEU A 68 -2.09 8.12 1.26
N ASN A 69 -3.40 7.93 1.32
CA ASN A 69 -4.18 7.67 0.12
C ASN A 69 -4.29 8.93 -0.74
N GLY A 70 -3.77 8.84 -1.96
CA GLY A 70 -3.82 9.98 -2.87
C GLY A 70 -2.58 10.84 -2.77
N LYS A 71 -1.93 10.82 -1.61
CA LYS A 71 -0.72 11.61 -1.40
C LYS A 71 0.19 11.55 -2.62
N GLU A 72 0.60 12.72 -3.10
CA GLU A 72 1.47 12.81 -4.27
C GLU A 72 2.94 12.89 -3.84
N LEU A 73 3.76 12.00 -4.39
CA LEU A 73 5.18 11.96 -4.07
C LEU A 73 6.02 11.68 -5.31
N LEU A 74 7.28 12.07 -5.27
CA LEU A 74 8.19 11.87 -6.40
C LEU A 74 7.48 12.09 -7.72
N ASN A 75 6.70 13.17 -7.79
CA ASN A 75 5.96 13.49 -9.01
C ASN A 75 5.18 12.28 -9.51
N ARG A 76 4.52 11.59 -8.59
CA ARG A 76 3.74 10.41 -8.95
C ARG A 76 2.59 10.21 -7.97
N THR A 77 1.37 10.47 -8.42
CA THR A 77 0.18 10.32 -7.58
C THR A 77 0.01 8.87 -7.13
N ILE A 78 0.05 8.65 -5.82
CA ILE A 78 -0.09 7.32 -5.25
C ILE A 78 -1.49 7.12 -4.68
N THR A 79 -2.07 5.96 -4.92
CA THR A 79 -3.40 5.64 -4.42
C THR A 79 -3.39 4.37 -3.59
N ILE A 80 -3.73 4.50 -2.31
CA ILE A 80 -3.76 3.34 -1.41
C ILE A 80 -5.17 2.80 -1.27
N ALA A 81 -5.28 1.48 -1.10
CA ALA A 81 -6.58 0.84 -0.93
C ALA A 81 -6.45 -0.48 -0.17
N LEU A 82 -7.27 -0.63 0.87
CA LEU A 82 -7.24 -1.85 1.69
C LEU A 82 -7.69 -3.05 0.87
N LYS A 83 -7.30 -4.24 1.33
CA LYS A 83 -7.67 -5.48 0.65
C LYS A 83 -8.75 -6.22 1.42
N SER A 84 -8.42 -6.65 2.63
CA SER A 84 -9.37 -7.37 3.47
C SER A 84 -10.79 -6.85 3.27
N PRO A 85 -11.76 -7.77 3.32
CA PRO A 85 -13.18 -7.43 3.14
C PRO A 85 -13.79 -6.81 4.39
N SER A 86 -14.03 -5.50 4.34
CA SER A 86 -14.61 -4.78 5.47
C SER A 86 -16.11 -5.05 5.56
N GLY A 87 -16.80 -4.89 4.44
CA GLY A 87 -18.24 -5.12 4.42
C GLY A 87 -18.60 -6.59 4.51
N PRO A 88 -19.90 -6.89 4.41
CA PRO A 88 -20.41 -8.27 4.48
C PRO A 88 -19.58 -9.23 3.63
N SER A 89 -19.38 -10.43 4.15
CA SER A 89 -18.60 -11.45 3.43
C SER A 89 -19.02 -11.53 1.97
N SER A 90 -18.05 -11.76 1.09
CA SER A 90 -18.32 -11.86 -0.34
C SER A 90 -17.22 -12.63 -1.04
N GLY A 91 -17.39 -12.83 -2.35
CA GLY A 91 -16.39 -13.55 -3.13
C GLY A 91 -16.44 -13.20 -4.60
N GLY A 1 -15.31 0.92 8.67
CA GLY A 1 -15.27 -0.38 9.30
C GLY A 1 -13.86 -0.95 9.38
N SER A 2 -13.75 -2.20 9.78
CA SER A 2 -12.46 -2.86 9.90
C SER A 2 -12.59 -4.38 9.77
N SER A 3 -11.49 -5.03 9.46
CA SER A 3 -11.48 -6.49 9.29
C SER A 3 -10.77 -7.16 10.47
N GLY A 4 -11.06 -8.44 10.66
CA GLY A 4 -10.45 -9.18 11.75
C GLY A 4 -9.71 -10.42 11.27
N SER A 5 -10.33 -11.16 10.36
CA SER A 5 -9.74 -12.37 9.83
C SER A 5 -8.58 -12.04 8.89
N SER A 6 -8.79 -11.06 8.02
CA SER A 6 -7.77 -10.63 7.07
C SER A 6 -6.49 -10.23 7.79
N GLY A 7 -5.40 -10.16 7.05
CA GLY A 7 -4.11 -9.78 7.64
C GLY A 7 -3.91 -8.28 7.63
N GLY A 8 -2.91 -7.83 6.87
CA GLY A 8 -2.63 -6.40 6.79
C GLY A 8 -2.02 -6.01 5.46
N THR A 9 -2.60 -6.50 4.37
CA THR A 9 -2.11 -6.19 3.03
C THR A 9 -2.80 -4.96 2.47
N VAL A 10 -2.00 -3.99 2.02
CA VAL A 10 -2.53 -2.76 1.45
C VAL A 10 -2.11 -2.60 0.00
N LEU A 11 -3.03 -2.14 -0.83
CA LEU A 11 -2.76 -1.94 -2.25
C LEU A 11 -2.25 -0.53 -2.51
N VAL A 12 -1.23 -0.42 -3.38
CA VAL A 12 -0.66 0.88 -3.71
C VAL A 12 -0.34 0.97 -5.21
N SER A 13 -0.90 1.99 -5.86
CA SER A 13 -0.68 2.19 -7.29
C SER A 13 -0.21 3.61 -7.57
N ILE A 14 0.48 3.78 -8.70
CA ILE A 14 0.99 5.09 -9.08
C ILE A 14 0.42 5.52 -10.43
N LYS A 15 0.00 6.78 -10.51
CA LYS A 15 -0.56 7.33 -11.75
C LYS A 15 0.51 8.07 -12.54
N SER A 16 0.82 7.56 -13.73
CA SER A 16 1.82 8.18 -14.59
C SER A 16 1.30 8.31 -16.01
N SER A 17 1.69 9.39 -16.68
CA SER A 17 1.27 9.64 -18.06
C SER A 17 1.14 8.34 -18.83
N LEU A 18 2.24 7.60 -18.91
CA LEU A 18 2.25 6.32 -19.63
C LEU A 18 2.08 5.15 -18.66
N PRO A 19 1.37 4.11 -19.12
CA PRO A 19 1.11 2.91 -18.31
C PRO A 19 2.34 2.03 -18.20
N GLU A 20 3.26 2.15 -19.15
CA GLU A 20 4.48 1.36 -19.17
C GLU A 20 5.36 1.69 -17.97
N ASN A 21 5.08 2.83 -17.34
CA ASN A 21 5.84 3.26 -16.17
C ASN A 21 5.10 2.93 -14.88
N ASN A 22 4.08 2.09 -15.00
CA ASN A 22 3.29 1.68 -13.83
C ASN A 22 4.18 1.04 -12.77
N PHE A 23 5.25 0.40 -13.21
CA PHE A 23 6.18 -0.26 -12.30
C PHE A 23 6.80 0.75 -11.33
N PHE A 24 7.22 0.26 -10.17
CA PHE A 24 7.83 1.12 -9.16
C PHE A 24 9.35 1.01 -9.19
N ASP A 25 10.03 2.13 -9.01
CA ASP A 25 11.49 2.16 -9.03
C ASP A 25 12.05 2.18 -7.61
N ASP A 26 13.37 2.16 -7.49
CA ASP A 26 14.03 2.18 -6.19
C ASP A 26 13.58 3.39 -5.38
N ALA A 27 13.54 4.55 -6.02
CA ALA A 27 13.13 5.78 -5.36
C ALA A 27 11.70 5.67 -4.82
N LEU A 28 10.78 5.33 -5.70
CA LEU A 28 9.37 5.18 -5.32
C LEU A 28 9.23 4.23 -4.14
N ILE A 29 9.76 3.03 -4.29
CA ILE A 29 9.69 2.02 -3.23
C ILE A 29 10.36 2.53 -1.95
N ASP A 30 11.63 2.89 -2.05
CA ASP A 30 12.38 3.39 -0.90
C ASP A 30 11.61 4.51 -0.20
N GLU A 31 11.40 5.61 -0.91
CA GLU A 31 10.68 6.75 -0.36
C GLU A 31 9.42 6.30 0.36
N LEU A 32 8.62 5.48 -0.32
CA LEU A 32 7.38 4.97 0.25
C LEU A 32 7.62 4.37 1.64
N LEU A 33 8.57 3.45 1.72
CA LEU A 33 8.89 2.81 2.99
C LEU A 33 8.84 3.81 4.14
N GLN A 34 9.69 4.83 4.09
CA GLN A 34 9.72 5.86 5.12
C GLN A 34 8.35 6.45 5.35
N GLN A 35 7.72 6.93 4.27
CA GLN A 35 6.40 7.53 4.35
C GLN A 35 5.45 6.64 5.16
N PHE A 36 5.48 5.35 4.89
CA PHE A 36 4.62 4.40 5.60
C PHE A 36 4.92 4.41 7.09
N ALA A 37 6.20 4.32 7.45
CA ALA A 37 6.61 4.33 8.84
C ALA A 37 5.89 5.42 9.62
N SER A 38 5.61 6.53 8.96
CA SER A 38 4.93 7.66 9.60
C SER A 38 3.80 7.16 10.50
N PHE A 39 3.22 6.03 10.13
CA PHE A 39 2.12 5.45 10.91
C PHE A 39 2.49 4.05 11.42
N GLY A 40 2.80 3.16 10.49
CA GLY A 40 3.16 1.80 10.86
C GLY A 40 4.44 1.34 10.18
N GLU A 41 5.13 0.39 10.80
CA GLU A 41 6.36 -0.14 10.25
C GLU A 41 6.09 -1.29 9.28
N VAL A 42 6.82 -1.32 8.18
CA VAL A 42 6.66 -2.36 7.17
C VAL A 42 7.51 -3.58 7.49
N ILE A 43 7.01 -4.75 7.16
CA ILE A 43 7.73 -6.00 7.41
C ILE A 43 7.94 -6.78 6.12
N LEU A 44 6.94 -6.77 5.25
CA LEU A 44 7.02 -7.48 3.97
C LEU A 44 6.34 -6.68 2.87
N ILE A 45 6.88 -6.79 1.66
CA ILE A 45 6.32 -6.08 0.51
C ILE A 45 6.16 -7.01 -0.68
N ARG A 46 4.98 -6.98 -1.29
CA ARG A 46 4.71 -7.82 -2.46
C ARG A 46 4.33 -6.97 -3.67
N PHE A 47 5.06 -7.15 -4.77
CA PHE A 47 4.80 -6.41 -5.99
C PHE A 47 3.83 -7.16 -6.89
N VAL A 48 2.71 -6.51 -7.21
CA VAL A 48 1.70 -7.12 -8.07
C VAL A 48 1.97 -6.81 -9.53
N GLU A 49 1.44 -7.65 -10.42
CA GLU A 49 1.62 -7.47 -11.85
C GLU A 49 1.69 -5.99 -12.21
N ASP A 50 0.67 -5.23 -11.80
CA ASP A 50 0.63 -3.80 -12.07
C ASP A 50 0.48 -3.01 -10.78
N LYS A 51 -0.01 -3.67 -9.73
CA LYS A 51 -0.21 -3.02 -8.44
C LYS A 51 0.95 -3.35 -7.50
N MET A 52 0.97 -2.68 -6.35
CA MET A 52 2.01 -2.90 -5.35
C MET A 52 1.42 -3.10 -3.97
N TRP A 53 1.48 -4.33 -3.46
CA TRP A 53 0.94 -4.64 -2.15
C TRP A 53 2.00 -4.48 -1.08
N VAL A 54 1.59 -4.03 0.10
CA VAL A 54 2.51 -3.83 1.21
C VAL A 54 1.95 -4.41 2.50
N THR A 55 2.77 -5.20 3.21
CA THR A 55 2.35 -5.82 4.45
C THR A 55 2.82 -5.00 5.65
N PHE A 56 2.06 -5.07 6.74
CA PHE A 56 2.40 -4.34 7.96
C PHE A 56 2.36 -5.26 9.18
N LEU A 57 3.26 -5.00 10.12
CA LEU A 57 3.32 -5.81 11.34
C LEU A 57 1.94 -6.23 11.79
N GLU A 58 1.07 -5.26 12.01
CA GLU A 58 -0.30 -5.52 12.45
C GLU A 58 -1.31 -4.94 11.47
N GLY A 59 -2.56 -5.38 11.59
CA GLY A 59 -3.60 -4.89 10.71
C GLY A 59 -3.91 -3.42 10.93
N SER A 60 -4.02 -3.03 12.20
CA SER A 60 -4.33 -1.65 12.55
C SER A 60 -3.36 -0.70 11.85
N SER A 61 -2.10 -1.10 11.75
CA SER A 61 -1.07 -0.29 11.12
C SER A 61 -1.47 0.06 9.69
N ALA A 62 -2.08 -0.90 9.01
CA ALA A 62 -2.50 -0.70 7.63
C ALA A 62 -3.71 0.22 7.55
N LEU A 63 -4.48 0.26 8.63
CA LEU A 63 -5.67 1.11 8.68
C LEU A 63 -5.30 2.57 8.90
N ASN A 64 -4.12 2.80 9.47
CA ASN A 64 -3.64 4.15 9.73
C ASN A 64 -2.88 4.70 8.51
N VAL A 65 -1.93 3.91 8.01
CA VAL A 65 -1.13 4.31 6.87
C VAL A 65 -2.02 4.80 5.72
N LEU A 66 -3.30 4.44 5.78
CA LEU A 66 -4.25 4.84 4.76
C LEU A 66 -4.22 6.35 4.54
N SER A 67 -3.86 7.09 5.59
CA SER A 67 -3.78 8.54 5.52
C SER A 67 -2.96 8.99 4.31
N LEU A 68 -2.16 8.06 3.78
CA LEU A 68 -1.32 8.35 2.63
C LEU A 68 -2.07 8.10 1.32
N ASN A 69 -3.40 8.03 1.41
CA ASN A 69 -4.23 7.80 0.24
C ASN A 69 -4.26 9.03 -0.66
N GLY A 70 -3.82 8.86 -1.91
CA GLY A 70 -3.80 9.96 -2.84
C GLY A 70 -2.53 10.79 -2.76
N LYS A 71 -1.89 10.74 -1.60
CA LYS A 71 -0.65 11.49 -1.38
C LYS A 71 0.25 11.42 -2.61
N GLU A 72 0.70 12.58 -3.07
CA GLU A 72 1.56 12.65 -4.25
C GLU A 72 3.04 12.67 -3.83
N LEU A 73 3.85 11.87 -4.50
CA LEU A 73 5.28 11.80 -4.21
C LEU A 73 6.09 11.58 -5.48
N LEU A 74 7.29 12.15 -5.52
CA LEU A 74 8.16 12.01 -6.68
C LEU A 74 7.38 12.22 -7.97
N ASN A 75 6.66 13.34 -8.05
CA ASN A 75 5.89 13.66 -9.23
C ASN A 75 5.10 12.44 -9.72
N ARG A 76 4.48 11.73 -8.78
CA ARG A 76 3.71 10.54 -9.11
C ARG A 76 2.58 10.33 -8.10
N THR A 77 1.35 10.53 -8.56
CA THR A 77 0.18 10.37 -7.69
C THR A 77 0.04 8.92 -7.24
N ILE A 78 0.08 8.71 -5.93
CA ILE A 78 -0.06 7.38 -5.36
C ILE A 78 -1.44 7.16 -4.77
N THR A 79 -2.00 5.97 -4.99
CA THR A 79 -3.32 5.63 -4.48
C THR A 79 -3.28 4.38 -3.61
N ILE A 80 -3.61 4.54 -2.33
CA ILE A 80 -3.62 3.42 -1.41
C ILE A 80 -5.03 2.91 -1.15
N ALA A 81 -5.18 1.60 -1.06
CA ALA A 81 -6.48 0.99 -0.81
C ALA A 81 -6.33 -0.35 -0.10
N LEU A 82 -7.06 -0.53 0.99
CA LEU A 82 -7.01 -1.76 1.76
C LEU A 82 -7.62 -2.92 0.97
N LYS A 83 -7.25 -4.14 1.34
CA LYS A 83 -7.77 -5.33 0.67
C LYS A 83 -9.14 -5.71 1.21
N SER A 84 -10.19 -5.28 0.52
CA SER A 84 -11.55 -5.58 0.92
C SER A 84 -12.21 -6.58 -0.03
N PRO A 85 -12.08 -7.87 0.30
CA PRO A 85 -12.66 -8.95 -0.52
C PRO A 85 -14.16 -9.08 -0.33
N SER A 86 -14.92 -8.37 -1.16
CA SER A 86 -16.38 -8.40 -1.08
C SER A 86 -16.94 -9.55 -1.91
N GLY A 87 -17.90 -10.27 -1.33
CA GLY A 87 -18.50 -11.39 -2.03
C GLY A 87 -19.16 -12.38 -1.09
N PRO A 88 -19.84 -13.39 -1.67
CA PRO A 88 -20.52 -14.43 -0.89
C PRO A 88 -19.66 -14.95 0.26
N SER A 89 -20.31 -15.34 1.35
CA SER A 89 -19.60 -15.86 2.52
C SER A 89 -18.64 -16.98 2.11
N SER A 90 -17.34 -16.65 2.09
CA SER A 90 -16.33 -17.62 1.71
C SER A 90 -15.50 -18.04 2.93
N GLY A 91 -16.18 -18.26 4.05
CA GLY A 91 -15.50 -18.66 5.26
C GLY A 91 -16.32 -19.64 6.10
N GLY A 1 -24.24 1.77 5.21
CA GLY A 1 -23.30 0.79 4.69
C GLY A 1 -21.96 0.83 5.38
N SER A 2 -21.98 0.84 6.71
CA SER A 2 -20.76 0.89 7.50
C SER A 2 -20.18 -0.51 7.69
N SER A 3 -18.85 -0.59 7.78
CA SER A 3 -18.18 -1.87 7.95
C SER A 3 -16.72 -1.66 8.37
N GLY A 4 -16.24 -2.51 9.27
CA GLY A 4 -14.87 -2.41 9.73
C GLY A 4 -14.08 -3.69 9.51
N SER A 5 -13.27 -3.71 8.46
CA SER A 5 -12.46 -4.87 8.14
C SER A 5 -10.98 -4.51 8.05
N SER A 6 -10.16 -5.19 8.86
CA SER A 6 -8.73 -4.93 8.88
C SER A 6 -8.00 -5.86 7.91
N GLY A 7 -7.11 -5.27 7.11
CA GLY A 7 -6.35 -6.05 6.15
C GLY A 7 -4.90 -5.65 6.08
N GLY A 8 -4.06 -6.27 6.92
CA GLY A 8 -2.64 -5.95 6.93
C GLY A 8 -2.10 -5.68 5.54
N THR A 9 -2.69 -6.32 4.53
CA THR A 9 -2.26 -6.14 3.16
C THR A 9 -2.96 -4.96 2.50
N VAL A 10 -2.19 -3.94 2.14
CA VAL A 10 -2.73 -2.75 1.50
C VAL A 10 -2.22 -2.60 0.08
N LEU A 11 -3.11 -2.20 -0.84
CA LEU A 11 -2.74 -2.02 -2.23
C LEU A 11 -2.24 -0.61 -2.48
N VAL A 12 -1.24 -0.48 -3.36
CA VAL A 12 -0.67 0.82 -3.69
C VAL A 12 -0.35 0.91 -5.18
N SER A 13 -0.85 1.96 -5.83
CA SER A 13 -0.61 2.15 -7.25
C SER A 13 -0.11 3.57 -7.52
N ILE A 14 0.60 3.74 -8.63
CA ILE A 14 1.14 5.03 -9.01
C ILE A 14 0.60 5.49 -10.36
N LYS A 15 0.24 6.77 -10.45
CA LYS A 15 -0.29 7.33 -11.69
C LYS A 15 0.84 7.67 -12.66
N SER A 16 0.98 6.86 -13.71
CA SER A 16 2.01 7.07 -14.71
C SER A 16 1.47 6.82 -16.11
N SER A 17 1.64 7.79 -16.99
CA SER A 17 1.16 7.67 -18.37
C SER A 17 1.80 6.47 -19.06
N LEU A 18 3.10 6.57 -19.34
CA LEU A 18 3.82 5.49 -20.00
C LEU A 18 3.90 4.26 -19.10
N PRO A 19 3.98 3.08 -19.73
CA PRO A 19 4.06 1.80 -19.01
C PRO A 19 5.44 1.55 -18.42
N GLU A 20 6.46 2.14 -19.04
CA GLU A 20 7.84 1.98 -18.59
C GLU A 20 8.05 2.71 -17.26
N ASN A 21 7.01 3.37 -16.78
CA ASN A 21 7.09 4.11 -15.52
C ASN A 21 6.11 3.54 -14.50
N ASN A 22 5.15 2.76 -14.97
CA ASN A 22 4.16 2.15 -14.09
C ASN A 22 4.83 1.28 -13.04
N PHE A 23 5.99 0.73 -13.39
CA PHE A 23 6.73 -0.14 -12.47
C PHE A 23 7.41 0.69 -11.38
N PHE A 24 7.12 0.35 -10.13
CA PHE A 24 7.70 1.06 -9.00
C PHE A 24 9.23 0.99 -9.03
N ASP A 25 9.88 2.14 -8.99
CA ASP A 25 11.33 2.21 -9.01
C ASP A 25 11.90 2.18 -7.60
N ASP A 26 13.22 2.02 -7.50
CA ASP A 26 13.88 1.97 -6.21
C ASP A 26 13.52 3.19 -5.36
N ALA A 27 13.49 4.35 -5.99
CA ALA A 27 13.15 5.59 -5.30
C ALA A 27 11.73 5.55 -4.77
N LEU A 28 10.78 5.20 -5.64
CA LEU A 28 9.38 5.12 -5.26
C LEU A 28 9.19 4.17 -4.08
N ILE A 29 9.74 2.97 -4.21
CA ILE A 29 9.62 1.97 -3.15
C ILE A 29 10.32 2.43 -1.87
N ASP A 30 11.62 2.69 -1.97
CA ASP A 30 12.39 3.15 -0.84
C ASP A 30 11.72 4.33 -0.14
N GLU A 31 11.37 5.34 -0.92
CA GLU A 31 10.72 6.53 -0.38
C GLU A 31 9.42 6.16 0.34
N LEU A 32 8.64 5.27 -0.28
CA LEU A 32 7.39 4.82 0.30
C LEU A 32 7.59 4.28 1.72
N LEU A 33 8.48 3.31 1.86
CA LEU A 33 8.78 2.71 3.15
C LEU A 33 8.69 3.76 4.26
N GLN A 34 9.56 4.77 4.18
CA GLN A 34 9.58 5.83 5.18
C GLN A 34 8.18 6.44 5.36
N GLN A 35 7.58 6.84 4.24
CA GLN A 35 6.24 7.44 4.28
C GLN A 35 5.29 6.58 5.09
N PHE A 36 5.41 5.27 4.95
CA PHE A 36 4.55 4.34 5.68
C PHE A 36 4.93 4.27 7.15
N ALA A 37 6.23 4.26 7.42
CA ALA A 37 6.72 4.21 8.79
C ALA A 37 6.11 5.31 9.64
N SER A 38 5.73 6.41 8.99
CA SER A 38 5.13 7.54 9.69
C SER A 38 4.02 7.07 10.62
N PHE A 39 3.35 5.99 10.25
CA PHE A 39 2.26 5.44 11.04
C PHE A 39 2.55 4.00 11.45
N GLY A 40 2.92 3.18 10.46
CA GLY A 40 3.23 1.78 10.74
C GLY A 40 4.50 1.32 10.06
N GLU A 41 5.22 0.40 10.70
CA GLU A 41 6.46 -0.12 10.15
C GLU A 41 6.19 -1.27 9.19
N VAL A 42 6.80 -1.23 8.02
CA VAL A 42 6.63 -2.27 7.02
C VAL A 42 7.56 -3.45 7.29
N ILE A 43 7.08 -4.65 6.96
CA ILE A 43 7.87 -5.86 7.17
C ILE A 43 8.03 -6.65 5.87
N LEU A 44 7.00 -6.59 5.02
CA LEU A 44 7.03 -7.29 3.74
C LEU A 44 6.26 -6.52 2.68
N ILE A 45 6.74 -6.58 1.44
CA ILE A 45 6.10 -5.89 0.33
C ILE A 45 5.98 -6.79 -0.89
N ARG A 46 4.78 -6.88 -1.44
CA ARG A 46 4.53 -7.70 -2.62
C ARG A 46 4.25 -6.84 -3.84
N PHE A 47 5.05 -7.03 -4.89
CA PHE A 47 4.89 -6.26 -6.13
C PHE A 47 3.93 -6.97 -7.08
N VAL A 48 2.77 -6.35 -7.30
CA VAL A 48 1.76 -6.92 -8.19
C VAL A 48 2.07 -6.58 -9.65
N GLU A 49 1.68 -7.47 -10.56
CA GLU A 49 1.92 -7.27 -11.98
C GLU A 49 1.87 -5.78 -12.33
N ASP A 50 0.81 -5.11 -11.88
CA ASP A 50 0.65 -3.68 -12.13
C ASP A 50 0.47 -2.91 -10.83
N LYS A 51 0.01 -3.60 -9.80
CA LYS A 51 -0.20 -2.98 -8.49
C LYS A 51 0.96 -3.28 -7.55
N MET A 52 0.94 -2.65 -6.38
CA MET A 52 1.99 -2.84 -5.39
C MET A 52 1.41 -3.01 -4.00
N TRP A 53 1.43 -4.24 -3.49
CA TRP A 53 0.89 -4.53 -2.16
C TRP A 53 1.96 -4.34 -1.10
N VAL A 54 1.54 -3.81 0.05
CA VAL A 54 2.47 -3.57 1.16
C VAL A 54 1.93 -4.16 2.45
N THR A 55 2.70 -5.08 3.05
CA THR A 55 2.31 -5.73 4.29
C THR A 55 2.84 -4.97 5.49
N PHE A 56 2.14 -5.09 6.62
CA PHE A 56 2.54 -4.41 7.85
C PHE A 56 2.59 -5.39 9.02
N LEU A 57 3.41 -5.07 10.02
CA LEU A 57 3.55 -5.92 11.19
C LEU A 57 2.18 -6.23 11.80
N GLU A 58 1.39 -5.19 12.04
CA GLU A 58 0.07 -5.35 12.61
C GLU A 58 -1.02 -4.90 11.63
N GLY A 59 -2.28 -5.16 11.98
CA GLY A 59 -3.38 -4.77 11.12
C GLY A 59 -3.81 -3.34 11.33
N SER A 60 -3.79 -2.91 12.59
CA SER A 60 -4.20 -1.54 12.93
C SER A 60 -3.30 -0.52 12.24
N SER A 61 -2.05 -0.92 11.98
CA SER A 61 -1.10 -0.03 11.32
C SER A 61 -1.50 0.22 9.87
N ALA A 62 -2.08 -0.79 9.23
CA ALA A 62 -2.51 -0.69 7.84
C ALA A 62 -3.75 0.18 7.72
N LEU A 63 -4.39 0.46 8.86
CA LEU A 63 -5.59 1.28 8.88
C LEU A 63 -5.24 2.76 9.03
N ASN A 64 -4.09 3.03 9.64
CA ASN A 64 -3.63 4.40 9.85
C ASN A 64 -2.89 4.92 8.61
N VAL A 65 -2.08 4.06 8.02
CA VAL A 65 -1.32 4.43 6.83
C VAL A 65 -2.24 4.90 5.71
N LEU A 66 -3.51 4.55 5.82
CA LEU A 66 -4.50 4.93 4.82
C LEU A 66 -4.45 6.43 4.55
N SER A 67 -4.01 7.19 5.54
CA SER A 67 -3.92 8.65 5.40
C SER A 67 -3.10 9.03 4.17
N LEU A 68 -2.37 8.06 3.64
CA LEU A 68 -1.54 8.29 2.46
C LEU A 68 -2.31 7.94 1.19
N ASN A 69 -3.63 7.88 1.30
CA ASN A 69 -4.47 7.56 0.15
C ASN A 69 -4.58 8.75 -0.80
N GLY A 70 -3.88 8.65 -1.93
CA GLY A 70 -3.91 9.72 -2.91
C GLY A 70 -2.67 10.59 -2.85
N LYS A 71 -2.03 10.63 -1.68
CA LYS A 71 -0.83 11.44 -1.49
C LYS A 71 0.12 11.30 -2.68
N GLU A 72 0.54 12.43 -3.23
CA GLU A 72 1.45 12.43 -4.37
C GLU A 72 2.89 12.58 -3.92
N LEU A 73 3.77 11.76 -4.50
CA LEU A 73 5.19 11.81 -4.15
C LEU A 73 6.06 11.60 -5.40
N LEU A 74 7.30 12.07 -5.32
CA LEU A 74 8.23 11.94 -6.44
C LEU A 74 7.52 12.16 -7.77
N ASN A 75 6.69 13.20 -7.83
CA ASN A 75 5.95 13.52 -9.04
C ASN A 75 5.18 12.29 -9.55
N ARG A 76 4.53 11.59 -8.62
CA ARG A 76 3.76 10.40 -8.98
C ARG A 76 2.61 10.20 -8.00
N THR A 77 1.39 10.48 -8.45
CA THR A 77 0.22 10.33 -7.61
C THR A 77 0.03 8.88 -7.17
N ILE A 78 0.12 8.64 -5.88
CA ILE A 78 -0.03 7.30 -5.33
C ILE A 78 -1.44 7.09 -4.79
N THR A 79 -1.98 5.89 -5.03
CA THR A 79 -3.33 5.56 -4.57
C THR A 79 -3.31 4.32 -3.70
N ILE A 80 -3.67 4.49 -2.42
CA ILE A 80 -3.70 3.37 -1.48
C ILE A 80 -5.12 2.89 -1.25
N ALA A 81 -5.30 1.57 -1.20
CA ALA A 81 -6.61 0.98 -0.98
C ALA A 81 -6.49 -0.37 -0.27
N LEU A 82 -7.27 -0.54 0.79
CA LEU A 82 -7.25 -1.77 1.57
C LEU A 82 -7.77 -2.94 0.73
N LYS A 83 -7.40 -4.15 1.13
CA LYS A 83 -7.83 -5.35 0.41
C LYS A 83 -9.06 -5.96 1.09
N SER A 84 -9.86 -6.67 0.30
CA SER A 84 -11.07 -7.31 0.82
C SER A 84 -10.98 -8.83 0.70
N PRO A 85 -11.55 -9.53 1.68
CA PRO A 85 -11.56 -11.00 1.71
C PRO A 85 -12.60 -11.59 0.77
N SER A 86 -12.20 -11.85 -0.47
CA SER A 86 -13.10 -12.41 -1.47
C SER A 86 -13.27 -13.91 -1.26
N GLY A 87 -14.43 -14.43 -1.65
CA GLY A 87 -14.70 -15.85 -1.49
C GLY A 87 -15.40 -16.17 -0.19
N PRO A 88 -16.10 -17.31 -0.15
CA PRO A 88 -16.84 -17.76 1.03
C PRO A 88 -16.02 -17.61 2.31
N SER A 89 -16.71 -17.47 3.44
CA SER A 89 -16.04 -17.32 4.73
C SER A 89 -14.85 -18.27 4.84
N SER A 90 -13.89 -17.89 5.67
CA SER A 90 -12.68 -18.70 5.87
C SER A 90 -12.89 -19.71 7.00
N GLY A 91 -13.96 -20.49 6.90
CA GLY A 91 -14.24 -21.48 7.92
C GLY A 91 -15.51 -21.17 8.70
N GLY A 1 -17.14 -3.73 19.38
CA GLY A 1 -15.81 -3.18 19.46
C GLY A 1 -15.04 -3.34 18.16
N SER A 2 -14.64 -4.57 17.86
CA SER A 2 -13.87 -4.85 16.64
C SER A 2 -14.80 -5.37 15.54
N SER A 3 -14.60 -4.88 14.32
CA SER A 3 -15.41 -5.29 13.19
C SER A 3 -14.79 -6.49 12.49
N GLY A 4 -13.50 -6.40 12.19
CA GLY A 4 -12.81 -7.48 11.51
C GLY A 4 -11.55 -7.01 10.80
N SER A 5 -10.41 -7.54 11.22
CA SER A 5 -9.13 -7.17 10.62
C SER A 5 -8.50 -8.37 9.90
N SER A 6 -8.57 -8.35 8.57
CA SER A 6 -8.01 -9.43 7.78
C SER A 6 -6.58 -9.10 7.35
N GLY A 7 -5.61 -9.77 7.97
CA GLY A 7 -4.21 -9.54 7.64
C GLY A 7 -3.87 -8.07 7.61
N GLY A 8 -2.76 -7.73 6.94
CA GLY A 8 -2.33 -6.35 6.85
C GLY A 8 -1.79 -6.00 5.48
N THR A 9 -2.49 -6.45 4.44
CA THR A 9 -2.08 -6.18 3.07
C THR A 9 -2.80 -4.96 2.50
N VAL A 10 -2.03 -4.01 1.99
CA VAL A 10 -2.59 -2.79 1.41
C VAL A 10 -2.15 -2.62 -0.04
N LEU A 11 -3.08 -2.17 -0.88
CA LEU A 11 -2.79 -1.95 -2.29
C LEU A 11 -2.26 -0.54 -2.54
N VAL A 12 -1.31 -0.42 -3.45
CA VAL A 12 -0.72 0.88 -3.78
C VAL A 12 -0.43 0.98 -5.27
N SER A 13 -0.98 2.01 -5.90
CA SER A 13 -0.77 2.23 -7.33
C SER A 13 -0.28 3.64 -7.60
N ILE A 14 0.38 3.82 -8.74
CA ILE A 14 0.91 5.13 -9.11
C ILE A 14 0.42 5.54 -10.51
N LYS A 15 -0.09 6.76 -10.61
CA LYS A 15 -0.59 7.26 -11.88
C LYS A 15 0.57 7.71 -12.78
N SER A 16 0.75 7.00 -13.89
CA SER A 16 1.83 7.32 -14.83
C SER A 16 1.34 7.18 -16.27
N SER A 17 1.46 8.26 -17.03
CA SER A 17 1.03 8.26 -18.43
C SER A 17 1.63 7.07 -19.18
N LEU A 18 2.95 6.96 -19.15
CA LEU A 18 3.65 5.87 -19.82
C LEU A 18 3.62 4.60 -18.97
N PRO A 19 3.59 3.45 -19.65
CA PRO A 19 3.56 2.14 -18.98
C PRO A 19 4.93 1.73 -18.45
N GLU A 20 5.98 2.32 -19.01
CA GLU A 20 7.34 2.01 -18.59
C GLU A 20 7.64 2.66 -17.24
N ASN A 21 6.67 3.38 -16.70
CA ASN A 21 6.84 4.06 -15.41
C ASN A 21 5.91 3.46 -14.36
N ASN A 22 4.95 2.67 -14.82
CA ASN A 22 3.99 2.03 -13.91
C ASN A 22 4.70 1.11 -12.93
N PHE A 23 5.98 0.86 -13.18
CA PHE A 23 6.77 0.00 -12.32
C PHE A 23 7.49 0.80 -11.24
N PHE A 24 7.22 0.49 -9.98
CA PHE A 24 7.84 1.19 -8.86
C PHE A 24 9.35 0.98 -8.86
N ASP A 25 10.09 2.09 -8.92
CA ASP A 25 11.54 2.03 -8.92
C ASP A 25 12.09 2.08 -7.50
N ASP A 26 13.41 2.05 -7.39
CA ASP A 26 14.07 2.09 -6.08
C ASP A 26 13.68 3.34 -5.30
N ALA A 27 13.63 4.47 -6.01
CA ALA A 27 13.26 5.74 -5.39
C ALA A 27 11.83 5.71 -4.89
N LEU A 28 10.90 5.33 -5.77
CA LEU A 28 9.49 5.26 -5.41
C LEU A 28 9.28 4.37 -4.19
N ILE A 29 9.79 3.16 -4.24
CA ILE A 29 9.66 2.22 -3.14
C ILE A 29 10.37 2.74 -1.89
N ASP A 30 11.68 2.93 -1.99
CA ASP A 30 12.46 3.42 -0.87
C ASP A 30 11.76 4.60 -0.18
N GLU A 31 11.48 5.65 -0.96
CA GLU A 31 10.82 6.83 -0.43
C GLU A 31 9.53 6.45 0.30
N LEU A 32 8.74 5.58 -0.32
CA LEU A 32 7.48 5.13 0.27
C LEU A 32 7.71 4.52 1.64
N LEU A 33 8.61 3.55 1.71
CA LEU A 33 8.92 2.88 2.98
C LEU A 33 8.84 3.87 4.14
N GLN A 34 9.57 4.97 4.03
CA GLN A 34 9.57 5.99 5.08
C GLN A 34 8.17 6.53 5.33
N GLN A 35 7.49 6.90 4.25
CA GLN A 35 6.14 7.43 4.35
C GLN A 35 5.25 6.50 5.16
N PHE A 36 5.46 5.20 4.99
CA PHE A 36 4.67 4.20 5.71
C PHE A 36 5.08 4.14 7.18
N ALA A 37 6.37 4.24 7.44
CA ALA A 37 6.88 4.22 8.80
C ALA A 37 6.22 5.29 9.67
N SER A 38 5.89 6.42 9.05
CA SER A 38 5.27 7.51 9.76
C SER A 38 4.00 7.04 10.49
N PHE A 39 3.50 5.88 10.08
CA PHE A 39 2.30 5.32 10.70
C PHE A 39 2.58 3.93 11.27
N GLY A 40 3.15 3.06 10.45
CA GLY A 40 3.46 1.71 10.89
C GLY A 40 4.71 1.16 10.22
N GLU A 41 5.35 0.21 10.90
CA GLU A 41 6.57 -0.40 10.36
C GLU A 41 6.23 -1.57 9.44
N VAL A 42 6.77 -1.53 8.22
CA VAL A 42 6.52 -2.59 7.25
C VAL A 42 7.37 -3.81 7.54
N ILE A 43 6.86 -4.98 7.17
CA ILE A 43 7.58 -6.23 7.39
C ILE A 43 7.85 -6.95 6.07
N LEU A 44 6.87 -6.91 5.17
CA LEU A 44 6.99 -7.55 3.87
C LEU A 44 6.34 -6.72 2.78
N ILE A 45 6.84 -6.84 1.56
CA ILE A 45 6.29 -6.10 0.42
C ILE A 45 6.13 -7.01 -0.79
N ARG A 46 4.91 -7.03 -1.34
CA ARG A 46 4.62 -7.85 -2.51
C ARG A 46 4.25 -6.98 -3.71
N PHE A 47 4.98 -7.17 -4.81
CA PHE A 47 4.73 -6.40 -6.03
C PHE A 47 3.78 -7.14 -6.96
N VAL A 48 2.67 -6.49 -7.31
CA VAL A 48 1.68 -7.10 -8.20
C VAL A 48 1.98 -6.76 -9.66
N GLU A 49 1.46 -7.58 -10.57
CA GLU A 49 1.67 -7.37 -11.99
C GLU A 49 1.73 -5.88 -12.32
N ASP A 50 0.73 -5.14 -11.88
CA ASP A 50 0.67 -3.70 -12.12
C ASP A 50 0.52 -2.93 -10.82
N LYS A 51 -0.04 -3.60 -9.80
CA LYS A 51 -0.24 -2.98 -8.50
C LYS A 51 0.91 -3.33 -7.55
N MET A 52 0.93 -2.69 -6.39
CA MET A 52 1.96 -2.94 -5.39
C MET A 52 1.35 -3.13 -4.00
N TRP A 53 1.49 -4.33 -3.46
CA TRP A 53 0.96 -4.65 -2.14
C TRP A 53 2.05 -4.58 -1.08
N VAL A 54 1.67 -4.17 0.13
CA VAL A 54 2.62 -4.06 1.22
C VAL A 54 2.01 -4.60 2.51
N THR A 55 2.75 -5.49 3.18
CA THR A 55 2.28 -6.08 4.43
C THR A 55 2.80 -5.29 5.64
N PHE A 56 2.05 -5.35 6.73
CA PHE A 56 2.44 -4.64 7.95
C PHE A 56 2.44 -5.59 9.14
N LEU A 57 3.29 -5.29 10.13
CA LEU A 57 3.40 -6.11 11.33
C LEU A 57 2.02 -6.34 11.96
N GLU A 58 1.26 -5.26 12.08
CA GLU A 58 -0.08 -5.33 12.66
C GLU A 58 -1.14 -4.92 11.65
N GLY A 59 -2.41 -5.12 12.01
CA GLY A 59 -3.50 -4.75 11.12
C GLY A 59 -3.89 -3.29 11.26
N SER A 60 -3.94 -2.80 12.49
CA SER A 60 -4.32 -1.42 12.75
C SER A 60 -3.38 -0.46 12.01
N SER A 61 -2.10 -0.79 11.99
CA SER A 61 -1.10 0.04 11.33
C SER A 61 -1.49 0.29 9.87
N ALA A 62 -2.09 -0.73 9.24
CA ALA A 62 -2.52 -0.62 7.85
C ALA A 62 -3.74 0.29 7.71
N LEU A 63 -4.38 0.57 8.85
CA LEU A 63 -5.56 1.42 8.85
C LEU A 63 -5.17 2.90 8.96
N ASN A 64 -4.01 3.16 9.54
CA ASN A 64 -3.52 4.52 9.70
C ASN A 64 -2.83 5.00 8.42
N VAL A 65 -1.89 4.19 7.92
CA VAL A 65 -1.16 4.54 6.71
C VAL A 65 -2.12 4.95 5.59
N LEU A 66 -3.38 4.56 5.73
CA LEU A 66 -4.39 4.89 4.73
C LEU A 66 -4.45 6.40 4.48
N SER A 67 -4.02 7.17 5.48
CA SER A 67 -4.03 8.63 5.38
C SER A 67 -3.18 9.09 4.18
N LEU A 68 -2.42 8.16 3.61
CA LEU A 68 -1.57 8.47 2.47
C LEU A 68 -2.30 8.19 1.16
N ASN A 69 -3.61 8.01 1.25
CA ASN A 69 -4.43 7.74 0.07
C ASN A 69 -4.45 8.95 -0.86
N GLY A 70 -3.94 8.77 -2.07
CA GLY A 70 -3.92 9.85 -3.04
C GLY A 70 -2.67 10.68 -2.94
N LYS A 71 -2.05 10.71 -1.76
CA LYS A 71 -0.82 11.46 -1.54
C LYS A 71 0.11 11.34 -2.74
N GLU A 72 0.58 12.49 -3.23
CA GLU A 72 1.48 12.51 -4.38
C GLU A 72 2.93 12.64 -3.92
N LEU A 73 3.81 11.84 -4.52
CA LEU A 73 5.22 11.86 -4.18
C LEU A 73 6.09 11.75 -5.43
N LEU A 74 7.35 12.15 -5.30
CA LEU A 74 8.28 12.08 -6.43
C LEU A 74 7.57 12.36 -7.75
N ASN A 75 6.60 13.27 -7.71
CA ASN A 75 5.84 13.62 -8.91
C ASN A 75 5.10 12.41 -9.45
N ARG A 76 4.40 11.70 -8.57
CA ARG A 76 3.63 10.52 -8.95
C ARG A 76 2.46 10.30 -8.01
N THR A 77 1.26 10.58 -8.49
CA THR A 77 0.05 10.42 -7.69
C THR A 77 -0.14 8.96 -7.29
N ILE A 78 -0.08 8.69 -5.99
CA ILE A 78 -0.24 7.34 -5.48
C ILE A 78 -1.65 7.13 -4.92
N THR A 79 -2.18 5.93 -5.09
CA THR A 79 -3.51 5.60 -4.60
C THR A 79 -3.49 4.34 -3.75
N ILE A 80 -3.77 4.50 -2.46
CA ILE A 80 -3.78 3.36 -1.55
C ILE A 80 -5.19 2.81 -1.37
N ALA A 81 -5.29 1.50 -1.16
CA ALA A 81 -6.59 0.86 -0.98
C ALA A 81 -6.44 -0.42 -0.16
N LEU A 82 -7.24 -0.53 0.90
CA LEU A 82 -7.20 -1.70 1.77
C LEU A 82 -7.67 -2.95 1.02
N LYS A 83 -7.27 -4.11 1.50
CA LYS A 83 -7.65 -5.37 0.88
C LYS A 83 -8.36 -6.28 1.89
N SER A 84 -9.69 -6.26 1.85
CA SER A 84 -10.49 -7.07 2.76
C SER A 84 -11.90 -7.30 2.20
N PRO A 85 -12.44 -8.49 2.44
CA PRO A 85 -13.78 -8.86 1.96
C PRO A 85 -14.89 -8.27 2.84
N SER A 86 -15.54 -7.22 2.35
CA SER A 86 -16.61 -6.57 3.10
C SER A 86 -17.63 -7.59 3.57
N GLY A 87 -17.84 -7.64 4.89
CA GLY A 87 -18.81 -8.57 5.45
C GLY A 87 -18.52 -8.88 6.91
N PRO A 88 -19.19 -8.17 7.82
CA PRO A 88 -19.02 -8.35 9.26
C PRO A 88 -19.00 -9.83 9.65
N SER A 89 -18.23 -10.15 10.69
CA SER A 89 -18.14 -11.53 11.16
C SER A 89 -19.49 -12.23 11.07
N SER A 90 -19.48 -13.44 10.49
CA SER A 90 -20.70 -14.21 10.33
C SER A 90 -20.40 -15.71 10.31
N GLY A 91 -21.09 -16.46 11.16
CA GLY A 91 -20.87 -17.89 11.23
C GLY A 91 -21.89 -18.67 10.41
N GLY A 1 -21.09 -5.03 5.28
CA GLY A 1 -19.66 -5.16 5.49
C GLY A 1 -19.24 -4.79 6.90
N SER A 2 -18.61 -5.74 7.59
CA SER A 2 -18.16 -5.51 8.95
C SER A 2 -16.67 -5.21 8.99
N SER A 3 -16.29 -4.24 9.83
CA SER A 3 -14.89 -3.84 9.96
C SER A 3 -14.05 -5.00 10.49
N GLY A 4 -12.94 -5.28 9.80
CA GLY A 4 -12.06 -6.37 10.22
C GLY A 4 -11.07 -6.74 9.14
N SER A 5 -9.90 -6.10 9.18
CA SER A 5 -8.85 -6.37 8.19
C SER A 5 -7.74 -7.22 8.80
N SER A 6 -7.68 -8.49 8.38
CA SER A 6 -6.66 -9.41 8.88
C SER A 6 -5.27 -9.01 8.40
N GLY A 7 -4.25 -9.63 8.98
CA GLY A 7 -2.88 -9.32 8.60
C GLY A 7 -2.64 -7.83 8.44
N GLY A 8 -2.40 -7.41 7.21
CA GLY A 8 -2.16 -5.99 6.95
C GLY A 8 -1.72 -5.73 5.52
N THR A 9 -2.43 -6.32 4.56
CA THR A 9 -2.11 -6.15 3.16
C THR A 9 -2.81 -4.93 2.58
N VAL A 10 -2.03 -3.98 2.08
CA VAL A 10 -2.57 -2.76 1.50
C VAL A 10 -2.12 -2.60 0.05
N LEU A 11 -3.04 -2.17 -0.81
CA LEU A 11 -2.74 -1.98 -2.21
C LEU A 11 -2.23 -0.57 -2.47
N VAL A 12 -1.31 -0.43 -3.43
CA VAL A 12 -0.75 0.87 -3.77
C VAL A 12 -0.42 0.95 -5.25
N SER A 13 -0.93 1.98 -5.92
CA SER A 13 -0.68 2.17 -7.35
C SER A 13 -0.17 3.57 -7.63
N ILE A 14 0.61 3.70 -8.70
CA ILE A 14 1.18 4.98 -9.08
C ILE A 14 0.72 5.40 -10.48
N LYS A 15 0.29 6.65 -10.61
CA LYS A 15 -0.16 7.17 -11.90
C LYS A 15 0.99 7.80 -12.67
N SER A 16 1.21 7.31 -13.89
CA SER A 16 2.28 7.82 -14.74
C SER A 16 1.80 7.98 -16.18
N SER A 17 2.68 8.48 -17.04
CA SER A 17 2.36 8.69 -18.44
C SER A 17 2.86 7.53 -19.29
N LEU A 18 4.16 7.27 -19.21
CA LEU A 18 4.77 6.19 -19.99
C LEU A 18 4.42 4.83 -19.38
N PRO A 19 4.39 3.80 -20.22
CA PRO A 19 4.09 2.43 -19.79
C PRO A 19 5.27 1.76 -19.09
N GLU A 20 6.44 2.37 -19.22
CA GLU A 20 7.64 1.83 -18.60
C GLU A 20 7.89 2.47 -17.23
N ASN A 21 6.91 3.23 -16.75
CA ASN A 21 7.02 3.90 -15.47
C ASN A 21 6.14 3.23 -14.43
N ASN A 22 4.97 2.75 -14.86
CA ASN A 22 4.04 2.08 -13.96
C ASN A 22 4.78 1.23 -12.94
N PHE A 23 5.93 0.69 -13.34
CA PHE A 23 6.74 -0.14 -12.45
C PHE A 23 7.45 0.72 -11.41
N PHE A 24 7.15 0.46 -10.14
CA PHE A 24 7.77 1.21 -9.04
C PHE A 24 9.28 1.11 -9.11
N ASP A 25 9.96 2.25 -8.98
CA ASP A 25 11.41 2.29 -9.00
C ASP A 25 12.00 2.32 -7.60
N ASP A 26 13.31 2.13 -7.50
CA ASP A 26 13.98 2.13 -6.21
C ASP A 26 13.56 3.33 -5.38
N ALA A 27 13.60 4.52 -5.98
CA ALA A 27 13.22 5.74 -5.29
C ALA A 27 11.80 5.65 -4.76
N LEU A 28 10.85 5.37 -5.64
CA LEU A 28 9.45 5.26 -5.27
C LEU A 28 9.29 4.35 -4.05
N ILE A 29 9.82 3.13 -4.15
CA ILE A 29 9.74 2.17 -3.05
C ILE A 29 10.42 2.70 -1.80
N ASP A 30 11.74 2.90 -1.90
CA ASP A 30 12.51 3.40 -0.77
C ASP A 30 11.78 4.55 -0.07
N GLU A 31 11.45 5.58 -0.84
CA GLU A 31 10.75 6.74 -0.29
C GLU A 31 9.50 6.31 0.45
N LEU A 32 8.67 5.50 -0.21
CA LEU A 32 7.43 5.02 0.39
C LEU A 32 7.68 4.48 1.81
N LEU A 33 8.57 3.51 1.91
CA LEU A 33 8.90 2.91 3.20
C LEU A 33 8.85 3.95 4.31
N GLN A 34 9.60 5.03 4.15
CA GLN A 34 9.64 6.11 5.13
C GLN A 34 8.23 6.65 5.38
N GLN A 35 7.49 6.89 4.31
CA GLN A 35 6.14 7.42 4.43
C GLN A 35 5.26 6.49 5.25
N PHE A 36 5.48 5.19 5.10
CA PHE A 36 4.70 4.19 5.84
C PHE A 36 5.10 4.17 7.31
N ALA A 37 6.41 4.14 7.56
CA ALA A 37 6.92 4.11 8.92
C ALA A 37 6.26 5.19 9.78
N SER A 38 5.96 6.32 9.16
CA SER A 38 5.33 7.43 9.87
C SER A 38 4.16 6.95 10.72
N PHE A 39 3.49 5.91 10.24
CA PHE A 39 2.35 5.34 10.97
C PHE A 39 2.58 3.87 11.27
N GLY A 40 2.80 3.08 10.23
CA GLY A 40 3.03 1.66 10.41
C GLY A 40 4.37 1.21 9.86
N GLU A 41 4.96 0.19 10.48
CA GLU A 41 6.25 -0.32 10.05
C GLU A 41 6.07 -1.44 9.02
N VAL A 42 6.76 -1.31 7.90
CA VAL A 42 6.68 -2.31 6.84
C VAL A 42 7.64 -3.47 7.10
N ILE A 43 7.18 -4.68 6.82
CA ILE A 43 7.99 -5.88 7.03
C ILE A 43 8.15 -6.66 5.73
N LEU A 44 7.07 -6.76 4.96
CA LEU A 44 7.09 -7.48 3.69
C LEU A 44 6.36 -6.70 2.61
N ILE A 45 6.95 -6.65 1.42
CA ILE A 45 6.34 -5.93 0.30
C ILE A 45 6.14 -6.85 -0.90
N ARG A 46 4.92 -6.91 -1.41
CA ARG A 46 4.61 -7.75 -2.55
C ARG A 46 4.26 -6.91 -3.77
N PHE A 47 4.99 -7.15 -4.87
CA PHE A 47 4.77 -6.40 -6.10
C PHE A 47 3.79 -7.14 -7.01
N VAL A 48 2.64 -6.52 -7.28
CA VAL A 48 1.62 -7.12 -8.14
C VAL A 48 1.91 -6.81 -9.61
N GLU A 49 1.37 -7.66 -10.49
CA GLU A 49 1.56 -7.47 -11.92
C GLU A 49 1.61 -6.00 -12.29
N ASP A 50 0.62 -5.24 -11.83
CA ASP A 50 0.55 -3.81 -12.10
C ASP A 50 0.43 -3.02 -10.81
N LYS A 51 -0.12 -3.65 -9.78
CA LYS A 51 -0.30 -3.00 -8.48
C LYS A 51 0.85 -3.35 -7.54
N MET A 52 0.87 -2.70 -6.38
CA MET A 52 1.92 -2.95 -5.39
C MET A 52 1.32 -3.10 -4.00
N TRP A 53 1.39 -4.32 -3.47
CA TRP A 53 0.86 -4.60 -2.14
C TRP A 53 1.93 -4.42 -1.06
N VAL A 54 1.52 -4.01 0.13
CA VAL A 54 2.44 -3.79 1.23
C VAL A 54 1.90 -4.41 2.52
N THR A 55 2.70 -5.26 3.15
CA THR A 55 2.31 -5.92 4.38
C THR A 55 2.77 -5.12 5.60
N PHE A 56 2.04 -5.24 6.71
CA PHE A 56 2.38 -4.54 7.93
C PHE A 56 2.34 -5.48 9.13
N LEU A 57 3.25 -5.27 10.07
CA LEU A 57 3.33 -6.09 11.26
C LEU A 57 1.93 -6.40 11.81
N GLU A 58 1.15 -5.34 12.01
CA GLU A 58 -0.21 -5.51 12.53
C GLU A 58 -1.24 -4.98 11.52
N GLY A 59 -2.51 -5.11 11.87
CA GLY A 59 -3.57 -4.65 10.99
C GLY A 59 -3.89 -3.18 11.19
N SER A 60 -4.08 -2.79 12.44
CA SER A 60 -4.39 -1.41 12.77
C SER A 60 -3.43 -0.44 12.11
N SER A 61 -2.15 -0.83 12.06
CA SER A 61 -1.12 0.00 11.45
C SER A 61 -1.46 0.30 9.99
N ALA A 62 -2.12 -0.65 9.33
CA ALA A 62 -2.51 -0.49 7.94
C ALA A 62 -3.71 0.44 7.81
N LEU A 63 -4.46 0.59 8.90
CA LEU A 63 -5.64 1.45 8.90
C LEU A 63 -5.25 2.92 9.01
N ASN A 64 -4.10 3.18 9.63
CA ASN A 64 -3.60 4.53 9.80
C ASN A 64 -2.89 5.02 8.54
N VAL A 65 -1.95 4.21 8.06
CA VAL A 65 -1.18 4.55 6.86
C VAL A 65 -2.12 5.00 5.74
N LEU A 66 -3.38 4.59 5.83
CA LEU A 66 -4.37 4.95 4.81
C LEU A 66 -4.33 6.44 4.51
N SER A 67 -3.95 7.24 5.51
CA SER A 67 -3.88 8.68 5.36
C SER A 67 -3.08 9.05 4.11
N LEU A 68 -2.28 8.12 3.63
CA LEU A 68 -1.47 8.34 2.44
C LEU A 68 -2.24 7.97 1.18
N ASN A 69 -3.55 7.92 1.28
CA ASN A 69 -4.41 7.58 0.15
C ASN A 69 -4.48 8.74 -0.84
N GLY A 70 -3.81 8.60 -1.98
CA GLY A 70 -3.83 9.64 -2.98
C GLY A 70 -2.59 10.53 -2.91
N LYS A 71 -1.99 10.62 -1.73
CA LYS A 71 -0.80 11.44 -1.53
C LYS A 71 0.12 11.35 -2.75
N GLU A 72 0.52 12.50 -3.28
CA GLU A 72 1.40 12.54 -4.43
C GLU A 72 2.86 12.66 -4.00
N LEU A 73 3.69 11.73 -4.48
CA LEU A 73 5.11 11.73 -4.15
C LEU A 73 5.96 11.54 -5.39
N LEU A 74 7.20 12.01 -5.34
CA LEU A 74 8.12 11.89 -6.46
C LEU A 74 7.40 12.16 -7.78
N ASN A 75 6.63 13.25 -7.82
CA ASN A 75 5.90 13.61 -9.02
C ASN A 75 5.08 12.43 -9.54
N ARG A 76 4.46 11.70 -8.62
CA ARG A 76 3.64 10.54 -8.97
C ARG A 76 2.50 10.37 -7.99
N THR A 77 1.27 10.37 -8.51
CA THR A 77 0.08 10.22 -7.68
C THR A 77 -0.07 8.77 -7.21
N ILE A 78 0.03 8.57 -5.90
CA ILE A 78 -0.11 7.24 -5.33
C ILE A 78 -1.50 7.02 -4.75
N THR A 79 -2.08 5.86 -5.03
CA THR A 79 -3.42 5.53 -4.53
C THR A 79 -3.38 4.28 -3.65
N ILE A 80 -3.65 4.47 -2.36
CA ILE A 80 -3.65 3.37 -1.42
C ILE A 80 -5.07 2.88 -1.15
N ALA A 81 -5.24 1.56 -1.10
CA ALA A 81 -6.55 0.97 -0.85
C ALA A 81 -6.41 -0.39 -0.17
N LEU A 82 -7.22 -0.62 0.85
CA LEU A 82 -7.19 -1.88 1.59
C LEU A 82 -7.65 -3.04 0.71
N LYS A 83 -7.25 -4.25 1.08
CA LYS A 83 -7.62 -5.44 0.32
C LYS A 83 -9.05 -5.88 0.66
N SER A 84 -9.89 -5.94 -0.36
CA SER A 84 -11.29 -6.34 -0.17
C SER A 84 -11.38 -7.80 0.26
N PRO A 85 -12.35 -8.09 1.13
CA PRO A 85 -12.57 -9.45 1.64
C PRO A 85 -12.52 -10.51 0.53
N SER A 86 -11.39 -11.20 0.43
CA SER A 86 -11.22 -12.23 -0.59
C SER A 86 -10.43 -13.41 -0.04
N GLY A 87 -11.10 -14.57 0.04
CA GLY A 87 -10.44 -15.75 0.55
C GLY A 87 -11.41 -16.89 0.80
N PRO A 88 -11.82 -17.08 2.06
CA PRO A 88 -12.76 -18.13 2.45
C PRO A 88 -14.20 -17.78 2.12
N SER A 89 -14.38 -16.79 1.24
CA SER A 89 -15.71 -16.35 0.84
C SER A 89 -15.74 -15.97 -0.64
N SER A 90 -16.36 -16.82 -1.45
CA SER A 90 -16.45 -16.59 -2.89
C SER A 90 -15.07 -16.26 -3.48
N GLY A 91 -14.07 -17.02 -3.04
CA GLY A 91 -12.72 -16.80 -3.54
C GLY A 91 -12.58 -17.15 -5.00
N GLY A 1 -16.11 -7.39 12.04
CA GLY A 1 -17.28 -6.64 11.62
C GLY A 1 -16.96 -5.61 10.57
N SER A 2 -16.56 -4.42 11.01
CA SER A 2 -16.22 -3.33 10.09
C SER A 2 -14.89 -3.62 9.39
N SER A 3 -13.91 -4.05 10.16
CA SER A 3 -12.58 -4.35 9.62
C SER A 3 -12.38 -5.86 9.49
N GLY A 4 -12.49 -6.35 8.26
CA GLY A 4 -12.32 -7.76 8.01
C GLY A 4 -11.04 -8.31 8.62
N SER A 5 -11.18 -9.24 9.55
CA SER A 5 -10.03 -9.84 10.22
C SER A 5 -9.04 -10.40 9.21
N SER A 6 -7.85 -9.81 9.17
CA SER A 6 -6.81 -10.26 8.23
C SER A 6 -5.45 -9.69 8.63
N GLY A 7 -4.42 -10.12 7.92
CA GLY A 7 -3.07 -9.64 8.21
C GLY A 7 -2.97 -8.13 8.14
N GLY A 8 -2.37 -7.63 7.06
CA GLY A 8 -2.22 -6.21 6.89
C GLY A 8 -1.73 -5.84 5.50
N THR A 9 -2.24 -6.52 4.49
CA THR A 9 -1.85 -6.25 3.11
C THR A 9 -2.61 -5.07 2.54
N VAL A 10 -1.87 -4.06 2.08
CA VAL A 10 -2.48 -2.87 1.51
C VAL A 10 -2.10 -2.70 0.04
N LEU A 11 -3.02 -2.21 -0.77
CA LEU A 11 -2.77 -2.00 -2.19
C LEU A 11 -2.30 -0.58 -2.46
N VAL A 12 -1.30 -0.46 -3.33
CA VAL A 12 -0.74 0.84 -3.68
C VAL A 12 -0.43 0.93 -5.17
N SER A 13 -0.88 2.01 -5.80
CA SER A 13 -0.65 2.21 -7.22
C SER A 13 -0.10 3.61 -7.49
N ILE A 14 0.59 3.76 -8.62
CA ILE A 14 1.18 5.04 -9.00
C ILE A 14 0.66 5.50 -10.35
N LYS A 15 0.31 6.78 -10.45
CA LYS A 15 -0.20 7.35 -11.68
C LYS A 15 0.94 7.67 -12.65
N SER A 16 0.91 7.04 -13.82
CA SER A 16 1.95 7.25 -14.82
C SER A 16 1.33 7.43 -16.21
N SER A 17 2.17 7.73 -17.19
CA SER A 17 1.71 7.92 -18.56
C SER A 17 2.19 6.80 -19.46
N LEU A 18 3.46 6.41 -19.29
CA LEU A 18 4.04 5.34 -20.10
C LEU A 18 3.78 3.98 -19.46
N PRO A 19 3.74 2.93 -20.29
CA PRO A 19 3.50 1.56 -19.83
C PRO A 19 4.74 0.95 -19.18
N GLU A 20 5.89 1.55 -19.42
CA GLU A 20 7.15 1.06 -18.86
C GLU A 20 7.54 1.86 -17.62
N ASN A 21 6.56 2.57 -17.06
CA ASN A 21 6.81 3.38 -15.86
C ASN A 21 5.96 2.89 -14.69
N ASN A 22 4.75 2.44 -15.00
CA ASN A 22 3.84 1.94 -13.97
C ASN A 22 4.59 1.12 -12.93
N PHE A 23 5.72 0.54 -13.34
CA PHE A 23 6.53 -0.28 -12.43
C PHE A 23 7.22 0.60 -11.40
N PHE A 24 7.01 0.28 -10.13
CA PHE A 24 7.61 1.03 -9.04
C PHE A 24 9.14 0.98 -9.10
N ASP A 25 9.78 2.12 -8.99
CA ASP A 25 11.24 2.20 -9.03
C ASP A 25 11.83 2.25 -7.63
N ASP A 26 13.13 2.02 -7.53
CA ASP A 26 13.82 2.03 -6.25
C ASP A 26 13.45 3.28 -5.44
N ALA A 27 13.55 4.44 -6.08
CA ALA A 27 13.22 5.70 -5.43
C ALA A 27 11.80 5.69 -4.90
N LEU A 28 10.85 5.29 -5.74
CA LEU A 28 9.45 5.23 -5.35
C LEU A 28 9.26 4.35 -4.12
N ILE A 29 9.80 3.14 -4.17
CA ILE A 29 9.70 2.21 -3.06
C ILE A 29 10.40 2.75 -1.82
N ASP A 30 11.72 2.91 -1.92
CA ASP A 30 12.51 3.42 -0.81
C ASP A 30 11.79 4.58 -0.11
N GLU A 31 11.46 5.61 -0.88
CA GLU A 31 10.77 6.77 -0.34
C GLU A 31 9.50 6.36 0.39
N LEU A 32 8.71 5.50 -0.25
CA LEU A 32 7.46 5.02 0.35
C LEU A 32 7.70 4.44 1.73
N LEU A 33 8.59 3.46 1.81
CA LEU A 33 8.91 2.81 3.08
C LEU A 33 8.84 3.81 4.22
N GLN A 34 9.69 4.84 4.15
CA GLN A 34 9.72 5.88 5.18
C GLN A 34 8.33 6.43 5.44
N GLN A 35 7.64 6.83 4.38
CA GLN A 35 6.30 7.38 4.50
C GLN A 35 5.39 6.45 5.29
N PHE A 36 5.53 5.15 5.06
CA PHE A 36 4.73 4.15 5.75
C PHE A 36 5.07 4.11 7.23
N ALA A 37 6.36 4.13 7.53
CA ALA A 37 6.82 4.09 8.92
C ALA A 37 6.12 5.15 9.76
N SER A 38 5.80 6.28 9.14
CA SER A 38 5.13 7.37 9.83
C SER A 38 4.03 6.84 10.74
N PHE A 39 3.38 5.77 10.30
CA PHE A 39 2.30 5.17 11.07
C PHE A 39 2.63 3.72 11.42
N GLY A 40 2.98 2.94 10.40
CA GLY A 40 3.32 1.54 10.61
C GLY A 40 4.66 1.17 10.01
N GLU A 41 5.41 0.32 10.72
CA GLU A 41 6.72 -0.11 10.25
C GLU A 41 6.59 -1.30 9.30
N VAL A 42 6.65 -1.04 8.01
CA VAL A 42 6.54 -2.09 7.00
C VAL A 42 7.51 -3.23 7.29
N ILE A 43 7.08 -4.46 7.02
CA ILE A 43 7.91 -5.63 7.24
C ILE A 43 8.16 -6.39 5.94
N LEU A 44 7.10 -6.57 5.17
CA LEU A 44 7.21 -7.28 3.89
C LEU A 44 6.44 -6.54 2.79
N ILE A 45 6.95 -6.62 1.57
CA ILE A 45 6.32 -5.97 0.44
C ILE A 45 6.15 -6.94 -0.74
N ARG A 46 5.00 -6.88 -1.38
CA ARG A 46 4.71 -7.76 -2.51
C ARG A 46 4.28 -6.94 -3.73
N PHE A 47 5.01 -7.09 -4.83
CA PHE A 47 4.71 -6.37 -6.05
C PHE A 47 3.72 -7.14 -6.92
N VAL A 48 2.60 -6.51 -7.26
CA VAL A 48 1.57 -7.14 -8.07
C VAL A 48 1.78 -6.84 -9.55
N GLU A 49 1.24 -7.68 -10.41
CA GLU A 49 1.36 -7.51 -11.85
C GLU A 49 1.45 -6.02 -12.21
N ASP A 50 0.45 -5.26 -11.78
CA ASP A 50 0.41 -3.83 -12.07
C ASP A 50 0.35 -3.03 -10.76
N LYS A 51 -0.19 -3.65 -9.72
CA LYS A 51 -0.31 -2.99 -8.42
C LYS A 51 0.86 -3.36 -7.51
N MET A 52 0.93 -2.72 -6.35
CA MET A 52 1.99 -2.98 -5.39
C MET A 52 1.43 -3.17 -3.99
N TRP A 53 1.41 -4.41 -3.53
CA TRP A 53 0.90 -4.73 -2.20
C TRP A 53 1.97 -4.55 -1.15
N VAL A 54 1.58 -4.05 0.03
CA VAL A 54 2.51 -3.83 1.12
C VAL A 54 1.97 -4.38 2.43
N THR A 55 2.78 -5.17 3.12
CA THR A 55 2.37 -5.77 4.39
C THR A 55 2.79 -4.89 5.56
N PHE A 56 2.07 -5.00 6.67
CA PHE A 56 2.36 -4.22 7.87
C PHE A 56 2.34 -5.09 9.11
N LEU A 57 3.19 -4.76 10.08
CA LEU A 57 3.26 -5.52 11.33
C LEU A 57 1.88 -5.99 11.76
N GLU A 58 0.99 -5.04 12.02
CA GLU A 58 -0.37 -5.36 12.44
C GLU A 58 -1.40 -4.70 11.53
N GLY A 59 -2.58 -5.29 11.44
CA GLY A 59 -3.63 -4.74 10.60
C GLY A 59 -3.87 -3.27 10.86
N SER A 60 -4.05 -2.92 12.14
CA SER A 60 -4.29 -1.54 12.51
C SER A 60 -3.31 -0.59 11.84
N SER A 61 -2.04 -1.00 11.80
CA SER A 61 -1.00 -0.20 11.18
C SER A 61 -1.35 0.12 9.72
N ALA A 62 -2.06 -0.80 9.09
CA ALA A 62 -2.48 -0.62 7.70
C ALA A 62 -3.72 0.25 7.60
N LEU A 63 -4.42 0.41 8.71
CA LEU A 63 -5.64 1.21 8.75
C LEU A 63 -5.30 2.69 8.92
N ASN A 64 -4.13 2.96 9.48
CA ASN A 64 -3.69 4.34 9.70
C ASN A 64 -2.95 4.87 8.48
N VAL A 65 -2.03 4.08 7.95
CA VAL A 65 -1.26 4.46 6.78
C VAL A 65 -2.16 4.95 5.65
N LEU A 66 -3.42 4.52 5.69
CA LEU A 66 -4.39 4.91 4.68
C LEU A 66 -4.39 6.41 4.47
N SER A 67 -3.98 7.15 5.49
CA SER A 67 -3.93 8.60 5.42
C SER A 67 -3.10 9.06 4.23
N LEU A 68 -2.32 8.15 3.67
CA LEU A 68 -1.48 8.45 2.52
C LEU A 68 -2.21 8.17 1.21
N ASN A 69 -3.54 8.05 1.29
CA ASN A 69 -4.36 7.77 0.12
C ASN A 69 -4.38 8.97 -0.82
N GLY A 70 -3.93 8.77 -2.05
CA GLY A 70 -3.90 9.84 -3.02
C GLY A 70 -2.65 10.69 -2.93
N LYS A 71 -2.07 10.74 -1.74
CA LYS A 71 -0.86 11.52 -1.52
C LYS A 71 0.08 11.42 -2.72
N GLU A 72 0.50 12.57 -3.23
CA GLU A 72 1.40 12.62 -4.37
C GLU A 72 2.85 12.75 -3.93
N LEU A 73 3.69 11.83 -4.39
CA LEU A 73 5.11 11.85 -4.04
C LEU A 73 5.98 11.62 -5.27
N LEU A 74 7.21 12.13 -5.22
CA LEU A 74 8.14 11.99 -6.33
C LEU A 74 7.43 12.20 -7.67
N ASN A 75 6.67 13.28 -7.76
CA ASN A 75 5.94 13.60 -8.99
C ASN A 75 5.19 12.37 -9.51
N ARG A 76 4.60 11.62 -8.59
CA ARG A 76 3.85 10.42 -8.95
C ARG A 76 2.69 10.19 -7.99
N THR A 77 1.48 10.48 -8.45
CA THR A 77 0.28 10.32 -7.63
C THR A 77 0.13 8.87 -7.17
N ILE A 78 0.11 8.67 -5.86
CA ILE A 78 -0.04 7.33 -5.30
C ILE A 78 -1.45 7.11 -4.78
N THR A 79 -1.96 5.89 -4.94
CA THR A 79 -3.30 5.54 -4.49
C THR A 79 -3.27 4.31 -3.60
N ILE A 80 -3.72 4.46 -2.36
CA ILE A 80 -3.75 3.34 -1.42
C ILE A 80 -5.17 2.81 -1.25
N ALA A 81 -5.29 1.49 -1.16
CA ALA A 81 -6.58 0.85 -0.99
C ALA A 81 -6.47 -0.46 -0.21
N LEU A 82 -7.39 -0.68 0.73
CA LEU A 82 -7.37 -1.88 1.55
C LEU A 82 -7.83 -3.09 0.74
N LYS A 83 -7.37 -4.27 1.14
CA LYS A 83 -7.73 -5.50 0.45
C LYS A 83 -9.04 -6.07 1.00
N SER A 84 -9.79 -6.75 0.14
CA SER A 84 -11.06 -7.34 0.54
C SER A 84 -10.87 -8.33 1.69
N PRO A 85 -11.85 -8.35 2.61
CA PRO A 85 -11.81 -9.24 3.77
C PRO A 85 -11.45 -10.67 3.39
N SER A 86 -12.14 -11.22 2.40
CA SER A 86 -11.87 -12.58 1.95
C SER A 86 -10.41 -12.76 1.56
N GLY A 87 -9.92 -13.99 1.68
CA GLY A 87 -8.54 -14.27 1.35
C GLY A 87 -8.29 -15.75 1.14
N PRO A 88 -8.79 -16.29 0.01
CA PRO A 88 -8.63 -17.70 -0.33
C PRO A 88 -7.20 -18.19 -0.11
N SER A 89 -7.03 -19.51 -0.06
CA SER A 89 -5.72 -20.10 0.15
C SER A 89 -4.94 -20.17 -1.16
N SER A 90 -5.53 -20.79 -2.17
CA SER A 90 -4.89 -20.92 -3.48
C SER A 90 -4.15 -19.64 -3.85
N GLY A 91 -2.83 -19.76 -3.98
CA GLY A 91 -2.02 -18.60 -4.33
C GLY A 91 -0.68 -18.59 -3.62
N GLY A 1 -14.26 6.61 10.61
CA GLY A 1 -14.13 5.50 11.52
C GLY A 1 -14.04 4.17 10.80
N SER A 2 -12.94 3.97 10.08
CA SER A 2 -12.73 2.74 9.33
C SER A 2 -12.80 1.52 10.25
N SER A 3 -13.95 0.86 10.27
CA SER A 3 -14.15 -0.31 11.11
C SER A 3 -13.82 -1.58 10.34
N GLY A 4 -12.76 -2.27 10.78
CA GLY A 4 -12.36 -3.51 10.12
C GLY A 4 -11.04 -4.03 10.64
N SER A 5 -10.74 -5.29 10.33
CA SER A 5 -9.51 -5.92 10.77
C SER A 5 -9.15 -7.10 9.88
N SER A 6 -7.85 -7.31 9.69
CA SER A 6 -7.37 -8.41 8.86
C SER A 6 -5.85 -8.53 8.93
N GLY A 7 -5.30 -9.51 8.23
CA GLY A 7 -3.87 -9.71 8.22
C GLY A 7 -3.09 -8.41 8.25
N GLY A 8 -2.95 -7.78 7.08
CA GLY A 8 -2.23 -6.52 7.00
C GLY A 8 -1.68 -6.26 5.61
N THR A 9 -2.51 -6.48 4.60
CA THR A 9 -2.10 -6.27 3.22
C THR A 9 -2.84 -5.08 2.61
N VAL A 10 -2.08 -4.07 2.18
CA VAL A 10 -2.66 -2.88 1.56
C VAL A 10 -2.20 -2.72 0.13
N LEU A 11 -3.11 -2.25 -0.73
CA LEU A 11 -2.79 -2.06 -2.14
C LEU A 11 -2.29 -0.63 -2.39
N VAL A 12 -1.32 -0.50 -3.30
CA VAL A 12 -0.76 0.79 -3.63
C VAL A 12 -0.45 0.90 -5.12
N SER A 13 -0.96 1.95 -5.76
CA SER A 13 -0.74 2.16 -7.18
C SER A 13 -0.25 3.58 -7.46
N ILE A 14 0.40 3.76 -8.60
CA ILE A 14 0.93 5.06 -8.98
C ILE A 14 0.34 5.52 -10.31
N LYS A 15 0.48 6.82 -10.59
CA LYS A 15 -0.03 7.38 -11.84
C LYS A 15 1.09 7.53 -12.87
N SER A 16 1.04 6.70 -13.90
CA SER A 16 2.04 6.72 -14.96
C SER A 16 1.40 6.55 -16.33
N SER A 17 1.72 7.45 -17.25
CA SER A 17 1.17 7.40 -18.60
C SER A 17 1.85 6.31 -19.42
N LEU A 18 3.18 6.28 -19.38
CA LEU A 18 3.95 5.30 -20.11
C LEU A 18 3.84 3.92 -19.45
N PRO A 19 3.89 2.86 -20.28
CA PRO A 19 3.81 1.48 -19.80
C PRO A 19 5.10 1.01 -19.16
N GLU A 20 6.18 1.77 -19.38
CA GLU A 20 7.48 1.43 -18.82
C GLU A 20 7.76 2.23 -17.56
N ASN A 21 6.72 2.84 -17.01
CA ASN A 21 6.86 3.64 -15.80
C ASN A 21 6.03 3.06 -14.66
N ASN A 22 4.85 2.54 -15.00
CA ASN A 22 3.96 1.95 -14.01
C ASN A 22 4.76 1.16 -12.97
N PHE A 23 5.92 0.67 -13.36
CA PHE A 23 6.78 -0.11 -12.47
C PHE A 23 7.35 0.79 -11.37
N PHE A 24 7.33 0.29 -10.14
CA PHE A 24 7.85 1.03 -9.00
C PHE A 24 9.36 0.98 -8.96
N ASP A 25 10.00 2.15 -9.03
CA ASP A 25 11.45 2.23 -9.01
C ASP A 25 11.97 2.25 -7.57
N ASP A 26 13.25 1.91 -7.41
CA ASP A 26 13.86 1.89 -6.08
C ASP A 26 13.50 3.14 -5.30
N ALA A 27 13.49 4.28 -5.97
CA ALA A 27 13.16 5.55 -5.33
C ALA A 27 11.71 5.55 -4.86
N LEU A 28 10.80 5.19 -5.75
CA LEU A 28 9.38 5.16 -5.43
C LEU A 28 9.11 4.27 -4.23
N ILE A 29 9.72 3.08 -4.23
CA ILE A 29 9.54 2.13 -3.15
C ILE A 29 10.23 2.63 -1.87
N ASP A 30 11.55 2.83 -1.96
CA ASP A 30 12.32 3.31 -0.82
C ASP A 30 11.65 4.51 -0.17
N GLU A 31 11.32 5.50 -0.99
CA GLU A 31 10.68 6.71 -0.50
C GLU A 31 9.38 6.39 0.24
N LEU A 32 8.62 5.44 -0.30
CA LEU A 32 7.35 5.03 0.30
C LEU A 32 7.58 4.49 1.70
N LEU A 33 8.50 3.55 1.84
CA LEU A 33 8.81 2.95 3.14
C LEU A 33 8.69 3.99 4.25
N GLN A 34 9.54 5.01 4.21
CA GLN A 34 9.53 6.06 5.22
C GLN A 34 8.12 6.61 5.40
N GLN A 35 7.48 6.99 4.31
CA GLN A 35 6.13 7.54 4.35
C GLN A 35 5.21 6.63 5.17
N PHE A 36 5.37 5.32 5.00
CA PHE A 36 4.56 4.35 5.73
C PHE A 36 4.95 4.29 7.20
N ALA A 37 6.26 4.30 7.45
CA ALA A 37 6.77 4.25 8.81
C ALA A 37 6.12 5.31 9.69
N SER A 38 5.89 6.48 9.11
CA SER A 38 5.26 7.58 9.84
C SER A 38 4.04 7.10 10.62
N PHE A 39 3.49 5.97 10.19
CA PHE A 39 2.32 5.39 10.85
C PHE A 39 2.59 3.97 11.31
N GLY A 40 2.93 3.11 10.35
CA GLY A 40 3.21 1.72 10.67
C GLY A 40 4.53 1.24 10.07
N GLU A 41 5.16 0.28 10.74
CA GLU A 41 6.42 -0.26 10.28
C GLU A 41 6.20 -1.43 9.32
N VAL A 42 6.78 -1.34 8.13
CA VAL A 42 6.65 -2.38 7.12
C VAL A 42 7.57 -3.55 7.42
N ILE A 43 7.16 -4.76 7.01
CA ILE A 43 7.95 -5.95 7.24
C ILE A 43 8.20 -6.70 5.93
N LEU A 44 7.17 -6.77 5.09
CA LEU A 44 7.27 -7.45 3.81
C LEU A 44 6.52 -6.68 2.72
N ILE A 45 7.04 -6.74 1.50
CA ILE A 45 6.42 -6.05 0.38
C ILE A 45 6.36 -6.96 -0.86
N ARG A 46 5.26 -6.85 -1.61
CA ARG A 46 5.08 -7.65 -2.81
C ARG A 46 4.56 -6.80 -3.96
N PHE A 47 5.23 -6.89 -5.10
CA PHE A 47 4.84 -6.12 -6.28
C PHE A 47 3.89 -6.93 -7.16
N VAL A 48 2.71 -6.37 -7.42
CA VAL A 48 1.71 -7.03 -8.25
C VAL A 48 1.92 -6.71 -9.72
N GLU A 49 1.41 -7.59 -10.59
CA GLU A 49 1.54 -7.39 -12.03
C GLU A 49 1.50 -5.92 -12.39
N ASP A 50 0.51 -5.21 -11.87
CA ASP A 50 0.37 -3.78 -12.12
C ASP A 50 0.26 -2.99 -10.82
N LYS A 51 -0.27 -3.65 -9.79
CA LYS A 51 -0.43 -3.01 -8.49
C LYS A 51 0.74 -3.35 -7.57
N MET A 52 0.76 -2.71 -6.41
CA MET A 52 1.83 -2.94 -5.43
C MET A 52 1.26 -3.10 -4.03
N TRP A 53 1.29 -4.31 -3.51
CA TRP A 53 0.78 -4.60 -2.19
C TRP A 53 1.90 -4.56 -1.15
N VAL A 54 1.58 -4.07 0.04
CA VAL A 54 2.56 -3.98 1.12
C VAL A 54 2.03 -4.61 2.40
N THR A 55 2.89 -5.32 3.12
CA THR A 55 2.51 -5.98 4.36
C THR A 55 2.93 -5.14 5.56
N PHE A 56 2.24 -5.35 6.69
CA PHE A 56 2.54 -4.61 7.91
C PHE A 56 2.54 -5.55 9.11
N LEU A 57 3.34 -5.22 10.12
CA LEU A 57 3.44 -6.03 11.33
C LEU A 57 2.05 -6.30 11.90
N GLU A 58 1.28 -5.24 12.10
CA GLU A 58 -0.06 -5.37 12.65
C GLU A 58 -1.11 -4.95 11.62
N GLY A 59 -2.38 -5.14 11.96
CA GLY A 59 -3.46 -4.78 11.07
C GLY A 59 -3.88 -3.34 11.21
N SER A 60 -4.08 -2.90 12.46
CA SER A 60 -4.49 -1.53 12.74
C SER A 60 -3.51 -0.53 12.12
N SER A 61 -2.26 -0.97 11.96
CA SER A 61 -1.23 -0.10 11.39
C SER A 61 -1.51 0.16 9.91
N ALA A 62 -2.18 -0.78 9.26
CA ALA A 62 -2.51 -0.64 7.85
C ALA A 62 -3.71 0.27 7.65
N LEU A 63 -4.42 0.57 8.74
CA LEU A 63 -5.60 1.42 8.69
C LEU A 63 -5.20 2.89 8.78
N ASN A 64 -4.12 3.16 9.51
CA ASN A 64 -3.63 4.53 9.69
C ASN A 64 -2.93 5.02 8.43
N VAL A 65 -2.11 4.14 7.84
CA VAL A 65 -1.38 4.48 6.63
C VAL A 65 -2.31 4.93 5.52
N LEU A 66 -3.60 4.63 5.68
CA LEU A 66 -4.60 5.00 4.70
C LEU A 66 -4.57 6.50 4.42
N SER A 67 -4.17 7.27 5.42
CA SER A 67 -4.09 8.72 5.29
C SER A 67 -3.21 9.11 4.11
N LEU A 68 -2.32 8.21 3.72
CA LEU A 68 -1.40 8.46 2.61
C LEU A 68 -2.09 8.17 1.28
N ASN A 69 -3.40 7.95 1.33
CA ASN A 69 -4.17 7.66 0.12
C ASN A 69 -4.29 8.90 -0.75
N GLY A 70 -3.78 8.82 -1.97
CA GLY A 70 -3.84 9.94 -2.88
C GLY A 70 -2.61 10.84 -2.79
N LYS A 71 -1.95 10.82 -1.64
CA LYS A 71 -0.75 11.63 -1.43
C LYS A 71 0.18 11.55 -2.63
N GLU A 72 0.59 12.70 -3.13
CA GLU A 72 1.48 12.77 -4.29
C GLU A 72 2.94 12.84 -3.85
N LEU A 73 3.78 12.03 -4.46
CA LEU A 73 5.20 12.00 -4.13
C LEU A 73 6.04 11.67 -5.36
N LEU A 74 7.32 12.04 -5.32
CA LEU A 74 8.23 11.78 -6.43
C LEU A 74 7.54 12.01 -7.76
N ASN A 75 6.83 13.13 -7.88
CA ASN A 75 6.13 13.46 -9.10
C ASN A 75 5.30 12.28 -9.61
N ARG A 76 4.64 11.60 -8.68
CA ARG A 76 3.82 10.44 -9.02
C ARG A 76 2.69 10.26 -8.02
N THR A 77 1.45 10.41 -8.49
CA THR A 77 0.28 10.27 -7.64
C THR A 77 0.10 8.82 -7.18
N ILE A 78 0.06 8.62 -5.87
CA ILE A 78 -0.11 7.27 -5.32
C ILE A 78 -1.52 7.10 -4.75
N THR A 79 -2.06 5.89 -4.89
CA THR A 79 -3.39 5.58 -4.40
C THR A 79 -3.38 4.32 -3.55
N ILE A 80 -3.73 4.45 -2.28
CA ILE A 80 -3.77 3.32 -1.36
C ILE A 80 -5.18 2.78 -1.21
N ALA A 81 -5.31 1.47 -1.04
CA ALA A 81 -6.61 0.84 -0.88
C ALA A 81 -6.47 -0.50 -0.16
N LEU A 82 -7.28 -0.68 0.89
CA LEU A 82 -7.26 -1.92 1.66
C LEU A 82 -7.70 -3.10 0.81
N LYS A 83 -7.31 -4.30 1.23
CA LYS A 83 -7.67 -5.51 0.52
C LYS A 83 -8.95 -6.13 1.10
N SER A 84 -9.71 -6.80 0.24
CA SER A 84 -10.96 -7.43 0.66
C SER A 84 -10.75 -8.23 1.95
N PRO A 85 -11.76 -8.20 2.83
CA PRO A 85 -11.72 -8.92 4.10
C PRO A 85 -11.24 -10.36 3.94
N SER A 86 -10.88 -10.99 5.06
CA SER A 86 -10.41 -12.37 5.04
C SER A 86 -9.22 -12.52 4.09
N GLY A 87 -8.30 -11.57 4.16
CA GLY A 87 -7.13 -11.61 3.30
C GLY A 87 -6.09 -12.59 3.80
N PRO A 88 -4.80 -12.26 3.55
CA PRO A 88 -3.68 -13.10 3.97
C PRO A 88 -3.40 -12.98 5.47
N SER A 89 -3.54 -14.09 6.19
CA SER A 89 -3.30 -14.11 7.62
C SER A 89 -1.90 -14.59 7.94
N SER A 90 -1.16 -13.79 8.70
CA SER A 90 0.21 -14.14 9.08
C SER A 90 0.94 -14.80 7.91
N GLY A 91 0.75 -14.25 6.71
CA GLY A 91 1.40 -14.79 5.53
C GLY A 91 2.20 -13.76 4.78
N GLY A 1 -18.61 1.83 12.35
CA GLY A 1 -17.31 2.10 11.76
C GLY A 1 -16.71 0.87 11.12
N SER A 2 -15.38 0.83 11.04
CA SER A 2 -14.68 -0.30 10.42
C SER A 2 -13.93 -1.11 11.48
N SER A 3 -14.62 -2.06 12.07
CA SER A 3 -14.02 -2.92 13.10
C SER A 3 -13.84 -4.34 12.61
N GLY A 4 -12.74 -4.96 13.00
CA GLY A 4 -12.46 -6.32 12.57
C GLY A 4 -11.77 -6.39 11.22
N SER A 5 -10.45 -6.26 11.22
CA SER A 5 -9.68 -6.29 9.99
C SER A 5 -8.65 -7.42 10.03
N SER A 6 -8.71 -8.30 9.03
CA SER A 6 -7.78 -9.43 8.95
C SER A 6 -6.65 -9.13 7.99
N GLY A 7 -5.44 -9.55 8.34
CA GLY A 7 -4.28 -9.32 7.50
C GLY A 7 -3.97 -7.84 7.34
N GLY A 8 -2.67 -7.52 7.29
CA GLY A 8 -2.26 -6.14 7.15
C GLY A 8 -1.71 -5.84 5.77
N THR A 9 -2.35 -6.38 4.74
CA THR A 9 -1.92 -6.18 3.37
C THR A 9 -2.65 -4.99 2.74
N VAL A 10 -1.89 -4.01 2.28
CA VAL A 10 -2.46 -2.82 1.66
C VAL A 10 -2.00 -2.68 0.20
N LEU A 11 -2.90 -2.21 -0.65
CA LEU A 11 -2.59 -2.04 -2.06
C LEU A 11 -2.11 -0.61 -2.34
N VAL A 12 -1.18 -0.48 -3.28
CA VAL A 12 -0.64 0.82 -3.64
C VAL A 12 -0.30 0.88 -5.13
N SER A 13 -0.79 1.92 -5.79
CA SER A 13 -0.56 2.10 -7.22
C SER A 13 -0.14 3.53 -7.53
N ILE A 14 0.50 3.72 -8.68
CA ILE A 14 0.95 5.05 -9.09
C ILE A 14 0.33 5.45 -10.43
N LYS A 15 -0.38 6.57 -10.42
CA LYS A 15 -1.03 7.06 -11.63
C LYS A 15 -0.05 7.87 -12.48
N SER A 16 0.16 7.43 -13.72
CA SER A 16 1.07 8.11 -14.62
C SER A 16 0.43 8.33 -15.99
N SER A 17 0.66 9.49 -16.58
CA SER A 17 0.10 9.81 -17.89
C SER A 17 0.08 8.58 -18.78
N LEU A 18 1.24 7.98 -19.00
CA LEU A 18 1.35 6.79 -19.83
C LEU A 18 1.29 5.52 -18.99
N PRO A 19 0.70 4.45 -19.56
CA PRO A 19 0.57 3.16 -18.87
C PRO A 19 1.89 2.41 -18.79
N GLU A 20 2.78 2.68 -19.74
CA GLU A 20 4.09 2.03 -19.78
C GLU A 20 5.04 2.69 -18.78
N ASN A 21 4.51 3.58 -17.95
CA ASN A 21 5.32 4.28 -16.96
C ASN A 21 4.83 3.99 -15.55
N ASN A 22 4.02 2.94 -15.41
CA ASN A 22 3.48 2.55 -14.11
C ASN A 22 4.43 1.62 -13.38
N PHE A 23 5.72 1.73 -13.71
CA PHE A 23 6.74 0.90 -13.07
C PHE A 23 7.21 1.52 -11.76
N PHE A 24 7.51 0.66 -10.78
CA PHE A 24 7.96 1.12 -9.48
C PHE A 24 9.47 1.21 -9.43
N ASP A 25 9.99 2.43 -9.43
CA ASP A 25 11.44 2.66 -9.38
C ASP A 25 11.95 2.61 -7.95
N ASP A 26 13.24 2.34 -7.79
CA ASP A 26 13.85 2.27 -6.47
C ASP A 26 13.37 3.42 -5.59
N ALA A 27 13.61 4.64 -6.04
CA ALA A 27 13.20 5.83 -5.29
C ALA A 27 11.78 5.67 -4.76
N LEU A 28 10.84 5.47 -5.67
CA LEU A 28 9.44 5.31 -5.30
C LEU A 28 9.29 4.39 -4.09
N ILE A 29 9.83 3.18 -4.21
CA ILE A 29 9.77 2.21 -3.12
C ILE A 29 10.44 2.75 -1.86
N ASP A 30 11.73 3.02 -1.95
CA ASP A 30 12.48 3.55 -0.82
C ASP A 30 11.69 4.64 -0.10
N GLU A 31 11.51 5.77 -0.78
CA GLU A 31 10.77 6.89 -0.20
C GLU A 31 9.52 6.40 0.51
N LEU A 32 8.68 5.67 -0.22
CA LEU A 32 7.43 5.15 0.35
C LEU A 32 7.67 4.54 1.72
N LEU A 33 8.56 3.55 1.79
CA LEU A 33 8.87 2.89 3.04
C LEU A 33 8.85 3.89 4.21
N GLN A 34 9.67 4.92 4.11
CA GLN A 34 9.74 5.94 5.14
C GLN A 34 8.37 6.56 5.39
N GLN A 35 7.62 6.77 4.32
CA GLN A 35 6.29 7.36 4.42
C GLN A 35 5.35 6.46 5.22
N PHE A 36 5.51 5.15 5.05
CA PHE A 36 4.68 4.17 5.75
C PHE A 36 5.06 4.12 7.23
N ALA A 37 6.34 4.23 7.52
CA ALA A 37 6.83 4.20 8.89
C ALA A 37 6.17 5.29 9.73
N SER A 38 5.90 6.43 9.11
CA SER A 38 5.28 7.55 9.81
C SER A 38 4.07 7.09 10.62
N PHE A 39 3.47 5.97 10.19
CA PHE A 39 2.31 5.43 10.88
C PHE A 39 2.57 4.00 11.35
N GLY A 40 2.79 3.10 10.40
CA GLY A 40 3.05 1.71 10.73
C GLY A 40 4.36 1.22 10.14
N GLU A 41 4.94 0.21 10.79
CA GLU A 41 6.20 -0.36 10.33
C GLU A 41 5.97 -1.47 9.32
N VAL A 42 6.73 -1.45 8.23
CA VAL A 42 6.61 -2.46 7.18
C VAL A 42 7.46 -3.69 7.50
N ILE A 43 6.99 -4.85 7.06
CA ILE A 43 7.71 -6.10 7.29
C ILE A 43 7.90 -6.87 5.99
N LEU A 44 6.85 -6.92 5.18
CA LEU A 44 6.90 -7.64 3.91
C LEU A 44 6.26 -6.81 2.80
N ILE A 45 6.79 -6.92 1.59
CA ILE A 45 6.27 -6.20 0.44
C ILE A 45 6.12 -7.11 -0.77
N ARG A 46 4.94 -7.09 -1.38
CA ARG A 46 4.67 -7.92 -2.55
C ARG A 46 4.29 -7.05 -3.75
N PHE A 47 4.99 -7.25 -4.86
CA PHE A 47 4.72 -6.49 -6.08
C PHE A 47 3.73 -7.21 -6.97
N VAL A 48 2.60 -6.57 -7.25
CA VAL A 48 1.57 -7.16 -8.09
C VAL A 48 1.84 -6.87 -9.57
N GLU A 49 1.27 -7.70 -10.43
CA GLU A 49 1.45 -7.54 -11.87
C GLU A 49 1.54 -6.06 -12.24
N ASP A 50 0.56 -5.28 -11.80
CA ASP A 50 0.52 -3.85 -12.08
C ASP A 50 0.42 -3.05 -10.78
N LYS A 51 -0.13 -3.67 -9.75
CA LYS A 51 -0.28 -3.01 -8.46
C LYS A 51 0.87 -3.38 -7.51
N MET A 52 0.90 -2.72 -6.36
CA MET A 52 1.95 -2.98 -5.37
C MET A 52 1.35 -3.17 -3.98
N TRP A 53 1.49 -4.38 -3.45
CA TRP A 53 0.96 -4.69 -2.12
C TRP A 53 2.03 -4.51 -1.05
N VAL A 54 1.60 -4.15 0.16
CA VAL A 54 2.52 -3.95 1.27
C VAL A 54 1.92 -4.46 2.59
N THR A 55 2.68 -5.29 3.28
CA THR A 55 2.23 -5.85 4.56
C THR A 55 2.74 -5.03 5.73
N PHE A 56 1.98 -5.03 6.82
CA PHE A 56 2.36 -4.28 8.01
C PHE A 56 2.30 -5.17 9.26
N LEU A 57 3.20 -4.93 10.19
CA LEU A 57 3.25 -5.71 11.43
C LEU A 57 1.85 -6.11 11.87
N GLU A 58 1.03 -5.11 12.21
CA GLU A 58 -0.33 -5.36 12.66
C GLU A 58 -1.34 -4.78 11.67
N GLY A 59 -2.60 -5.18 11.80
CA GLY A 59 -3.63 -4.69 10.92
C GLY A 59 -3.89 -3.20 11.09
N SER A 60 -4.17 -2.80 12.32
CA SER A 60 -4.44 -1.40 12.63
C SER A 60 -3.39 -0.50 12.00
N SER A 61 -2.19 -1.04 11.81
CA SER A 61 -1.09 -0.28 11.22
C SER A 61 -1.38 0.05 9.76
N ALA A 62 -2.05 -0.87 9.08
CA ALA A 62 -2.39 -0.68 7.67
C ALA A 62 -3.62 0.21 7.51
N LEU A 63 -4.33 0.43 8.62
CA LEU A 63 -5.52 1.26 8.61
C LEU A 63 -5.17 2.73 8.83
N ASN A 64 -4.01 2.97 9.45
CA ASN A 64 -3.55 4.32 9.72
C ASN A 64 -2.81 4.90 8.52
N VAL A 65 -2.03 4.06 7.86
CA VAL A 65 -1.26 4.47 6.69
C VAL A 65 -2.17 4.98 5.59
N LEU A 66 -3.44 4.57 5.63
CA LEU A 66 -4.42 4.98 4.64
C LEU A 66 -4.41 6.49 4.46
N SER A 67 -3.94 7.21 5.48
CA SER A 67 -3.87 8.66 5.45
C SER A 67 -3.05 9.14 4.24
N LEU A 68 -2.31 8.22 3.64
CA LEU A 68 -1.47 8.54 2.49
C LEU A 68 -2.23 8.27 1.19
N ASN A 69 -3.54 8.03 1.31
CA ASN A 69 -4.36 7.76 0.13
C ASN A 69 -4.40 8.96 -0.80
N GLY A 70 -3.89 8.78 -2.00
CA GLY A 70 -3.87 9.86 -2.98
C GLY A 70 -2.60 10.69 -2.90
N LYS A 71 -1.98 10.71 -1.73
CA LYS A 71 -0.75 11.47 -1.53
C LYS A 71 0.19 11.32 -2.72
N GLU A 72 0.64 12.44 -3.26
CA GLU A 72 1.55 12.44 -4.40
C GLU A 72 3.00 12.54 -3.95
N LEU A 73 3.83 11.62 -4.43
CA LEU A 73 5.25 11.61 -4.06
C LEU A 73 6.12 11.38 -5.30
N LEU A 74 7.35 11.87 -5.24
CA LEU A 74 8.29 11.71 -6.36
C LEU A 74 7.59 11.96 -7.70
N ASN A 75 6.87 13.08 -7.78
CA ASN A 75 6.16 13.43 -9.00
C ASN A 75 5.37 12.24 -9.54
N ARG A 76 4.69 11.54 -8.64
CA ARG A 76 3.89 10.38 -9.02
C ARG A 76 2.73 10.18 -8.05
N THR A 77 1.51 10.44 -8.53
CA THR A 77 0.32 10.28 -7.71
C THR A 77 0.14 8.83 -7.26
N ILE A 78 0.08 8.62 -5.96
CA ILE A 78 -0.09 7.28 -5.40
C ILE A 78 -1.51 7.07 -4.88
N THR A 79 -1.99 5.84 -4.96
CA THR A 79 -3.33 5.51 -4.50
C THR A 79 -3.32 4.26 -3.63
N ILE A 80 -3.63 4.43 -2.34
CA ILE A 80 -3.66 3.32 -1.42
C ILE A 80 -5.08 2.77 -1.24
N ALA A 81 -5.19 1.45 -1.16
CA ALA A 81 -6.50 0.81 -1.00
C ALA A 81 -6.36 -0.49 -0.22
N LEU A 82 -7.27 -0.70 0.73
CA LEU A 82 -7.26 -1.89 1.56
C LEU A 82 -7.71 -3.11 0.75
N LYS A 83 -7.26 -4.30 1.18
CA LYS A 83 -7.61 -5.54 0.50
C LYS A 83 -8.94 -6.08 1.02
N SER A 84 -9.94 -6.14 0.14
CA SER A 84 -11.25 -6.65 0.51
C SER A 84 -11.14 -7.90 1.36
N PRO A 85 -12.17 -8.18 2.16
CA PRO A 85 -12.21 -9.36 3.04
C PRO A 85 -11.77 -10.62 2.32
N SER A 86 -10.61 -11.14 2.72
CA SER A 86 -10.07 -12.35 2.11
C SER A 86 -10.53 -13.59 2.87
N GLY A 87 -10.33 -13.58 4.18
CA GLY A 87 -10.73 -14.71 5.00
C GLY A 87 -10.31 -14.56 6.45
N PRO A 88 -11.22 -14.05 7.29
CA PRO A 88 -10.96 -13.84 8.72
C PRO A 88 -11.02 -15.14 9.50
N SER A 89 -10.45 -16.21 8.94
CA SER A 89 -10.43 -17.50 9.60
C SER A 89 -9.04 -17.85 10.09
N SER A 90 -8.08 -17.92 9.17
CA SER A 90 -6.71 -18.24 9.52
C SER A 90 -5.79 -17.05 9.25
N GLY A 91 -5.04 -16.67 10.27
CA GLY A 91 -4.12 -15.54 10.14
C GLY A 91 -4.60 -14.32 10.90
N GLY A 1 -10.35 -15.50 13.76
CA GLY A 1 -9.01 -14.96 13.66
C GLY A 1 -8.98 -13.52 13.17
N SER A 2 -9.42 -12.61 14.03
CA SER A 2 -9.45 -11.19 13.68
C SER A 2 -8.06 -10.60 13.66
N SER A 3 -7.63 -10.17 12.46
CA SER A 3 -6.30 -9.59 12.30
C SER A 3 -6.38 -8.27 11.54
N GLY A 4 -7.17 -8.26 10.47
CA GLY A 4 -7.31 -7.06 9.67
C GLY A 4 -7.76 -7.35 8.26
N SER A 5 -6.88 -7.13 7.29
CA SER A 5 -7.20 -7.37 5.89
C SER A 5 -6.15 -8.27 5.24
N SER A 6 -6.58 -9.46 4.82
CA SER A 6 -5.68 -10.42 4.19
C SER A 6 -4.30 -10.35 4.81
N GLY A 7 -4.25 -10.19 6.13
CA GLY A 7 -2.97 -10.12 6.83
C GLY A 7 -2.34 -8.74 6.73
N GLY A 8 -3.13 -7.70 7.04
CA GLY A 8 -2.61 -6.35 6.98
C GLY A 8 -2.00 -6.02 5.64
N THR A 9 -2.60 -6.53 4.58
CA THR A 9 -2.10 -6.29 3.22
C THR A 9 -2.86 -5.14 2.56
N VAL A 10 -2.11 -4.10 2.19
CA VAL A 10 -2.71 -2.93 1.54
C VAL A 10 -2.20 -2.78 0.10
N LEU A 11 -3.08 -2.34 -0.78
CA LEU A 11 -2.72 -2.14 -2.19
C LEU A 11 -2.23 -0.72 -2.43
N VAL A 12 -1.22 -0.59 -3.29
CA VAL A 12 -0.67 0.72 -3.61
C VAL A 12 -0.40 0.85 -5.10
N SER A 13 -0.89 1.94 -5.70
CA SER A 13 -0.71 2.18 -7.13
C SER A 13 -0.25 3.61 -7.38
N ILE A 14 0.36 3.83 -8.54
CA ILE A 14 0.84 5.15 -8.91
C ILE A 14 0.18 5.65 -10.19
N LYS A 15 0.04 6.96 -10.31
CA LYS A 15 -0.58 7.56 -11.49
C LYS A 15 0.45 7.79 -12.59
N SER A 16 0.41 6.94 -13.61
CA SER A 16 1.35 7.05 -14.73
C SER A 16 0.64 6.77 -16.05
N SER A 17 0.95 7.58 -17.06
CA SER A 17 0.35 7.43 -18.37
C SER A 17 0.91 6.21 -19.09
N LEU A 18 2.23 6.20 -19.27
CA LEU A 18 2.90 5.08 -19.94
C LEU A 18 3.00 3.88 -19.02
N PRO A 19 3.00 2.67 -19.63
CA PRO A 19 3.09 1.41 -18.88
C PRO A 19 4.50 1.16 -18.35
N GLU A 20 5.50 1.64 -19.08
CA GLU A 20 6.90 1.47 -18.69
C GLU A 20 7.20 2.23 -17.40
N ASN A 21 6.23 3.01 -16.94
CA ASN A 21 6.39 3.80 -15.72
C ASN A 21 5.55 3.22 -14.59
N ASN A 22 4.50 2.47 -14.95
CA ASN A 22 3.62 1.86 -13.97
C ASN A 22 4.43 1.04 -12.95
N PHE A 23 5.65 0.68 -13.33
CA PHE A 23 6.52 -0.10 -12.46
C PHE A 23 7.18 0.79 -11.41
N PHE A 24 7.22 0.30 -10.18
CA PHE A 24 7.82 1.05 -9.08
C PHE A 24 9.35 0.93 -9.10
N ASP A 25 10.02 2.07 -9.03
CA ASP A 25 11.48 2.11 -9.05
C ASP A 25 12.04 2.17 -7.63
N ASP A 26 13.35 2.05 -7.52
CA ASP A 26 14.02 2.09 -6.22
C ASP A 26 13.62 3.36 -5.45
N ALA A 27 13.47 4.46 -6.18
CA ALA A 27 13.09 5.73 -5.57
C ALA A 27 11.65 5.69 -5.05
N LEU A 28 10.74 5.24 -5.90
CA LEU A 28 9.33 5.15 -5.52
C LEU A 28 9.15 4.24 -4.31
N ILE A 29 9.82 3.08 -4.33
CA ILE A 29 9.73 2.13 -3.24
C ILE A 29 10.42 2.67 -1.99
N ASP A 30 11.72 2.94 -2.11
CA ASP A 30 12.49 3.46 -0.99
C ASP A 30 11.70 4.51 -0.22
N GLU A 31 11.41 5.62 -0.87
CA GLU A 31 10.65 6.71 -0.26
C GLU A 31 9.41 6.17 0.47
N LEU A 32 8.58 5.46 -0.27
CA LEU A 32 7.36 4.88 0.30
C LEU A 32 7.63 4.29 1.67
N LEU A 33 8.61 3.39 1.75
CA LEU A 33 8.97 2.76 3.00
C LEU A 33 8.93 3.75 4.16
N GLN A 34 9.71 4.82 4.03
CA GLN A 34 9.75 5.85 5.07
C GLN A 34 8.38 6.45 5.29
N GLN A 35 7.66 6.72 4.21
CA GLN A 35 6.33 7.30 4.30
C GLN A 35 5.40 6.41 5.12
N PHE A 36 5.53 5.10 4.94
CA PHE A 36 4.70 4.14 5.66
C PHE A 36 5.07 4.10 7.13
N ALA A 37 6.36 4.24 7.43
CA ALA A 37 6.84 4.22 8.81
C ALA A 37 6.15 5.30 9.63
N SER A 38 5.87 6.44 9.01
CA SER A 38 5.21 7.55 9.69
C SER A 38 4.04 7.05 10.54
N PHE A 39 3.44 5.94 10.11
CA PHE A 39 2.31 5.36 10.83
C PHE A 39 2.61 3.92 11.25
N GLY A 40 2.89 3.07 10.27
CA GLY A 40 3.19 1.69 10.55
C GLY A 40 4.53 1.25 9.98
N GLU A 41 5.26 0.45 10.75
CA GLU A 41 6.56 -0.03 10.31
C GLU A 41 6.42 -1.25 9.39
N VAL A 42 6.51 -1.02 8.10
CA VAL A 42 6.38 -2.09 7.12
C VAL A 42 7.30 -3.26 7.46
N ILE A 43 6.83 -4.47 7.20
CA ILE A 43 7.61 -5.67 7.49
C ILE A 43 7.86 -6.48 6.22
N LEU A 44 6.84 -6.56 5.37
CA LEU A 44 6.95 -7.30 4.12
C LEU A 44 6.24 -6.56 2.98
N ILE A 45 6.75 -6.73 1.76
CA ILE A 45 6.16 -6.08 0.60
C ILE A 45 6.09 -7.04 -0.59
N ARG A 46 5.04 -6.90 -1.38
CA ARG A 46 4.85 -7.76 -2.55
C ARG A 46 4.43 -6.93 -3.77
N PHE A 47 5.20 -7.05 -4.85
CA PHE A 47 4.90 -6.33 -6.07
C PHE A 47 3.93 -7.11 -6.95
N VAL A 48 2.78 -6.50 -7.25
CA VAL A 48 1.78 -7.15 -8.08
C VAL A 48 2.03 -6.87 -9.56
N GLU A 49 1.50 -7.74 -10.42
CA GLU A 49 1.67 -7.58 -11.86
C GLU A 49 1.69 -6.10 -12.24
N ASP A 50 0.66 -5.38 -11.82
CA ASP A 50 0.56 -3.95 -12.13
C ASP A 50 0.41 -3.13 -10.86
N LYS A 51 -0.05 -3.78 -9.79
CA LYS A 51 -0.23 -3.12 -8.51
C LYS A 51 0.93 -3.41 -7.57
N MET A 52 0.94 -2.74 -6.41
CA MET A 52 2.00 -2.93 -5.44
C MET A 52 1.42 -3.14 -4.04
N TRP A 53 1.52 -4.36 -3.53
CA TRP A 53 1.01 -4.69 -2.21
C TRP A 53 2.06 -4.46 -1.14
N VAL A 54 1.63 -3.98 0.02
CA VAL A 54 2.53 -3.71 1.13
C VAL A 54 1.96 -4.22 2.45
N THR A 55 2.71 -5.09 3.11
CA THR A 55 2.28 -5.66 4.39
C THR A 55 2.77 -4.81 5.56
N PHE A 56 2.03 -4.87 6.66
CA PHE A 56 2.39 -4.10 7.85
C PHE A 56 2.40 -5.00 9.08
N LEU A 57 3.16 -4.60 10.10
CA LEU A 57 3.26 -5.36 11.34
C LEU A 57 1.91 -5.95 11.72
N GLU A 58 0.92 -5.08 11.86
CA GLU A 58 -0.42 -5.52 12.23
C GLU A 58 -1.48 -4.81 11.38
N GLY A 59 -2.70 -5.32 11.41
CA GLY A 59 -3.78 -4.73 10.64
C GLY A 59 -3.93 -3.25 10.90
N SER A 60 -4.08 -2.89 12.18
CA SER A 60 -4.23 -1.49 12.57
C SER A 60 -3.22 -0.61 11.86
N SER A 61 -1.97 -1.07 11.81
CA SER A 61 -0.90 -0.31 11.16
C SER A 61 -1.27 0.01 9.71
N ALA A 62 -2.02 -0.89 9.09
CA ALA A 62 -2.44 -0.70 7.70
C ALA A 62 -3.68 0.18 7.62
N LEU A 63 -4.32 0.39 8.77
CA LEU A 63 -5.52 1.22 8.82
C LEU A 63 -5.16 2.69 8.97
N ASN A 64 -4.01 2.96 9.59
CA ASN A 64 -3.55 4.33 9.80
C ASN A 64 -2.79 4.83 8.57
N VAL A 65 -2.08 3.94 7.90
CA VAL A 65 -1.32 4.29 6.71
C VAL A 65 -2.22 4.77 5.60
N LEU A 66 -3.50 4.41 5.68
CA LEU A 66 -4.48 4.81 4.67
C LEU A 66 -4.46 6.32 4.46
N SER A 67 -4.04 7.05 5.49
CA SER A 67 -3.97 8.51 5.41
C SER A 67 -3.09 8.94 4.24
N LEU A 68 -2.22 8.05 3.79
CA LEU A 68 -1.33 8.34 2.68
C LEU A 68 -2.04 8.15 1.34
N ASN A 69 -3.32 7.85 1.40
CA ASN A 69 -4.13 7.64 0.19
C ASN A 69 -4.20 8.92 -0.64
N GLY A 70 -3.76 8.83 -1.89
CA GLY A 70 -3.79 10.00 -2.77
C GLY A 70 -2.53 10.82 -2.67
N LYS A 71 -1.86 10.75 -1.52
CA LYS A 71 -0.63 11.51 -1.31
C LYS A 71 0.27 11.44 -2.54
N GLU A 72 0.69 12.60 -3.02
CA GLU A 72 1.55 12.68 -4.19
C GLU A 72 3.03 12.73 -3.77
N LEU A 73 3.83 11.89 -4.39
CA LEU A 73 5.27 11.83 -4.09
C LEU A 73 6.08 11.61 -5.36
N LEU A 74 7.32 12.09 -5.35
CA LEU A 74 8.21 11.94 -6.50
C LEU A 74 7.45 12.20 -7.80
N ASN A 75 6.72 13.30 -7.85
CA ASN A 75 5.96 13.65 -9.04
C ASN A 75 5.15 12.46 -9.54
N ARG A 76 4.56 11.71 -8.61
CA ARG A 76 3.76 10.55 -8.97
C ARG A 76 2.64 10.33 -7.95
N THR A 77 1.42 10.66 -8.34
CA THR A 77 0.26 10.51 -7.46
C THR A 77 0.04 9.04 -7.11
N ILE A 78 0.07 8.73 -5.81
CA ILE A 78 -0.14 7.37 -5.34
C ILE A 78 -1.55 7.18 -4.80
N THR A 79 -2.04 5.95 -4.87
CA THR A 79 -3.37 5.64 -4.38
C THR A 79 -3.38 4.34 -3.58
N ILE A 80 -3.73 4.43 -2.30
CA ILE A 80 -3.77 3.27 -1.43
C ILE A 80 -5.20 2.76 -1.26
N ALA A 81 -5.35 1.45 -1.18
CA ALA A 81 -6.66 0.83 -1.01
C ALA A 81 -6.55 -0.53 -0.34
N LEU A 82 -7.34 -0.73 0.72
CA LEU A 82 -7.33 -1.99 1.44
C LEU A 82 -7.78 -3.14 0.56
N LYS A 83 -7.41 -4.36 0.92
CA LYS A 83 -7.78 -5.55 0.17
C LYS A 83 -9.11 -6.11 0.65
N SER A 84 -9.93 -6.55 -0.29
CA SER A 84 -11.24 -7.12 0.03
C SER A 84 -11.22 -8.64 -0.09
N PRO A 85 -11.04 -9.32 1.05
CA PRO A 85 -11.01 -10.79 1.10
C PRO A 85 -12.39 -11.41 0.95
N SER A 86 -13.41 -10.56 0.93
CA SER A 86 -14.78 -11.02 0.80
C SER A 86 -14.88 -12.17 -0.20
N GLY A 87 -15.49 -13.28 0.22
CA GLY A 87 -15.63 -14.43 -0.65
C GLY A 87 -16.52 -15.50 -0.05
N PRO A 88 -16.48 -16.70 -0.63
CA PRO A 88 -17.29 -17.84 -0.17
C PRO A 88 -16.68 -18.51 1.05
N SER A 89 -15.83 -17.79 1.76
CA SER A 89 -15.19 -18.32 2.96
C SER A 89 -16.23 -18.79 3.97
N SER A 90 -17.21 -17.93 4.24
CA SER A 90 -18.26 -18.26 5.19
C SER A 90 -18.79 -19.67 4.97
N GLY A 91 -19.06 -20.00 3.71
CA GLY A 91 -19.57 -21.32 3.38
C GLY A 91 -21.06 -21.44 3.63
N GLY A 1 -20.57 -10.36 3.74
CA GLY A 1 -19.75 -11.34 4.43
C GLY A 1 -18.55 -10.72 5.11
N SER A 2 -18.55 -10.71 6.44
CA SER A 2 -17.46 -10.13 7.20
C SER A 2 -16.44 -11.20 7.59
N SER A 3 -15.37 -11.29 6.80
CA SER A 3 -14.31 -12.27 7.06
C SER A 3 -13.10 -11.62 7.71
N GLY A 4 -12.79 -12.06 8.92
CA GLY A 4 -11.66 -11.51 9.65
C GLY A 4 -10.34 -12.07 9.16
N SER A 5 -9.52 -11.23 8.54
CA SER A 5 -8.22 -11.66 8.03
C SER A 5 -7.09 -11.07 8.87
N SER A 6 -5.92 -11.70 8.79
CA SER A 6 -4.76 -11.25 9.55
C SER A 6 -3.58 -10.95 8.61
N GLY A 7 -2.80 -9.95 8.98
CA GLY A 7 -1.65 -9.57 8.17
C GLY A 7 -1.54 -8.07 7.99
N GLY A 8 -2.48 -7.48 7.25
CA GLY A 8 -2.45 -6.05 7.02
C GLY A 8 -1.87 -5.69 5.67
N THR A 9 -2.34 -6.38 4.63
CA THR A 9 -1.86 -6.13 3.27
C THR A 9 -2.61 -4.95 2.64
N VAL A 10 -1.85 -3.94 2.23
CA VAL A 10 -2.45 -2.76 1.61
C VAL A 10 -2.00 -2.63 0.15
N LEU A 11 -2.91 -2.19 -0.70
CA LEU A 11 -2.61 -2.02 -2.13
C LEU A 11 -2.12 -0.60 -2.41
N VAL A 12 -1.16 -0.49 -3.32
CA VAL A 12 -0.61 0.82 -3.68
C VAL A 12 -0.36 0.90 -5.18
N SER A 13 -0.83 1.99 -5.79
CA SER A 13 -0.66 2.20 -7.23
C SER A 13 -0.15 3.60 -7.53
N ILE A 14 0.58 3.74 -8.63
CA ILE A 14 1.13 5.03 -9.02
C ILE A 14 0.60 5.46 -10.39
N LYS A 15 -0.06 6.62 -10.42
CA LYS A 15 -0.61 7.14 -11.66
C LYS A 15 0.48 7.76 -12.53
N SER A 16 0.70 7.19 -13.71
CA SER A 16 1.71 7.68 -14.63
C SER A 16 1.16 7.81 -16.05
N SER A 17 1.52 8.88 -16.73
CA SER A 17 1.05 9.13 -18.09
C SER A 17 0.97 7.81 -18.87
N LEU A 18 2.08 7.10 -18.93
CA LEU A 18 2.14 5.83 -19.65
C LEU A 18 1.99 4.66 -18.69
N PRO A 19 1.50 3.52 -19.21
CA PRO A 19 1.30 2.31 -18.41
C PRO A 19 2.60 1.56 -18.16
N GLU A 20 3.49 1.61 -19.14
CA GLU A 20 4.79 0.94 -19.03
C GLU A 20 5.58 1.47 -17.84
N ASN A 21 5.09 2.56 -17.25
CA ASN A 21 5.76 3.18 -16.11
C ASN A 21 5.01 2.88 -14.82
N ASN A 22 4.10 1.91 -14.88
CA ASN A 22 3.31 1.52 -13.72
C ASN A 22 4.20 0.87 -12.65
N PHE A 23 5.32 0.32 -13.08
CA PHE A 23 6.25 -0.33 -12.17
C PHE A 23 6.87 0.68 -11.21
N PHE A 24 7.22 0.21 -10.01
CA PHE A 24 7.82 1.08 -9.00
C PHE A 24 9.35 0.97 -9.02
N ASP A 25 10.02 2.12 -9.04
CA ASP A 25 11.47 2.15 -9.07
C ASP A 25 12.04 2.17 -7.66
N ASP A 26 13.35 1.96 -7.55
CA ASP A 26 14.02 1.96 -6.25
C ASP A 26 13.63 3.19 -5.43
N ALA A 27 13.65 4.35 -6.08
CA ALA A 27 13.30 5.59 -5.41
C ALA A 27 11.86 5.56 -4.91
N LEU A 28 10.92 5.35 -5.83
CA LEU A 28 9.51 5.30 -5.48
C LEU A 28 9.28 4.40 -4.28
N ILE A 29 9.87 3.21 -4.31
CA ILE A 29 9.73 2.26 -3.22
C ILE A 29 10.40 2.78 -1.94
N ASP A 30 11.71 2.95 -1.99
CA ASP A 30 12.47 3.44 -0.85
C ASP A 30 11.70 4.54 -0.13
N GLU A 31 11.44 5.64 -0.83
CA GLU A 31 10.71 6.76 -0.26
C GLU A 31 9.45 6.29 0.46
N LEU A 32 8.58 5.60 -0.26
CA LEU A 32 7.34 5.08 0.30
C LEU A 32 7.57 4.51 1.69
N LEU A 33 8.48 3.55 1.78
CA LEU A 33 8.79 2.91 3.06
C LEU A 33 8.75 3.93 4.20
N GLN A 34 9.54 4.98 4.08
CA GLN A 34 9.57 6.03 5.10
C GLN A 34 8.18 6.58 5.36
N GLN A 35 7.43 6.81 4.28
CA GLN A 35 6.07 7.35 4.40
C GLN A 35 5.18 6.40 5.20
N PHE A 36 5.36 5.10 4.99
CA PHE A 36 4.57 4.10 5.68
C PHE A 36 4.97 4.01 7.14
N ALA A 37 6.26 4.20 7.41
CA ALA A 37 6.78 4.15 8.77
C ALA A 37 6.12 5.20 9.65
N SER A 38 5.81 6.35 9.07
CA SER A 38 5.18 7.44 9.80
C SER A 38 4.00 6.93 10.63
N PHE A 39 3.44 5.79 10.22
CA PHE A 39 2.31 5.20 10.92
C PHE A 39 2.62 3.75 11.30
N GLY A 40 2.96 2.94 10.31
CA GLY A 40 3.27 1.54 10.55
C GLY A 40 4.60 1.13 9.98
N GLU A 41 5.33 0.29 10.71
CA GLU A 41 6.64 -0.17 10.26
C GLU A 41 6.50 -1.36 9.32
N VAL A 42 6.61 -1.09 8.02
CA VAL A 42 6.49 -2.14 7.01
C VAL A 42 7.44 -3.29 7.30
N ILE A 43 7.02 -4.50 6.96
CA ILE A 43 7.84 -5.69 7.19
C ILE A 43 8.04 -6.48 5.89
N LEU A 44 6.99 -6.52 5.08
CA LEU A 44 7.05 -7.24 3.81
C LEU A 44 6.33 -6.46 2.71
N ILE A 45 6.83 -6.58 1.49
CA ILE A 45 6.23 -5.89 0.35
C ILE A 45 6.14 -6.81 -0.87
N ARG A 46 4.95 -6.87 -1.46
CA ARG A 46 4.73 -7.72 -2.63
C ARG A 46 4.30 -6.88 -3.83
N PHE A 47 5.04 -7.01 -4.92
CA PHE A 47 4.74 -6.26 -6.14
C PHE A 47 3.80 -7.04 -7.05
N VAL A 48 2.64 -6.48 -7.32
CA VAL A 48 1.64 -7.12 -8.17
C VAL A 48 1.91 -6.82 -9.64
N GLU A 49 1.41 -7.69 -10.52
CA GLU A 49 1.59 -7.52 -11.96
C GLU A 49 1.61 -6.03 -12.32
N ASP A 50 0.61 -5.30 -11.86
CA ASP A 50 0.51 -3.87 -12.14
C ASP A 50 0.38 -3.07 -10.85
N LYS A 51 -0.15 -3.71 -9.80
CA LYS A 51 -0.32 -3.06 -8.52
C LYS A 51 0.85 -3.38 -7.58
N MET A 52 0.87 -2.73 -6.42
CA MET A 52 1.93 -2.95 -5.44
C MET A 52 1.34 -3.09 -4.05
N TRP A 53 1.42 -4.31 -3.50
CA TRP A 53 0.90 -4.59 -2.17
C TRP A 53 1.97 -4.35 -1.11
N VAL A 54 1.54 -4.01 0.10
CA VAL A 54 2.46 -3.76 1.20
C VAL A 54 1.92 -4.31 2.51
N THR A 55 2.70 -5.17 3.15
CA THR A 55 2.28 -5.78 4.42
C THR A 55 2.75 -4.94 5.61
N PHE A 56 1.99 -4.98 6.69
CA PHE A 56 2.33 -4.24 7.89
C PHE A 56 2.30 -5.12 9.12
N LEU A 57 3.12 -4.79 10.11
CA LEU A 57 3.20 -5.56 11.34
C LEU A 57 1.82 -6.07 11.75
N GLU A 58 0.89 -5.14 11.97
CA GLU A 58 -0.47 -5.51 12.36
C GLU A 58 -1.49 -4.79 11.49
N GLY A 59 -2.73 -5.29 11.51
CA GLY A 59 -3.78 -4.68 10.72
C GLY A 59 -3.95 -3.20 11.00
N SER A 60 -4.20 -2.87 12.26
CA SER A 60 -4.39 -1.49 12.68
C SER A 60 -3.41 -0.57 11.93
N SER A 61 -2.14 -0.95 11.93
CA SER A 61 -1.11 -0.16 11.27
C SER A 61 -1.48 0.11 9.81
N ALA A 62 -2.07 -0.90 9.17
CA ALA A 62 -2.48 -0.77 7.78
C ALA A 62 -3.73 0.11 7.65
N LEU A 63 -4.38 0.36 8.77
CA LEU A 63 -5.59 1.19 8.77
C LEU A 63 -5.24 2.66 8.97
N ASN A 64 -4.07 2.91 9.52
CA ASN A 64 -3.61 4.28 9.76
C ASN A 64 -2.86 4.83 8.54
N VAL A 65 -1.97 4.01 7.98
CA VAL A 65 -1.19 4.40 6.82
C VAL A 65 -2.10 4.90 5.70
N LEU A 66 -3.36 4.50 5.74
CA LEU A 66 -4.32 4.91 4.73
C LEU A 66 -4.27 6.42 4.51
N SER A 67 -3.86 7.14 5.55
CA SER A 67 -3.77 8.59 5.47
C SER A 67 -2.95 9.03 4.26
N LEU A 68 -2.20 8.09 3.69
CA LEU A 68 -1.37 8.37 2.53
C LEU A 68 -2.13 8.08 1.24
N ASN A 69 -3.45 7.96 1.34
CA ASN A 69 -4.29 7.69 0.18
C ASN A 69 -4.35 8.90 -0.75
N GLY A 70 -3.89 8.72 -1.98
CA GLY A 70 -3.89 9.80 -2.95
C GLY A 70 -2.64 10.64 -2.88
N LYS A 71 -2.04 10.70 -1.70
CA LYS A 71 -0.83 11.49 -1.49
C LYS A 71 0.10 11.39 -2.71
N GLU A 72 0.51 12.54 -3.23
CA GLU A 72 1.39 12.57 -4.40
C GLU A 72 2.84 12.76 -3.97
N LEU A 73 3.70 11.82 -4.38
CA LEU A 73 5.11 11.88 -4.03
C LEU A 73 5.98 11.62 -5.26
N LEU A 74 7.21 12.10 -5.21
CA LEU A 74 8.15 11.91 -6.32
C LEU A 74 7.45 12.15 -7.66
N ASN A 75 6.73 13.26 -7.77
CA ASN A 75 6.02 13.59 -8.99
C ASN A 75 5.22 12.40 -9.51
N ARG A 76 4.63 11.65 -8.58
CA ARG A 76 3.85 10.46 -8.94
C ARG A 76 2.69 10.27 -7.97
N THR A 77 1.47 10.46 -8.47
CA THR A 77 0.28 10.30 -7.65
C THR A 77 0.11 8.86 -7.19
N ILE A 78 0.11 8.66 -5.88
CA ILE A 78 -0.05 7.33 -5.31
C ILE A 78 -1.46 7.11 -4.79
N THR A 79 -1.95 5.88 -4.91
CA THR A 79 -3.29 5.53 -4.46
C THR A 79 -3.27 4.29 -3.59
N ILE A 80 -3.53 4.47 -2.30
CA ILE A 80 -3.54 3.36 -1.36
C ILE A 80 -4.96 2.85 -1.13
N ALA A 81 -5.12 1.53 -1.11
CA ALA A 81 -6.43 0.92 -0.90
C ALA A 81 -6.30 -0.41 -0.17
N LEU A 82 -7.15 -0.61 0.83
CA LEU A 82 -7.13 -1.84 1.62
C LEU A 82 -7.50 -3.04 0.76
N LYS A 83 -7.05 -4.22 1.17
CA LYS A 83 -7.34 -5.45 0.44
C LYS A 83 -8.58 -6.14 1.00
N SER A 84 -8.44 -6.70 2.20
CA SER A 84 -9.55 -7.40 2.85
C SER A 84 -10.86 -6.62 2.67
N PRO A 85 -11.96 -7.37 2.56
CA PRO A 85 -13.30 -6.77 2.39
C PRO A 85 -13.54 -5.60 3.34
N SER A 86 -13.27 -5.83 4.63
CA SER A 86 -13.46 -4.80 5.64
C SER A 86 -12.66 -5.13 6.91
N GLY A 87 -11.79 -4.21 7.30
CA GLY A 87 -10.98 -4.41 8.48
C GLY A 87 -11.79 -4.91 9.66
N PRO A 88 -11.17 -5.75 10.50
CA PRO A 88 -11.84 -6.32 11.68
C PRO A 88 -11.91 -5.32 12.83
N SER A 89 -13.08 -4.71 13.00
CA SER A 89 -13.29 -3.73 14.06
C SER A 89 -14.53 -4.08 14.88
N SER A 90 -14.46 -3.80 16.17
CA SER A 90 -15.58 -4.08 17.08
C SER A 90 -16.58 -2.93 17.08
N GLY A 91 -16.07 -1.71 17.20
CA GLY A 91 -16.93 -0.54 17.20
C GLY A 91 -17.04 0.08 18.59
#